data_3T3R
#
_entry.id   3T3R
#
_cell.length_a   70.336
_cell.length_b   158.005
_cell.length_c   104.453
_cell.angle_alpha   90.00
_cell.angle_beta   92.10
_cell.angle_gamma   90.00
#
_symmetry.space_group_name_H-M   'P 1 21 1'
#
loop_
_entity.id
_entity.type
_entity.pdbx_description
1 polymer 'Cytochrome P450 2A6'
2 non-polymer 'PROTOPORPHYRIN IX CONTAINING FE'
3 non-polymer (3S,4R)-3-ethyl-4-[(1-methyl-1H-imidazol-5-yl)methyl]dihydrofuran-2(3H)-one
4 water water
#
_entity_poly.entity_id   1
_entity_poly.type   'polypeptide(L)'
_entity_poly.pdbx_seq_one_letter_code
;MAKKTSSKGKLPPGPTPLPFIGNYLQLNTEQMYNSLMKISERYGPVFTIHLGPRRVVVLCGHDAVREALVDQAEEFSGRG
EQATFDWVFKGYGVVFSNGERAKQLRRFSIATLRDFGVGKRGIEERIQEEAGFLIDALRGTGGANIDPTFFLSRTVSNVI
SSIVFGDRFDYKDKEFLSLLRMMLGIFQFTSTSTGQLYEMFSSVMKHLPGPQQQAFQLLQGLEDFIAKKVEHNQRTLDPN
SPRDFIDSFLIRMQEEEKNPNTEFYLKNLVMTTLNLFIGGTETVSTTLRYGFLLLMKHPEVEAKVHEEIDRVIGKNRQPK
FEDRAKMPYMEAVIHEIQRFGDVIPMSLARRVKKDTKFRDFFLPKGTEVYPMLGSVLRDPSFFSNPQDFNPQHFLNEKGQ
FKKSDAFVPFSIGKRNCFGEGLARMELFLFFTTVMQNFRLKSSQSPKDIDVSPKHVGFATIPRNYTMSFLPRHHHH
;
_entity_poly.pdbx_strand_id   A,B,C,D
#
loop_
_chem_comp.id
_chem_comp.type
_chem_comp.name
_chem_comp.formula
9PL non-polymer (3S,4R)-3-ethyl-4-[(1-methyl-1H-imidazol-5-yl)methyl]dihydrofuran-2(3H)-one 'C11 H16 N2 O2'
HEM non-polymer 'PROTOPORPHYRIN IX CONTAINING FE' 'C34 H32 Fe N4 O4'
#
# COMPACT_ATOMS: atom_id res chain seq x y z
N LYS A 10 0.45 3.85 -63.76
CA LYS A 10 1.19 2.86 -62.94
C LYS A 10 1.38 3.33 -61.48
N LEU A 11 1.71 4.60 -61.28
CA LEU A 11 1.58 5.23 -59.93
C LEU A 11 0.09 5.26 -59.50
N PRO A 12 -0.18 5.18 -58.19
CA PRO A 12 -1.56 5.26 -57.71
C PRO A 12 -2.31 6.46 -58.29
N PRO A 13 -3.65 6.36 -58.37
CA PRO A 13 -4.39 7.51 -58.90
C PRO A 13 -4.30 8.71 -57.95
N GLY A 14 -4.53 9.90 -58.46
CA GLY A 14 -4.60 11.11 -57.65
C GLY A 14 -4.98 12.27 -58.53
N PRO A 15 -5.35 13.41 -57.92
CA PRO A 15 -5.75 14.61 -58.70
C PRO A 15 -4.61 15.17 -59.54
N THR A 16 -4.93 15.72 -60.72
CA THR A 16 -3.92 16.23 -61.63
C THR A 16 -3.22 17.44 -61.01
N PRO A 17 -1.88 17.40 -60.96
CA PRO A 17 -1.10 18.50 -60.38
C PRO A 17 -0.79 19.59 -61.42
N LEU A 18 -0.47 20.80 -60.96
CA LEU A 18 0.09 21.82 -61.85
C LEU A 18 1.60 21.90 -61.67
N PRO A 19 2.31 22.33 -62.73
CA PRO A 19 3.76 22.45 -62.59
C PRO A 19 4.20 23.29 -61.37
N PHE A 20 5.15 22.74 -60.62
CA PHE A 20 5.74 23.31 -59.41
C PHE A 20 4.83 23.35 -58.17
N ILE A 21 3.66 23.95 -58.29
CA ILE A 21 2.77 24.04 -57.16
C ILE A 21 2.12 22.69 -56.80
N GLY A 22 2.14 21.75 -57.76
CA GLY A 22 1.63 20.40 -57.53
C GLY A 22 0.14 20.40 -57.31
N ASN A 23 -0.27 19.86 -56.17
CA ASN A 23 -1.68 19.77 -55.80
C ASN A 23 -2.16 20.82 -54.80
N TYR A 24 -1.48 21.97 -54.80
CA TYR A 24 -1.81 23.17 -53.99
C TYR A 24 -3.29 23.49 -53.96
N LEU A 25 -3.93 23.50 -55.13
CA LEU A 25 -5.35 23.81 -55.28
C LEU A 25 -6.35 22.80 -54.67
N GLN A 26 -5.87 21.60 -54.37
CA GLN A 26 -6.70 20.61 -53.72
C GLN A 26 -6.43 20.51 -52.21
N LEU A 27 -5.43 21.23 -51.73
CA LEU A 27 -5.04 21.15 -50.31
C LEU A 27 -5.28 22.44 -49.52
N ASN A 28 -5.86 22.29 -48.34
CA ASN A 28 -5.95 23.36 -47.33
C ASN A 28 -4.84 23.08 -46.30
N THR A 29 -3.74 23.81 -46.39
CA THR A 29 -2.57 23.62 -45.50
C THR A 29 -2.83 23.83 -44.00
N GLU A 30 -3.95 24.44 -43.66
CA GLU A 30 -4.41 24.52 -42.27
C GLU A 30 -5.03 23.20 -41.79
N GLN A 31 -5.47 22.37 -42.74
CA GLN A 31 -6.01 21.07 -42.42
CA GLN A 31 -5.98 21.04 -42.46
C GLN A 31 -5.52 19.99 -43.48
N MET A 32 -4.22 19.70 -43.44
CA MET A 32 -3.60 18.69 -44.30
C MET A 32 -4.25 17.33 -44.14
N TYR A 33 -4.47 16.90 -42.90
CA TYR A 33 -5.09 15.61 -42.66
C TYR A 33 -6.48 15.54 -43.29
N ASN A 34 -7.31 16.55 -43.05
CA ASN A 34 -8.66 16.58 -43.63
C ASN A 34 -8.63 16.67 -45.16
N SER A 35 -7.74 17.48 -45.71
CA SER A 35 -7.59 17.61 -47.16
C SER A 35 -7.23 16.29 -47.83
N LEU A 36 -6.27 15.59 -47.24
CA LEU A 36 -5.83 14.28 -47.73
C LEU A 36 -6.95 13.24 -47.60
N MET A 37 -7.70 13.29 -46.49
CA MET A 37 -8.82 12.39 -46.29
C MET A 37 -9.93 12.68 -47.27
N LYS A 38 -10.13 13.95 -47.57
CA LYS A 38 -11.12 14.37 -48.53
C LYS A 38 -10.73 13.85 -49.94
N ILE A 39 -9.43 13.90 -50.24
CA ILE A 39 -8.92 13.33 -51.51
C ILE A 39 -9.02 11.80 -51.53
N SER A 40 -8.72 11.15 -50.41
CA SER A 40 -8.88 9.67 -50.33
C SER A 40 -10.33 9.16 -50.53
N GLU A 41 -11.32 9.93 -50.06
CA GLU A 41 -12.75 9.65 -50.34
C GLU A 41 -13.08 9.62 -51.84
N ARG A 42 -12.33 10.38 -52.64
CA ARG A 42 -12.58 10.48 -54.07
CA ARG A 42 -12.56 10.49 -54.08
C ARG A 42 -11.77 9.45 -54.88
N TYR A 43 -10.49 9.27 -54.53
CA TYR A 43 -9.54 8.42 -55.26
C TYR A 43 -9.27 6.99 -54.74
N GLY A 44 -9.63 6.74 -53.49
CA GLY A 44 -9.35 5.45 -52.86
C GLY A 44 -8.32 5.62 -51.77
N PRO A 45 -7.98 4.53 -51.06
CA PRO A 45 -7.15 4.60 -49.86
C PRO A 45 -5.65 4.75 -50.10
N VAL A 46 -5.22 4.50 -51.34
CA VAL A 46 -3.82 4.67 -51.75
C VAL A 46 -3.76 5.63 -52.93
N PHE A 47 -3.18 6.80 -52.71
CA PHE A 47 -3.16 7.80 -53.78
C PHE A 47 -1.87 8.59 -53.80
N THR A 48 -1.61 9.19 -54.95
CA THR A 48 -0.47 10.04 -55.19
C THR A 48 -0.91 11.48 -55.06
N ILE A 49 -0.17 12.24 -54.26
CA ILE A 49 -0.39 13.65 -54.04
C ILE A 49 0.94 14.42 -54.32
N HIS A 50 0.83 15.66 -54.81
CA HIS A 50 2.00 16.51 -55.04
C HIS A 50 2.05 17.68 -54.02
N LEU A 51 2.94 17.56 -53.04
CA LEU A 51 3.21 18.64 -52.09
C LEU A 51 4.20 19.64 -52.73
N GLY A 52 3.68 20.51 -53.57
CA GLY A 52 4.52 21.27 -54.49
C GLY A 52 5.18 20.31 -55.46
N PRO A 53 6.53 20.38 -55.58
CA PRO A 53 7.23 19.42 -56.45
C PRO A 53 7.59 18.10 -55.75
N ARG A 54 7.23 17.99 -54.48
CA ARG A 54 7.49 16.79 -53.69
C ARG A 54 6.36 15.77 -53.90
N ARG A 55 6.69 14.68 -54.56
CA ARG A 55 5.72 13.64 -54.91
C ARG A 55 5.61 12.66 -53.77
N VAL A 56 4.39 12.48 -53.28
CA VAL A 56 4.15 11.59 -52.15
C VAL A 56 2.98 10.61 -52.34
N VAL A 57 3.23 9.36 -52.00
CA VAL A 57 2.17 8.37 -51.96
C VAL A 57 1.55 8.30 -50.55
N VAL A 58 0.22 8.28 -50.52
CA VAL A 58 -0.53 8.37 -49.28
C VAL A 58 -1.30 7.06 -48.99
N LEU A 59 -1.10 6.55 -47.78
CA LEU A 59 -1.77 5.35 -47.31
C LEU A 59 -2.82 5.69 -46.25
N CYS A 60 -4.09 5.44 -46.56
CA CYS A 60 -5.18 5.65 -45.60
C CYS A 60 -5.86 4.33 -45.19
N GLY A 61 -6.25 4.25 -43.92
CA GLY A 61 -6.92 3.07 -43.38
C GLY A 61 -5.98 1.97 -42.91
N HIS A 62 -6.47 1.11 -42.01
CA HIS A 62 -5.66 0.03 -41.44
C HIS A 62 -5.02 -0.87 -42.48
N ASP A 63 -5.80 -1.34 -43.45
CA ASP A 63 -5.35 -2.34 -44.40
C ASP A 63 -4.20 -1.82 -45.28
N ALA A 64 -4.29 -0.56 -45.71
CA ALA A 64 -3.26 0.06 -46.56
C ALA A 64 -1.96 0.28 -45.78
N VAL A 65 -2.09 0.79 -44.55
CA VAL A 65 -0.91 1.10 -43.74
C VAL A 65 -0.18 -0.19 -43.37
N ARG A 66 -0.90 -1.21 -42.92
CA ARG A 66 -0.26 -2.48 -42.52
C ARG A 66 0.30 -3.27 -43.71
N GLU A 67 -0.45 -3.33 -44.80
CA GLU A 67 0.04 -4.05 -45.98
C GLU A 67 1.38 -3.50 -46.46
N ALA A 68 1.56 -2.19 -46.36
CA ALA A 68 2.81 -1.59 -46.80
C ALA A 68 3.93 -1.67 -45.74
N LEU A 69 3.63 -1.23 -44.52
CA LEU A 69 4.64 -1.10 -43.47
C LEU A 69 5.05 -2.41 -42.79
N VAL A 70 4.18 -3.42 -42.83
CA VAL A 70 4.50 -4.73 -42.26
C VAL A 70 4.64 -5.80 -43.34
N ASP A 71 3.61 -6.00 -44.16
CA ASP A 71 3.64 -7.06 -45.18
C ASP A 71 4.73 -6.86 -46.20
N GLN A 72 5.02 -5.59 -46.52
CA GLN A 72 6.18 -5.28 -47.35
C GLN A 72 7.19 -4.39 -46.60
N ALA A 73 7.50 -4.82 -45.37
CA ALA A 73 8.27 -4.05 -44.38
C ALA A 73 9.62 -3.51 -44.87
N GLU A 74 10.42 -4.38 -45.49
CA GLU A 74 11.73 -3.99 -46.00
C GLU A 74 11.61 -2.90 -47.07
N GLU A 75 10.70 -3.10 -48.01
CA GLU A 75 10.49 -2.16 -49.12
C GLU A 75 10.11 -0.76 -48.65
N PHE A 76 9.28 -0.69 -47.60
CA PHE A 76 8.78 0.55 -47.02
C PHE A 76 9.58 1.07 -45.80
N SER A 77 10.81 0.57 -45.63
CA SER A 77 11.65 0.89 -44.46
C SER A 77 12.59 2.10 -44.63
N GLY A 78 12.59 2.71 -45.80
CA GLY A 78 13.32 3.95 -45.99
C GLY A 78 12.65 5.08 -45.24
N ARG A 79 13.45 6.04 -44.80
CA ARG A 79 12.94 7.24 -44.15
C ARG A 79 12.81 8.39 -45.15
N GLY A 80 11.63 9.02 -45.16
CA GLY A 80 11.39 10.26 -45.93
C GLY A 80 11.77 11.55 -45.18
N GLU A 81 11.19 12.67 -45.60
CA GLU A 81 11.59 13.98 -45.05
C GLU A 81 10.51 14.61 -44.18
N GLN A 82 10.93 15.34 -43.16
CA GLN A 82 10.08 16.37 -42.54
C GLN A 82 10.96 17.60 -42.59
N ALA A 83 10.68 18.45 -43.58
CA ALA A 83 11.55 19.55 -44.01
C ALA A 83 11.92 20.57 -42.93
N THR A 84 10.98 20.86 -42.03
CA THR A 84 11.26 21.75 -40.90
C THR A 84 12.36 21.17 -40.01
N PHE A 85 12.18 19.94 -39.57
CA PHE A 85 13.19 19.28 -38.77
C PHE A 85 14.50 18.99 -39.52
N ASP A 86 14.42 18.74 -40.84
CA ASP A 86 15.63 18.41 -41.59
C ASP A 86 16.52 19.63 -41.86
N TRP A 87 15.96 20.82 -41.69
CA TRP A 87 16.75 22.06 -41.64
C TRP A 87 17.99 21.97 -40.72
N VAL A 88 17.82 21.37 -39.53
CA VAL A 88 18.94 21.19 -38.60
C VAL A 88 19.64 19.82 -38.72
N PHE A 89 18.86 18.76 -38.98
CA PHE A 89 19.39 17.38 -38.99
C PHE A 89 20.16 16.99 -40.25
N LYS A 90 19.68 17.44 -41.41
CA LYS A 90 20.31 17.19 -42.73
C LYS A 90 20.71 15.72 -43.00
N GLY A 91 19.87 14.79 -42.55
CA GLY A 91 20.13 13.36 -42.74
C GLY A 91 20.98 12.70 -41.66
N TYR A 92 21.63 13.51 -40.82
CA TYR A 92 22.37 13.00 -39.64
C TYR A 92 21.45 12.66 -38.44
N GLY A 93 21.93 11.78 -37.56
CA GLY A 93 21.17 11.31 -36.40
C GLY A 93 20.25 10.15 -36.75
N VAL A 94 19.82 9.38 -35.75
CA VAL A 94 18.96 8.19 -35.98
C VAL A 94 17.66 8.42 -36.79
N VAL A 95 16.88 9.45 -36.46
CA VAL A 95 15.56 9.60 -37.07
C VAL A 95 15.60 9.80 -38.59
N PHE A 96 16.47 10.68 -39.06
CA PHE A 96 16.45 11.05 -40.47
C PHE A 96 17.51 10.34 -41.29
N SER A 97 18.22 9.41 -40.68
CA SER A 97 19.21 8.60 -41.38
C SER A 97 18.56 7.55 -42.28
N ASN A 98 19.36 7.03 -43.22
CA ASN A 98 19.00 5.88 -44.04
C ASN A 98 20.14 4.88 -44.19
N GLY A 99 19.84 3.71 -44.74
CA GLY A 99 20.83 2.68 -45.06
C GLY A 99 21.67 2.29 -43.86
N GLU A 100 22.95 2.07 -44.11
CA GLU A 100 23.93 1.69 -43.09
C GLU A 100 23.89 2.62 -41.86
N ARG A 101 23.80 3.94 -42.09
CA ARG A 101 23.66 4.93 -40.99
C ARG A 101 22.46 4.63 -40.07
N ALA A 102 21.30 4.37 -40.66
CA ALA A 102 20.12 3.91 -39.90
C ALA A 102 20.33 2.58 -39.14
N LYS A 103 20.75 1.53 -39.84
CA LYS A 103 21.10 0.24 -39.23
C LYS A 103 21.93 0.43 -37.95
N GLN A 104 23.05 1.14 -38.11
CA GLN A 104 24.06 1.34 -37.08
C GLN A 104 23.58 2.17 -35.86
N LEU A 105 22.96 3.32 -36.13
CA LEU A 105 22.47 4.19 -35.05
C LEU A 105 21.26 3.62 -34.30
N ARG A 106 20.35 2.96 -35.02
CA ARG A 106 19.18 2.34 -34.41
C ARG A 106 19.57 1.19 -33.49
N ARG A 107 20.46 0.32 -33.96
CA ARG A 107 20.98 -0.77 -33.13
C ARG A 107 21.66 -0.20 -31.88
N PHE A 108 22.51 0.79 -32.07
CA PHE A 108 23.19 1.40 -30.93
C PHE A 108 22.22 2.06 -29.94
N SER A 109 21.33 2.91 -30.42
CA SER A 109 20.38 3.62 -29.57
C SER A 109 19.54 2.66 -28.72
N ILE A 110 18.91 1.68 -29.36
CA ILE A 110 18.09 0.66 -28.67
C ILE A 110 18.86 -0.09 -27.55
N ALA A 111 20.10 -0.48 -27.82
CA ALA A 111 20.93 -1.21 -26.86
C ALA A 111 21.42 -0.34 -25.70
N THR A 112 21.81 0.90 -26.01
CA THR A 112 22.27 1.82 -24.97
C THR A 112 21.13 2.35 -24.06
N LEU A 113 19.91 2.46 -24.59
CA LEU A 113 18.78 2.80 -23.73
C LEU A 113 18.46 1.67 -22.75
N ARG A 114 18.52 0.42 -23.21
CA ARG A 114 18.40 -0.78 -22.36
C ARG A 114 19.47 -0.83 -21.27
N ASP A 115 20.72 -0.52 -21.63
CA ASP A 115 21.83 -0.45 -20.67
C ASP A 115 21.57 0.53 -19.54
N PHE A 116 20.80 1.59 -19.85
CA PHE A 116 20.47 2.61 -18.86
C PHE A 116 19.06 2.44 -18.29
N GLY A 117 18.58 1.21 -18.29
CA GLY A 117 17.40 0.84 -17.52
C GLY A 117 16.04 0.90 -18.21
N VAL A 118 16.00 1.31 -19.48
CA VAL A 118 14.74 1.34 -20.21
C VAL A 118 14.12 -0.07 -20.26
N GLY A 119 12.84 -0.16 -19.92
CA GLY A 119 12.13 -1.43 -19.79
C GLY A 119 12.57 -2.29 -18.61
N LYS A 120 13.31 -1.70 -17.68
CA LYS A 120 13.91 -2.43 -16.56
C LYS A 120 13.60 -1.72 -15.25
N ARG A 121 14.00 -2.34 -14.13
CA ARG A 121 13.74 -1.77 -12.82
C ARG A 121 14.29 -0.34 -12.74
N GLY A 122 15.55 -0.16 -13.14
CA GLY A 122 16.21 1.13 -13.19
C GLY A 122 15.35 2.32 -13.60
N ILE A 123 14.78 2.28 -14.80
CA ILE A 123 13.97 3.40 -15.31
C ILE A 123 12.63 3.52 -14.60
N GLU A 124 12.07 2.39 -14.18
CA GLU A 124 10.85 2.40 -13.37
C GLU A 124 11.04 3.22 -12.08
N GLU A 125 12.18 3.02 -11.40
CA GLU A 125 12.53 3.81 -10.21
C GLU A 125 12.69 5.31 -10.50
N ARG A 126 13.27 5.63 -11.65
CA ARG A 126 13.46 7.03 -12.05
C ARG A 126 12.12 7.71 -12.31
N ILE A 127 11.21 6.99 -12.97
CA ILE A 127 9.87 7.49 -13.27
C ILE A 127 9.02 7.67 -12.00
N GLN A 128 9.06 6.68 -11.10
CA GLN A 128 8.38 6.81 -9.78
C GLN A 128 8.88 8.03 -9.02
N GLU A 129 10.20 8.20 -8.95
CA GLU A 129 10.79 9.38 -8.29
C GLU A 129 10.22 10.64 -8.93
N GLU A 130 10.35 10.72 -10.26
CA GLU A 130 9.93 11.89 -11.01
C GLU A 130 8.44 12.23 -10.88
N ALA A 131 7.60 11.21 -10.95
CA ALA A 131 6.17 11.32 -10.63
C ALA A 131 5.98 11.88 -9.22
N GLY A 132 6.80 11.41 -8.28
CA GLY A 132 6.83 11.90 -6.91
C GLY A 132 7.00 13.41 -6.90
N PHE A 133 7.99 13.90 -7.65
CA PHE A 133 8.25 15.35 -7.77
C PHE A 133 7.12 16.12 -8.46
N LEU A 134 6.40 15.48 -9.37
CA LEU A 134 5.23 16.10 -9.99
C LEU A 134 4.12 16.26 -8.95
N ILE A 135 3.88 15.18 -8.21
CA ILE A 135 2.88 15.19 -7.15
C ILE A 135 3.09 16.37 -6.19
N ASP A 136 4.29 16.51 -5.64
CA ASP A 136 4.61 17.62 -4.74
C ASP A 136 4.37 18.97 -5.41
N ALA A 137 4.79 19.10 -6.67
CA ALA A 137 4.63 20.35 -7.40
C ALA A 137 3.15 20.68 -7.66
N LEU A 138 2.33 19.63 -7.88
CA LEU A 138 0.89 19.82 -8.04
C LEU A 138 0.17 20.19 -6.74
N ARG A 139 0.50 19.53 -5.63
CA ARG A 139 0.05 19.95 -4.28
C ARG A 139 0.40 21.41 -3.99
N GLY A 140 1.59 21.83 -4.46
CA GLY A 140 2.13 23.19 -4.24
C GLY A 140 1.37 24.33 -4.90
N THR A 141 0.41 24.00 -5.75
CA THR A 141 -0.49 25.01 -6.31
C THR A 141 -1.65 25.35 -5.36
N GLY A 142 -1.89 24.49 -4.38
CA GLY A 142 -3.02 24.64 -3.45
C GLY A 142 -4.33 24.69 -4.19
N GLY A 143 -4.52 23.74 -5.12
CA GLY A 143 -5.72 23.67 -5.96
C GLY A 143 -5.92 24.80 -6.96
N ALA A 144 -4.85 25.55 -7.25
CA ALA A 144 -4.91 26.68 -8.20
C ALA A 144 -5.32 26.30 -9.61
N ASN A 145 -5.98 27.25 -10.26
CA ASN A 145 -6.31 27.16 -11.68
C ASN A 145 -5.07 27.43 -12.53
N ILE A 146 -4.42 26.39 -13.01
CA ILE A 146 -3.12 26.55 -13.69
C ILE A 146 -3.02 25.96 -15.10
N ASP A 147 -2.09 26.50 -15.89
CA ASP A 147 -1.65 25.89 -17.15
C ASP A 147 -0.68 24.74 -16.81
N PRO A 148 -1.10 23.48 -17.08
CA PRO A 148 -0.34 22.30 -16.68
C PRO A 148 0.75 21.90 -17.68
N THR A 149 0.85 22.65 -18.77
CA THR A 149 1.77 22.36 -19.88
C THR A 149 3.19 22.11 -19.41
N PHE A 150 3.74 23.04 -18.63
CA PHE A 150 5.12 22.91 -18.23
C PHE A 150 5.37 22.01 -17.02
N PHE A 151 4.38 21.87 -16.14
CA PHE A 151 4.46 20.89 -15.05
C PHE A 151 4.61 19.49 -15.63
N LEU A 152 3.73 19.15 -16.57
CA LEU A 152 3.76 17.84 -17.24
C LEU A 152 5.08 17.64 -18.00
N SER A 153 5.50 18.67 -18.74
CA SER A 153 6.63 18.50 -19.66
C SER A 153 8.00 18.50 -18.97
N ARG A 154 8.17 19.29 -17.90
CA ARG A 154 9.37 19.20 -17.05
C ARG A 154 9.55 17.78 -16.48
N THR A 155 8.44 17.22 -15.98
CA THR A 155 8.45 15.89 -15.37
C THR A 155 8.86 14.81 -16.38
N VAL A 156 8.24 14.83 -17.54
CA VAL A 156 8.47 13.86 -18.61
C VAL A 156 9.89 13.98 -19.18
N SER A 157 10.31 15.20 -19.48
CA SER A 157 11.62 15.45 -20.05
C SER A 157 12.73 14.99 -19.13
N ASN A 158 12.53 15.15 -17.82
CA ASN A 158 13.52 14.74 -16.82
C ASN A 158 13.90 13.25 -16.84
N VAL A 159 13.02 12.41 -17.38
CA VAL A 159 13.31 10.98 -17.51
C VAL A 159 14.31 10.70 -18.64
N ILE A 160 14.00 11.12 -19.87
CA ILE A 160 14.93 10.93 -20.97
C ILE A 160 16.23 11.73 -20.73
N SER A 161 16.11 12.92 -20.13
CA SER A 161 17.30 13.74 -19.76
C SER A 161 18.18 12.99 -18.78
N SER A 162 17.54 12.16 -17.96
CA SER A 162 18.19 11.33 -16.99
C SER A 162 19.13 10.33 -17.66
N ILE A 163 18.68 9.83 -18.81
CA ILE A 163 19.32 8.77 -19.56
C ILE A 163 20.37 9.32 -20.51
N VAL A 164 20.09 10.46 -21.16
CA VAL A 164 21.02 11.04 -22.15
C VAL A 164 22.07 12.01 -21.59
N PHE A 165 21.71 12.74 -20.53
CA PHE A 165 22.58 13.78 -19.96
C PHE A 165 23.15 13.41 -18.60
N GLY A 166 22.59 12.39 -17.97
CA GLY A 166 23.13 11.88 -16.71
C GLY A 166 22.53 12.47 -15.45
N ASP A 167 21.90 13.64 -15.56
CA ASP A 167 21.09 14.13 -14.45
C ASP A 167 19.84 14.89 -14.89
N ARG A 168 18.90 15.01 -13.96
CA ARG A 168 17.62 15.68 -14.21
C ARG A 168 17.79 17.20 -14.18
N PHE A 169 16.77 17.92 -14.64
CA PHE A 169 16.76 19.35 -14.50
C PHE A 169 15.98 19.70 -13.26
N ASP A 170 16.47 20.71 -12.54
CA ASP A 170 15.74 21.31 -11.43
C ASP A 170 14.51 22.03 -12.00
N TYR A 171 13.34 21.81 -11.39
CA TYR A 171 12.09 22.41 -11.87
C TYR A 171 12.10 23.93 -11.93
N LYS A 172 12.98 24.55 -11.15
CA LYS A 172 13.13 26.00 -11.15
C LYS A 172 14.13 26.48 -12.21
N ASP A 173 14.84 25.56 -12.86
CA ASP A 173 15.88 25.91 -13.85
C ASP A 173 15.25 26.67 -15.02
N LYS A 174 15.71 27.91 -15.20
CA LYS A 174 15.16 28.79 -16.23
C LYS A 174 15.55 28.38 -17.65
N GLU A 175 16.73 27.77 -17.79
CA GLU A 175 17.19 27.24 -19.07
C GLU A 175 16.36 26.02 -19.49
N PHE A 176 16.00 25.18 -18.52
CA PHE A 176 15.11 24.05 -18.78
C PHE A 176 13.79 24.49 -19.42
N LEU A 177 13.10 25.45 -18.78
CA LEU A 177 11.87 26.03 -19.34
C LEU A 177 12.07 26.54 -20.76
N SER A 178 13.22 27.18 -20.99
CA SER A 178 13.60 27.73 -22.29
C SER A 178 13.60 26.67 -23.40
N LEU A 179 14.19 25.52 -23.11
CA LEU A 179 14.28 24.41 -24.06
C LEU A 179 12.90 23.87 -24.39
N LEU A 180 12.07 23.82 -23.36
CA LEU A 180 10.71 23.32 -23.47
C LEU A 180 9.84 24.20 -24.34
N ARG A 181 10.00 25.53 -24.21
CA ARG A 181 9.38 26.50 -25.12
C ARG A 181 9.86 26.33 -26.56
N MET A 182 11.16 26.05 -26.73
CA MET A 182 11.71 25.76 -28.06
C MET A 182 10.99 24.55 -28.66
N MET A 183 10.89 23.46 -27.90
CA MET A 183 10.22 22.25 -28.36
C MET A 183 8.75 22.47 -28.72
N LEU A 184 8.00 23.09 -27.80
CA LEU A 184 6.60 23.41 -28.02
C LEU A 184 6.46 24.27 -29.26
N GLY A 185 7.30 25.30 -29.35
CA GLY A 185 7.37 26.17 -30.52
C GLY A 185 7.49 25.46 -31.87
N ILE A 186 8.39 24.47 -31.96
CA ILE A 186 8.63 23.74 -33.23
C ILE A 186 7.45 22.87 -33.63
N PHE A 187 6.96 22.06 -32.71
CA PHE A 187 5.75 21.26 -32.96
C PHE A 187 4.53 22.09 -33.30
N GLN A 188 4.38 23.24 -32.63
CA GLN A 188 3.35 24.23 -32.93
C GLN A 188 3.47 24.60 -34.41
N PHE A 189 4.61 25.15 -34.80
CA PHE A 189 4.81 25.60 -36.17
C PHE A 189 4.48 24.53 -37.22
N THR A 190 5.04 23.34 -37.05
CA THR A 190 4.88 22.26 -38.02
C THR A 190 3.44 21.78 -38.13
N SER A 191 2.57 22.23 -37.22
CA SER A 191 1.15 21.91 -37.26
C SER A 191 0.26 23.10 -37.67
N THR A 192 0.86 24.21 -38.09
CA THR A 192 0.15 25.40 -38.62
C THR A 192 0.11 25.40 -40.15
N SER A 193 -0.81 26.14 -40.77
CA SER A 193 -0.82 26.22 -42.25
C SER A 193 0.53 26.64 -42.90
N THR A 194 1.23 27.63 -42.31
CA THR A 194 2.57 28.04 -42.76
C THR A 194 3.57 26.88 -42.64
N GLY A 195 3.52 26.17 -41.51
CA GLY A 195 4.31 24.95 -41.31
C GLY A 195 4.13 23.91 -42.39
N GLN A 196 2.90 23.78 -42.87
CA GLN A 196 2.55 22.74 -43.84
C GLN A 196 2.77 23.15 -45.31
N LEU A 197 2.60 24.44 -45.59
CA LEU A 197 3.08 25.07 -46.79
C LEU A 197 4.61 24.94 -46.87
N TYR A 198 5.29 25.05 -45.73
CA TYR A 198 6.75 24.87 -45.68
C TYR A 198 7.14 23.48 -46.18
N GLU A 199 6.40 22.46 -45.76
CA GLU A 199 6.58 21.10 -46.30
C GLU A 199 6.49 21.03 -47.84
N MET A 200 5.69 21.89 -48.46
CA MET A 200 5.52 21.90 -49.93
C MET A 200 6.60 22.70 -50.66
N PHE A 201 6.99 23.83 -50.08
CA PHE A 201 7.81 24.81 -50.79
C PHE A 201 9.04 25.26 -50.02
N SER A 202 9.70 24.32 -49.32
CA SER A 202 10.82 24.65 -48.43
C SER A 202 11.99 25.33 -49.15
N SER A 203 12.28 24.91 -50.38
CA SER A 203 13.40 25.44 -51.16
C SER A 203 13.27 26.95 -51.45
N VAL A 204 12.04 27.47 -51.46
CA VAL A 204 11.79 28.90 -51.51
C VAL A 204 11.75 29.51 -50.09
N MET A 205 10.84 28.97 -49.28
CA MET A 205 10.53 29.49 -47.95
C MET A 205 11.68 29.55 -46.94
N LYS A 206 12.64 28.63 -47.03
CA LYS A 206 13.83 28.67 -46.13
C LYS A 206 14.66 29.96 -46.32
N HIS A 207 14.45 30.62 -47.47
CA HIS A 207 15.06 31.90 -47.77
C HIS A 207 14.11 33.10 -47.57
N LEU A 208 12.90 32.86 -47.06
CA LEU A 208 11.92 33.94 -46.83
C LEU A 208 11.67 34.27 -45.35
N PRO A 209 11.45 35.56 -45.04
CA PRO A 209 11.10 35.87 -43.66
C PRO A 209 9.69 35.35 -43.35
N GLY A 210 9.45 35.03 -42.08
CA GLY A 210 8.16 34.49 -41.67
C GLY A 210 8.34 33.61 -40.47
N PRO A 211 7.26 32.93 -40.02
CA PRO A 211 7.37 32.00 -38.89
C PRO A 211 8.42 30.85 -39.07
N GLN A 212 8.74 30.47 -40.30
CA GLN A 212 9.80 29.47 -40.55
C GLN A 212 11.04 29.84 -39.79
N GLN A 213 11.41 31.11 -39.90
CA GLN A 213 12.70 31.60 -39.45
C GLN A 213 12.80 31.53 -37.92
N GLN A 214 11.71 31.86 -37.24
CA GLN A 214 11.62 31.68 -35.81
C GLN A 214 11.74 30.18 -35.42
N ALA A 215 11.11 29.30 -36.19
CA ALA A 215 11.23 27.84 -35.93
C ALA A 215 12.66 27.30 -36.10
N PHE A 216 13.35 27.73 -37.17
CA PHE A 216 14.75 27.37 -37.34
C PHE A 216 15.59 27.82 -36.14
N GLN A 217 15.31 29.04 -35.65
CA GLN A 217 16.02 29.62 -34.49
C GLN A 217 15.77 28.85 -33.19
N LEU A 218 14.56 28.36 -32.98
CA LEU A 218 14.31 27.44 -31.86
C LEU A 218 15.08 26.10 -32.00
N LEU A 219 15.07 25.53 -33.21
CA LEU A 219 15.87 24.33 -33.51
C LEU A 219 17.35 24.53 -33.31
N GLN A 220 17.86 25.70 -33.69
CA GLN A 220 19.26 25.99 -33.52
C GLN A 220 19.63 26.08 -32.03
N GLY A 221 18.70 26.55 -31.20
CA GLY A 221 18.91 26.70 -29.77
C GLY A 221 18.99 25.35 -29.05
N LEU A 222 18.11 24.44 -29.46
CA LEU A 222 18.13 23.07 -29.00
C LEU A 222 19.43 22.36 -29.46
N GLU A 223 19.85 22.60 -30.70
CA GLU A 223 21.13 22.06 -31.19
C GLU A 223 22.34 22.57 -30.37
N ASP A 224 22.40 23.88 -30.12
CA ASP A 224 23.50 24.49 -29.36
C ASP A 224 23.62 23.93 -27.94
N PHE A 225 22.47 23.73 -27.29
CA PHE A 225 22.41 23.13 -25.95
C PHE A 225 22.91 21.69 -25.88
N ILE A 226 22.61 20.90 -26.91
CA ILE A 226 23.08 19.52 -26.98
C ILE A 226 24.59 19.45 -27.20
N ALA A 227 25.10 20.24 -28.14
CA ALA A 227 26.51 20.20 -28.50
C ALA A 227 27.40 20.74 -27.38
N LYS A 228 26.83 21.57 -26.51
CA LYS A 228 27.52 22.06 -25.32
C LYS A 228 27.48 21.00 -24.19
N LYS A 229 26.40 20.23 -24.11
CA LYS A 229 26.34 19.08 -23.21
C LYS A 229 27.35 17.99 -23.63
N VAL A 230 27.46 17.78 -24.94
CA VAL A 230 28.43 16.85 -25.50
C VAL A 230 29.89 17.33 -25.27
N GLU A 231 30.16 18.60 -25.57
CA GLU A 231 31.46 19.20 -25.29
C GLU A 231 31.86 19.00 -23.83
N HIS A 232 30.90 19.17 -22.91
CA HIS A 232 31.16 18.99 -21.49
C HIS A 232 31.59 17.55 -21.20
N ASN A 233 30.82 16.59 -21.72
CA ASN A 233 31.14 15.17 -21.57
C ASN A 233 32.51 14.74 -22.10
N GLN A 234 32.91 15.29 -23.24
CA GLN A 234 34.22 15.03 -23.87
C GLN A 234 35.33 15.45 -22.92
N ARG A 235 35.12 16.59 -22.29
CA ARG A 235 36.11 17.24 -21.45
C ARG A 235 36.28 16.52 -20.10
N THR A 236 35.32 15.67 -19.74
CA THR A 236 35.23 15.08 -18.41
C THR A 236 35.03 13.55 -18.45
N LEU A 237 35.04 12.98 -19.66
CA LEU A 237 34.83 11.55 -19.88
C LEU A 237 35.71 10.59 -19.06
N ASP A 238 35.10 9.51 -18.58
CA ASP A 238 35.83 8.33 -18.10
C ASP A 238 35.40 7.14 -18.96
N PRO A 239 36.32 6.63 -19.81
CA PRO A 239 36.01 5.56 -20.79
C PRO A 239 35.66 4.18 -20.18
N ASN A 240 35.89 3.99 -18.88
CA ASN A 240 35.53 2.73 -18.22
C ASN A 240 34.25 2.79 -17.37
N SER A 241 33.71 3.99 -17.18
CA SER A 241 32.47 4.16 -16.44
C SER A 241 31.59 5.25 -17.07
N PRO A 242 30.79 4.89 -18.10
CA PRO A 242 29.93 5.89 -18.76
C PRO A 242 28.81 6.40 -17.85
N ARG A 243 28.67 7.72 -17.78
CA ARG A 243 27.63 8.35 -16.95
C ARG A 243 26.26 8.34 -17.63
N ASP A 244 26.25 8.45 -18.96
CA ASP A 244 25.03 8.63 -19.76
C ASP A 244 25.15 8.10 -21.22
N PHE A 245 24.06 8.22 -21.97
CA PHE A 245 24.02 7.88 -23.39
C PHE A 245 25.14 8.54 -24.19
N ILE A 246 25.39 9.82 -23.92
CA ILE A 246 26.41 10.57 -24.62
C ILE A 246 27.79 9.90 -24.42
N ASP A 247 28.11 9.60 -23.16
CA ASP A 247 29.33 8.90 -22.79
C ASP A 247 29.54 7.60 -23.55
N SER A 248 28.49 6.77 -23.57
CA SER A 248 28.48 5.51 -24.30
C SER A 248 28.80 5.71 -25.75
N PHE A 249 28.16 6.72 -26.36
CA PHE A 249 28.39 7.06 -27.77
C PHE A 249 29.81 7.56 -28.02
N LEU A 250 30.36 8.37 -27.12
CA LEU A 250 31.74 8.85 -27.27
C LEU A 250 32.78 7.72 -27.15
N ILE A 251 32.51 6.74 -26.29
CA ILE A 251 33.35 5.55 -26.13
C ILE A 251 33.37 4.72 -27.41
N ARG A 252 32.21 4.54 -28.02
CA ARG A 252 32.12 3.86 -29.31
C ARG A 252 32.85 4.65 -30.41
N MET A 253 32.80 5.98 -30.35
CA MET A 253 33.55 6.80 -31.27
C MET A 253 35.05 6.54 -31.21
N GLN A 254 35.58 6.38 -30.00
CA GLN A 254 36.98 6.01 -29.79
C GLN A 254 37.31 4.63 -30.38
N GLU A 255 36.53 3.61 -29.97
CA GLU A 255 36.67 2.25 -30.48
C GLU A 255 36.60 2.17 -32.02
N GLU A 256 35.97 3.17 -32.65
CA GLU A 256 35.65 3.15 -34.07
C GLU A 256 36.52 4.07 -34.92
N GLU A 257 37.46 4.76 -34.27
CA GLU A 257 38.24 5.80 -34.94
C GLU A 257 39.18 5.23 -36.02
N LYS A 258 39.48 3.93 -35.93
CA LYS A 258 40.25 3.25 -36.97
C LYS A 258 39.39 2.43 -37.98
N ASN A 259 38.07 2.56 -37.90
CA ASN A 259 37.17 2.12 -38.96
C ASN A 259 36.93 3.31 -39.89
N PRO A 260 37.42 3.25 -41.14
CA PRO A 260 37.34 4.38 -42.08
C PRO A 260 35.91 4.73 -42.52
N ASN A 261 35.00 3.76 -42.45
CA ASN A 261 33.61 3.91 -42.91
C ASN A 261 32.59 4.03 -41.77
N THR A 262 33.05 4.50 -40.61
CA THR A 262 32.21 4.49 -39.40
C THR A 262 31.13 5.57 -39.39
N GLU A 263 29.96 5.21 -38.85
CA GLU A 263 28.85 6.13 -38.62
C GLU A 263 28.90 6.78 -37.25
N PHE A 264 29.81 6.31 -36.42
CA PHE A 264 29.98 6.86 -35.08
C PHE A 264 30.98 8.01 -35.05
N TYR A 265 30.44 9.21 -35.28
CA TYR A 265 31.21 10.45 -35.27
C TYR A 265 30.36 11.60 -34.68
N LEU A 266 31.01 12.73 -34.37
CA LEU A 266 30.39 13.84 -33.61
C LEU A 266 29.01 14.31 -34.10
N LYS A 267 28.90 14.62 -35.40
CA LYS A 267 27.62 15.03 -36.01
C LYS A 267 26.49 14.01 -35.77
N ASN A 268 26.77 12.71 -35.92
CA ASN A 268 25.75 11.68 -35.60
C ASN A 268 25.47 11.57 -34.09
N LEU A 269 26.43 11.94 -33.25
CA LEU A 269 26.17 11.95 -31.79
C LEU A 269 25.24 13.11 -31.39
N VAL A 270 25.54 14.32 -31.84
CA VAL A 270 24.76 15.51 -31.49
C VAL A 270 23.30 15.35 -31.99
N MET A 271 23.14 14.88 -33.23
CA MET A 271 21.82 14.80 -33.84
C MET A 271 20.94 13.65 -33.29
N THR A 272 21.55 12.52 -32.95
CA THR A 272 20.84 11.40 -32.33
C THR A 272 20.36 11.77 -30.92
N THR A 273 21.25 12.40 -30.15
CA THR A 273 20.97 12.87 -28.79
C THR A 273 19.82 13.87 -28.81
N LEU A 274 19.80 14.69 -29.87
CA LEU A 274 18.73 15.68 -30.06
C LEU A 274 17.40 15.00 -30.46
N ASN A 275 17.45 13.98 -31.32
CA ASN A 275 16.26 13.13 -31.59
C ASN A 275 15.68 12.57 -30.30
N LEU A 276 16.54 12.09 -29.40
CA LEU A 276 16.09 11.42 -28.19
C LEU A 276 15.44 12.38 -27.21
N PHE A 277 16.13 13.48 -26.95
CA PHE A 277 15.66 14.55 -26.08
C PHE A 277 14.29 15.11 -26.51
N ILE A 278 14.12 15.36 -27.81
CA ILE A 278 12.85 15.83 -28.40
C ILE A 278 11.79 14.74 -28.38
N GLY A 279 12.17 13.54 -28.79
CA GLY A 279 11.26 12.39 -28.85
C GLY A 279 10.68 12.08 -27.49
N GLY A 280 11.57 11.92 -26.51
CA GLY A 280 11.20 11.56 -25.16
C GLY A 280 10.54 12.67 -24.34
N THR A 281 10.42 13.85 -24.93
CA THR A 281 9.81 14.96 -24.23
C THR A 281 8.40 15.28 -24.73
N GLU A 282 8.27 15.51 -26.04
CA GLU A 282 7.08 16.16 -26.56
C GLU A 282 5.81 15.31 -26.70
N THR A 283 5.94 14.09 -27.19
CA THR A 283 4.76 13.24 -27.41
C THR A 283 4.06 12.77 -26.13
N VAL A 284 4.82 12.25 -25.18
CA VAL A 284 4.23 11.82 -23.90
C VAL A 284 3.60 13.01 -23.18
N SER A 285 4.34 14.12 -23.12
CA SER A 285 3.82 15.36 -22.57
C SER A 285 2.47 15.79 -23.18
N THR A 286 2.41 15.86 -24.51
CA THR A 286 1.17 16.16 -25.21
C THR A 286 0.07 15.14 -24.91
N THR A 287 0.42 13.86 -24.90
CA THR A 287 -0.55 12.83 -24.58
C THR A 287 -1.22 13.06 -23.22
N LEU A 288 -0.41 13.33 -22.19
CA LEU A 288 -0.91 13.61 -20.85
C LEU A 288 -1.84 14.82 -20.77
N ARG A 289 -1.42 15.92 -21.40
CA ARG A 289 -2.20 17.15 -21.44
C ARG A 289 -3.56 16.95 -22.14
N TYR A 290 -3.54 16.29 -23.30
CA TYR A 290 -4.78 15.91 -23.97
C TYR A 290 -5.60 14.98 -23.06
N GLY A 291 -4.91 14.09 -22.35
CA GLY A 291 -5.55 13.12 -21.46
C GLY A 291 -6.40 13.78 -20.38
N PHE A 292 -5.78 14.63 -19.58
CA PHE A 292 -6.49 15.39 -18.54
C PHE A 292 -7.63 16.27 -19.09
N LEU A 293 -7.49 16.75 -20.32
CA LEU A 293 -8.62 17.41 -20.95
C LEU A 293 -9.77 16.44 -21.22
N LEU A 294 -9.47 15.30 -21.84
CA LEU A 294 -10.48 14.29 -22.18
C LEU A 294 -11.26 13.82 -20.95
N LEU A 295 -10.53 13.54 -19.87
CA LEU A 295 -11.13 13.07 -18.61
C LEU A 295 -12.00 14.11 -17.94
N MET A 296 -11.60 15.38 -18.00
CA MET A 296 -12.40 16.47 -17.45
C MET A 296 -13.72 16.64 -18.21
N LYS A 297 -13.64 16.37 -19.52
CA LYS A 297 -14.79 16.37 -20.42
C LYS A 297 -15.70 15.17 -20.16
N HIS A 298 -15.11 14.08 -19.66
CA HIS A 298 -15.87 12.86 -19.34
C HIS A 298 -15.74 12.41 -17.87
N PRO A 299 -16.44 13.08 -16.94
CA PRO A 299 -16.33 12.80 -15.49
C PRO A 299 -16.64 11.35 -15.12
N GLU A 300 -17.54 10.71 -15.87
CA GLU A 300 -17.90 9.31 -15.70
C GLU A 300 -16.71 8.37 -15.85
N VAL A 301 -15.77 8.74 -16.72
CA VAL A 301 -14.57 7.95 -16.99
C VAL A 301 -13.53 8.15 -15.87
N GLU A 302 -13.46 9.39 -15.36
CA GLU A 302 -12.58 9.71 -14.24
C GLU A 302 -12.98 8.98 -12.95
N ALA A 303 -14.29 8.83 -12.73
CA ALA A 303 -14.83 8.17 -11.55
C ALA A 303 -14.53 6.67 -11.55
N LYS A 304 -14.66 6.05 -12.73
CA LYS A 304 -14.36 4.64 -12.93
C LYS A 304 -12.86 4.37 -12.76
N VAL A 305 -12.05 5.39 -13.06
CA VAL A 305 -10.61 5.31 -12.92
C VAL A 305 -10.25 5.29 -11.44
N HIS A 306 -10.79 6.26 -10.70
CA HIS A 306 -10.62 6.32 -9.24
C HIS A 306 -10.97 4.99 -8.58
N GLU A 307 -12.16 4.48 -8.90
CA GLU A 307 -12.64 3.19 -8.38
C GLU A 307 -11.54 2.12 -8.48
N GLU A 308 -11.02 1.91 -9.69
CA GLU A 308 -10.02 0.86 -9.94
C GLU A 308 -8.66 1.07 -9.24
N ILE A 309 -8.17 2.31 -9.22
CA ILE A 309 -6.92 2.67 -8.53
C ILE A 309 -7.03 2.43 -7.01
N ASP A 310 -8.15 2.88 -6.44
CA ASP A 310 -8.43 2.68 -5.02
C ASP A 310 -8.56 1.21 -4.64
N ARG A 311 -9.09 0.39 -5.55
CA ARG A 311 -9.29 -1.04 -5.30
C ARG A 311 -7.98 -1.83 -5.44
N VAL A 312 -7.33 -1.68 -6.60
CA VAL A 312 -6.11 -2.42 -6.96
C VAL A 312 -4.85 -1.91 -6.25
N ILE A 313 -4.74 -0.59 -6.09
CA ILE A 313 -3.51 -0.03 -5.53
C ILE A 313 -3.70 0.44 -4.10
N GLY A 314 -4.77 1.18 -3.86
CA GLY A 314 -5.01 1.79 -2.56
C GLY A 314 -4.63 3.25 -2.55
N LYS A 315 -4.07 3.71 -1.45
CA LYS A 315 -3.62 5.09 -1.29
C LYS A 315 -2.28 5.15 -0.58
N ASN A 316 -1.82 4.00 -0.12
CA ASN A 316 -0.69 3.90 0.81
C ASN A 316 0.70 3.82 0.17
N ARG A 317 0.74 3.73 -1.16
CA ARG A 317 2.02 3.57 -1.89
C ARG A 317 2.01 4.16 -3.30
N GLN A 318 3.21 4.18 -3.91
CA GLN A 318 3.39 4.56 -5.30
C GLN A 318 2.97 3.39 -6.21
N PRO A 319 2.21 3.69 -7.29
CA PRO A 319 1.89 2.75 -8.36
C PRO A 319 3.15 2.22 -9.02
N LYS A 320 3.07 1.00 -9.55
CA LYS A 320 4.21 0.39 -10.23
C LYS A 320 3.75 -0.17 -11.59
N PHE A 321 4.69 -0.60 -12.41
CA PHE A 321 4.36 -1.01 -13.78
C PHE A 321 3.60 -2.35 -13.88
N GLU A 322 3.93 -3.30 -13.02
CA GLU A 322 3.17 -4.56 -12.97
C GLU A 322 1.70 -4.39 -12.51
N ASP A 323 1.38 -3.24 -11.91
CA ASP A 323 -0.01 -2.90 -11.56
C ASP A 323 -0.93 -2.89 -12.78
N ARG A 324 -0.34 -2.58 -13.94
CA ARG A 324 -1.04 -2.54 -15.23
C ARG A 324 -1.89 -3.79 -15.50
N ALA A 325 -1.31 -4.96 -15.22
CA ALA A 325 -1.90 -6.27 -15.53
C ALA A 325 -3.22 -6.54 -14.82
N LYS A 326 -3.45 -5.88 -13.69
CA LYS A 326 -4.66 -6.06 -12.90
C LYS A 326 -5.60 -4.86 -13.05
N MET A 327 -5.33 -4.02 -14.04
CA MET A 327 -6.09 -2.78 -14.24
C MET A 327 -6.62 -2.58 -15.67
N PRO A 328 -7.63 -3.38 -16.07
CA PRO A 328 -8.21 -3.34 -17.42
C PRO A 328 -8.68 -1.97 -17.87
N TYR A 329 -9.35 -1.23 -16.97
CA TYR A 329 -9.98 0.03 -17.35
C TYR A 329 -9.00 1.20 -17.55
N MET A 330 -7.94 1.25 -16.72
CA MET A 330 -6.89 2.26 -16.87
C MET A 330 -6.12 2.08 -18.20
N GLU A 331 -5.85 0.83 -18.56
CA GLU A 331 -5.20 0.49 -19.83
C GLU A 331 -6.03 0.93 -21.05
N ALA A 332 -7.34 0.85 -20.91
CA ALA A 332 -8.26 1.21 -21.96
C ALA A 332 -8.47 2.72 -22.04
N VAL A 333 -8.36 3.42 -20.92
CA VAL A 333 -8.43 4.87 -20.94
C VAL A 333 -7.20 5.44 -21.67
N ILE A 334 -6.01 4.91 -21.37
CA ILE A 334 -4.75 5.41 -21.96
C ILE A 334 -4.66 5.08 -23.46
N HIS A 335 -5.06 3.87 -23.84
CA HIS A 335 -5.20 3.47 -25.25
C HIS A 335 -6.17 4.36 -26.01
N GLU A 336 -7.29 4.69 -25.37
CA GLU A 336 -8.28 5.60 -25.97
C GLU A 336 -7.78 7.05 -25.98
N ILE A 337 -7.00 7.44 -24.99
CA ILE A 337 -6.40 8.78 -24.97
C ILE A 337 -5.45 8.92 -26.17
N GLN A 338 -4.67 7.87 -26.41
CA GLN A 338 -3.73 7.84 -27.53
C GLN A 338 -4.44 7.79 -28.90
N ARG A 339 -5.51 7.01 -28.98
CA ARG A 339 -6.28 6.84 -30.21
C ARG A 339 -7.06 8.10 -30.62
N PHE A 340 -7.69 8.75 -29.65
CA PHE A 340 -8.35 10.04 -29.88
C PHE A 340 -7.30 11.12 -30.15
N GLY A 341 -6.27 11.16 -29.30
CA GLY A 341 -5.23 12.18 -29.33
C GLY A 341 -4.50 12.24 -30.65
N ASP A 342 -4.07 11.08 -31.16
CA ASP A 342 -3.52 10.95 -32.52
C ASP A 342 -2.37 11.96 -32.71
N VAL A 343 -1.44 11.92 -31.77
CA VAL A 343 -0.48 13.01 -31.60
C VAL A 343 0.36 13.27 -32.86
N ILE A 344 0.80 12.20 -33.53
CA ILE A 344 1.55 12.31 -34.79
C ILE A 344 0.72 11.71 -35.93
N PRO A 345 -0.19 12.51 -36.52
CA PRO A 345 -1.25 11.92 -37.35
C PRO A 345 -0.84 11.39 -38.73
N MET A 346 0.29 11.83 -39.29
CA MET A 346 0.79 11.35 -40.58
C MET A 346 2.14 10.62 -40.44
N SER A 347 2.41 10.13 -39.23
CA SER A 347 3.68 9.52 -38.91
C SER A 347 4.84 10.46 -39.21
N LEU A 348 6.05 9.90 -39.13
CA LEU A 348 7.16 10.44 -39.87
C LEU A 348 7.16 9.72 -41.21
N ALA A 349 7.30 10.48 -42.28
CA ALA A 349 7.37 9.95 -43.66
C ALA A 349 8.38 8.81 -43.86
N ARG A 350 7.94 7.79 -44.59
CA ARG A 350 8.79 6.69 -45.05
C ARG A 350 9.19 6.94 -46.51
N ARG A 351 10.02 6.06 -47.08
CA ARG A 351 10.18 6.03 -48.55
C ARG A 351 10.54 4.64 -49.07
N VAL A 352 10.20 4.34 -50.32
CA VAL A 352 10.61 3.04 -50.87
C VAL A 352 12.12 2.94 -51.08
N LYS A 353 12.71 1.89 -50.50
CA LYS A 353 14.12 1.55 -50.67
C LYS A 353 14.47 1.18 -52.12
N LYS A 354 13.52 0.63 -52.87
CA LYS A 354 13.73 0.23 -54.28
C LYS A 354 12.48 0.46 -55.13
N ASP A 355 12.65 0.39 -56.46
CA ASP A 355 11.53 0.17 -57.40
C ASP A 355 10.63 -0.89 -56.78
N THR A 356 9.36 -0.53 -56.59
CA THR A 356 8.49 -1.36 -55.77
C THR A 356 7.08 -1.52 -56.34
N LYS A 357 6.62 -2.77 -56.34
CA LYS A 357 5.26 -3.16 -56.67
C LYS A 357 4.39 -3.21 -55.41
N PHE A 358 3.31 -2.44 -55.38
CA PHE A 358 2.42 -2.41 -54.21
C PHE A 358 0.95 -2.34 -54.62
N ARG A 359 0.23 -3.44 -54.32
CA ARG A 359 -1.14 -3.69 -54.76
C ARG A 359 -1.53 -3.09 -56.11
N ASP A 360 -0.82 -3.51 -57.15
CA ASP A 360 -1.12 -3.11 -58.54
C ASP A 360 -0.64 -1.71 -58.96
N PHE A 361 0.21 -1.08 -58.15
CA PHE A 361 0.82 0.19 -58.53
C PHE A 361 2.34 0.06 -58.64
N PHE A 362 2.99 0.95 -59.38
CA PHE A 362 4.44 1.00 -59.41
C PHE A 362 4.98 2.16 -58.57
N LEU A 363 5.80 1.84 -57.58
CA LEU A 363 6.51 2.86 -56.81
C LEU A 363 8.03 2.88 -57.17
N PRO A 364 8.47 3.93 -57.90
CA PRO A 364 9.91 4.05 -58.20
C PRO A 364 10.70 4.28 -56.92
N LYS A 365 11.94 3.78 -56.91
CA LYS A 365 12.90 3.98 -55.83
C LYS A 365 12.89 5.40 -55.35
N GLY A 366 12.82 5.57 -54.03
CA GLY A 366 12.90 6.89 -53.41
C GLY A 366 11.59 7.64 -53.21
N THR A 367 10.49 7.09 -53.72
CA THR A 367 9.17 7.75 -53.58
C THR A 367 8.82 7.91 -52.09
N GLU A 368 8.50 9.14 -51.68
CA GLU A 368 8.08 9.35 -50.30
C GLU A 368 6.68 8.80 -50.09
N VAL A 369 6.45 8.33 -48.86
CA VAL A 369 5.21 7.70 -48.46
C VAL A 369 4.72 8.31 -47.12
N TYR A 370 3.44 8.67 -47.08
CA TYR A 370 2.78 9.15 -45.86
C TYR A 370 1.83 8.08 -45.31
N PRO A 371 2.24 7.39 -44.21
CA PRO A 371 1.29 6.48 -43.56
C PRO A 371 0.35 7.24 -42.61
N MET A 372 -0.90 7.42 -43.04
CA MET A 372 -1.91 8.18 -42.28
C MET A 372 -2.40 7.47 -41.03
N LEU A 373 -1.58 7.56 -39.99
CA LEU A 373 -1.82 6.86 -38.72
C LEU A 373 -3.16 7.26 -38.08
N GLY A 374 -3.51 8.53 -38.24
CA GLY A 374 -4.82 9.03 -37.84
C GLY A 374 -5.96 8.31 -38.54
N SER A 375 -5.80 7.96 -39.82
CA SER A 375 -6.84 7.19 -40.53
C SER A 375 -6.96 5.74 -40.03
N VAL A 376 -5.93 5.22 -39.37
CA VAL A 376 -5.99 3.89 -38.79
C VAL A 376 -6.62 3.98 -37.38
N LEU A 377 -6.16 4.95 -36.58
CA LEU A 377 -6.72 5.17 -35.27
C LEU A 377 -8.22 5.46 -35.32
N ARG A 378 -8.69 5.99 -36.45
CA ARG A 378 -10.12 6.30 -36.65
C ARG A 378 -10.78 5.49 -37.78
N ASP A 379 -10.24 4.30 -38.05
CA ASP A 379 -10.80 3.43 -39.06
C ASP A 379 -12.13 2.84 -38.56
N PRO A 380 -13.24 3.10 -39.29
CA PRO A 380 -14.56 2.66 -38.82
C PRO A 380 -14.80 1.14 -38.89
N SER A 381 -13.92 0.38 -39.55
CA SER A 381 -13.95 -1.08 -39.48
C SER A 381 -13.35 -1.66 -38.17
N PHE A 382 -12.55 -0.85 -37.48
CA PHE A 382 -11.92 -1.31 -36.24
C PHE A 382 -12.51 -0.67 -34.98
N PHE A 383 -13.09 0.51 -35.11
CA PHE A 383 -13.66 1.23 -33.96
C PHE A 383 -15.09 1.71 -34.19
N SER A 384 -15.99 1.35 -33.26
CA SER A 384 -17.44 1.55 -33.44
C SER A 384 -17.83 2.99 -33.79
N ASN A 385 -17.64 3.94 -32.89
CA ASN A 385 -17.87 5.34 -33.25
C ASN A 385 -16.54 6.07 -33.18
N PRO A 386 -15.81 6.11 -34.32
CA PRO A 386 -14.41 6.53 -34.31
C PRO A 386 -14.13 7.97 -33.83
N GLN A 387 -15.12 8.87 -33.89
CA GLN A 387 -14.92 10.28 -33.52
C GLN A 387 -15.29 10.58 -32.06
N ASP A 388 -15.83 9.58 -31.35
CA ASP A 388 -16.18 9.73 -29.94
C ASP A 388 -15.07 9.21 -29.05
N PHE A 389 -14.78 9.94 -27.98
CA PHE A 389 -13.92 9.41 -26.93
C PHE A 389 -14.73 8.42 -26.09
N ASN A 390 -14.34 7.15 -26.20
CA ASN A 390 -15.06 6.05 -25.56
C ASN A 390 -14.08 4.91 -25.23
N PRO A 391 -13.64 4.84 -23.96
CA PRO A 391 -12.73 3.80 -23.45
C PRO A 391 -13.19 2.36 -23.73
N GLN A 392 -14.48 2.18 -23.97
CA GLN A 392 -15.05 0.88 -24.33
C GLN A 392 -14.47 0.34 -25.65
N HIS A 393 -13.83 1.21 -26.43
CA HIS A 393 -13.22 0.82 -27.71
C HIS A 393 -12.18 -0.28 -27.55
N PHE A 394 -11.60 -0.39 -26.35
CA PHE A 394 -10.56 -1.37 -26.04
C PHE A 394 -10.95 -2.27 -24.86
N LEU A 395 -12.25 -2.55 -24.76
CA LEU A 395 -12.78 -3.36 -23.67
C LEU A 395 -13.71 -4.47 -24.16
N ASN A 396 -13.54 -5.67 -23.61
CA ASN A 396 -14.55 -6.75 -23.68
C ASN A 396 -15.96 -6.27 -23.29
N GLU A 397 -16.97 -6.96 -23.81
CA GLU A 397 -18.32 -6.89 -23.25
C GLU A 397 -18.29 -7.22 -21.74
N LYS A 398 -17.27 -7.98 -21.34
CA LYS A 398 -17.05 -8.45 -19.97
C LYS A 398 -16.23 -7.50 -19.11
N GLY A 399 -15.43 -6.65 -19.74
CA GLY A 399 -14.62 -5.65 -19.03
C GLY A 399 -13.12 -5.93 -18.99
N GLN A 400 -12.66 -6.85 -19.84
CA GLN A 400 -11.23 -7.16 -19.93
C GLN A 400 -10.59 -6.35 -21.06
N PHE A 401 -9.27 -6.20 -21.01
CA PHE A 401 -8.59 -5.40 -22.05
C PHE A 401 -8.61 -6.10 -23.41
N LYS A 402 -9.14 -5.40 -24.40
CA LYS A 402 -9.30 -5.89 -25.78
C LYS A 402 -8.38 -5.09 -26.71
N LYS A 403 -7.29 -5.74 -27.16
CA LYS A 403 -6.33 -5.13 -28.07
C LYS A 403 -6.93 -4.79 -29.45
N SER A 404 -6.19 -4.00 -30.23
CA SER A 404 -6.62 -3.66 -31.59
C SER A 404 -5.45 -3.62 -32.56
N ASP A 405 -5.61 -4.23 -33.72
CA ASP A 405 -4.58 -4.18 -34.75
C ASP A 405 -4.47 -2.77 -35.36
N ALA A 406 -5.52 -1.97 -35.19
CA ALA A 406 -5.47 -0.57 -35.57
C ALA A 406 -4.91 0.37 -34.48
N PHE A 407 -4.47 -0.18 -33.34
CA PHE A 407 -3.82 0.65 -32.33
C PHE A 407 -2.37 0.91 -32.75
N VAL A 408 -2.14 2.05 -33.39
CA VAL A 408 -0.87 2.26 -34.06
C VAL A 408 -0.20 3.62 -33.80
N PRO A 409 -0.33 4.19 -32.59
CA PRO A 409 0.17 5.54 -32.42
C PRO A 409 1.70 5.64 -32.50
N PHE A 410 2.37 4.49 -32.47
CA PHE A 410 3.84 4.41 -32.54
C PHE A 410 4.23 3.84 -33.90
N SER A 411 3.29 3.87 -34.83
CA SER A 411 3.43 3.24 -36.15
C SER A 411 3.76 1.75 -36.06
N ILE A 412 4.04 1.14 -37.20
CA ILE A 412 4.45 -0.27 -37.29
C ILE A 412 5.61 -0.43 -38.29
N GLY A 413 6.29 -1.58 -38.26
CA GLY A 413 7.32 -1.87 -39.23
C GLY A 413 8.72 -1.58 -38.74
N LYS A 414 9.64 -1.40 -39.70
CA LYS A 414 11.08 -1.49 -39.44
C LYS A 414 11.68 -0.23 -38.81
N ARG A 415 11.03 0.92 -39.06
CA ARG A 415 11.43 2.21 -38.51
C ARG A 415 10.43 2.70 -37.49
N ASN A 416 9.68 1.77 -36.87
CA ASN A 416 8.69 2.11 -35.84
C ASN A 416 9.34 2.76 -34.63
N CYS A 417 8.54 3.51 -33.86
CA CYS A 417 9.05 4.21 -32.69
C CYS A 417 9.72 3.24 -31.74
N PHE A 418 11.03 3.38 -31.54
CA PHE A 418 11.70 2.53 -30.56
C PHE A 418 11.67 3.16 -29.16
N GLY A 419 10.90 4.23 -29.04
CA GLY A 419 10.66 4.84 -27.75
C GLY A 419 9.40 4.29 -27.10
N GLU A 420 8.72 3.38 -27.81
CA GLU A 420 7.43 2.82 -27.37
C GLU A 420 7.47 2.29 -25.93
N GLY A 421 8.42 1.40 -25.64
CA GLY A 421 8.70 0.92 -24.28
C GLY A 421 8.72 1.97 -23.16
N LEU A 422 9.53 3.02 -23.33
CA LEU A 422 9.64 4.07 -22.32
C LEU A 422 8.32 4.85 -22.22
N ALA A 423 7.81 5.29 -23.36
CA ALA A 423 6.54 5.98 -23.47
C ALA A 423 5.36 5.28 -22.76
N ARG A 424 5.21 3.97 -23.01
CA ARG A 424 4.15 3.17 -22.40
C ARG A 424 4.31 3.12 -20.89
N MET A 425 5.56 3.00 -20.43
CA MET A 425 5.87 3.00 -19.00
C MET A 425 5.62 4.38 -18.40
N GLU A 426 5.94 5.41 -19.16
CA GLU A 426 5.74 6.79 -18.73
C GLU A 426 4.25 7.10 -18.62
N LEU A 427 3.49 6.83 -19.69
CA LEU A 427 2.06 7.11 -19.70
C LEU A 427 1.37 6.44 -18.51
N PHE A 428 1.61 5.16 -18.31
CA PHE A 428 0.96 4.44 -17.23
C PHE A 428 1.25 5.04 -15.86
N LEU A 429 2.52 5.10 -15.48
CA LEU A 429 2.91 5.63 -14.17
C LEU A 429 2.54 7.09 -13.92
N PHE A 430 2.64 7.92 -14.94
CA PHE A 430 2.26 9.32 -14.78
C PHE A 430 0.74 9.50 -14.66
N PHE A 431 -0.03 8.74 -15.44
CA PHE A 431 -1.49 8.89 -15.42
C PHE A 431 -2.08 8.37 -14.11
N THR A 432 -1.64 7.20 -13.67
CA THR A 432 -2.19 6.62 -12.44
C THR A 432 -1.76 7.42 -11.21
N THR A 433 -0.49 7.80 -11.14
CA THR A 433 0.03 8.50 -9.95
C THR A 433 -0.59 9.89 -9.77
N VAL A 434 -0.93 10.55 -10.87
CA VAL A 434 -1.70 11.79 -10.79
C VAL A 434 -3.15 11.49 -10.41
N MET A 435 -3.76 10.50 -11.04
CA MET A 435 -5.15 10.09 -10.75
C MET A 435 -5.35 9.61 -9.31
N GLN A 436 -4.41 8.79 -8.82
CA GLN A 436 -4.43 8.34 -7.41
C GLN A 436 -4.48 9.50 -6.42
N ASN A 437 -3.62 10.50 -6.63
CA ASN A 437 -3.43 11.60 -5.68
C ASN A 437 -4.36 12.78 -5.83
N PHE A 438 -5.04 12.87 -6.97
CA PHE A 438 -5.82 14.05 -7.30
C PHE A 438 -7.07 13.74 -8.09
N ARG A 439 -8.08 14.59 -7.93
CA ARG A 439 -9.16 14.68 -8.89
C ARG A 439 -9.04 15.96 -9.71
N LEU A 440 -9.58 15.94 -10.92
CA LEU A 440 -9.39 17.01 -11.90
C LEU A 440 -10.61 17.93 -11.92
N LYS A 441 -10.37 19.24 -11.92
CA LYS A 441 -11.46 20.23 -11.96
C LYS A 441 -11.25 21.36 -12.98
N SER A 442 -12.07 21.34 -14.03
CA SER A 442 -11.95 22.27 -15.17
C SER A 442 -12.41 23.68 -14.87
N SER A 443 -11.91 24.65 -15.64
CA SER A 443 -12.22 26.06 -15.43
C SER A 443 -13.60 26.45 -15.96
N GLN A 444 -14.10 25.64 -16.89
CA GLN A 444 -15.47 25.75 -17.38
C GLN A 444 -16.21 24.44 -17.09
N SER A 445 -17.54 24.44 -17.19
CA SER A 445 -18.36 23.22 -17.08
C SER A 445 -17.98 22.16 -18.13
N PRO A 446 -18.24 20.87 -17.84
CA PRO A 446 -17.92 19.78 -18.78
C PRO A 446 -18.48 19.94 -20.21
N LYS A 447 -19.69 20.46 -20.35
CA LYS A 447 -20.32 20.54 -21.67
C LYS A 447 -19.72 21.63 -22.58
N ASP A 448 -19.12 22.65 -21.96
CA ASP A 448 -18.53 23.77 -22.73
C ASP A 448 -17.03 23.59 -23.05
N ILE A 449 -16.47 22.43 -22.70
CA ILE A 449 -15.06 22.15 -23.00
C ILE A 449 -14.91 21.65 -24.44
N ASP A 450 -14.10 22.38 -25.20
CA ASP A 450 -13.76 22.02 -26.57
C ASP A 450 -12.54 21.08 -26.55
N VAL A 451 -12.78 19.81 -26.88
CA VAL A 451 -11.68 18.85 -27.02
C VAL A 451 -11.17 18.71 -28.47
N SER A 452 -11.67 19.53 -29.39
CA SER A 452 -11.17 19.48 -30.77
C SER A 452 -9.78 20.13 -30.83
N PRO A 453 -8.93 19.70 -31.76
CA PRO A 453 -7.55 20.22 -31.76
C PRO A 453 -7.45 21.72 -32.12
N LYS A 454 -6.43 22.39 -31.57
CA LYS A 454 -6.13 23.76 -31.94
C LYS A 454 -5.34 23.82 -33.25
N HIS A 455 -4.48 22.84 -33.47
CA HIS A 455 -3.68 22.73 -34.69
C HIS A 455 -3.51 21.26 -35.06
N VAL A 456 -3.67 20.94 -36.35
CA VAL A 456 -3.35 19.61 -36.86
C VAL A 456 -2.45 19.76 -38.08
N GLY A 457 -1.26 19.16 -38.03
CA GLY A 457 -0.35 19.08 -39.17
C GLY A 457 0.61 17.92 -38.97
N PHE A 458 1.89 18.22 -38.74
CA PHE A 458 2.81 17.20 -38.27
C PHE A 458 2.34 16.58 -36.94
N ALA A 459 1.72 17.41 -36.09
CA ALA A 459 1.21 16.94 -34.81
C ALA A 459 -0.22 17.39 -34.53
N THR A 460 -0.91 16.65 -33.67
CA THR A 460 -2.22 17.06 -33.15
C THR A 460 -1.98 17.82 -31.85
N ILE A 461 -2.32 19.10 -31.86
CA ILE A 461 -2.06 19.99 -30.72
C ILE A 461 -3.38 20.40 -30.05
N PRO A 462 -3.58 20.00 -28.77
CA PRO A 462 -4.81 20.36 -28.04
C PRO A 462 -4.82 21.84 -27.64
N ARG A 463 -6.03 22.39 -27.49
CA ARG A 463 -6.19 23.81 -27.15
C ARG A 463 -5.58 24.15 -25.80
N ASN A 464 -5.06 25.38 -25.70
CA ASN A 464 -4.61 25.95 -24.44
C ASN A 464 -5.74 25.87 -23.43
N TYR A 465 -5.44 25.33 -22.25
CA TYR A 465 -6.41 25.32 -21.16
C TYR A 465 -5.77 25.48 -19.78
N THR A 466 -6.62 25.78 -18.79
CA THR A 466 -6.21 25.81 -17.39
C THR A 466 -7.08 24.79 -16.67
N MET A 467 -6.61 24.32 -15.52
CA MET A 467 -7.27 23.27 -14.76
C MET A 467 -6.77 23.27 -13.32
N SER A 468 -7.45 22.52 -12.47
CA SER A 468 -7.05 22.45 -11.06
C SER A 468 -6.87 21.01 -10.60
N PHE A 469 -5.91 20.84 -9.70
CA PHE A 469 -5.60 19.52 -9.12
C PHE A 469 -5.94 19.49 -7.62
N LEU A 470 -6.98 18.73 -7.28
CA LEU A 470 -7.49 18.66 -5.89
C LEU A 470 -7.30 17.28 -5.28
N PRO A 471 -6.63 17.21 -4.10
CA PRO A 471 -6.26 15.99 -3.36
C PRO A 471 -7.49 15.17 -2.98
N ARG A 472 -7.33 13.85 -2.77
CA ARG A 472 -8.50 12.98 -2.56
C ARG A 472 -8.96 12.91 -1.10
N LYS B 10 16.94 1.66 3.65
CA LYS B 10 15.49 1.67 3.33
C LYS B 10 14.75 1.04 4.51
N LEU B 11 15.31 -0.03 5.03
CA LEU B 11 14.85 -0.70 6.24
C LEU B 11 15.24 0.17 7.44
N PRO B 12 14.40 0.19 8.50
CA PRO B 12 14.74 1.02 9.68
C PRO B 12 16.15 0.74 10.25
N PRO B 13 16.87 1.79 10.69
CA PRO B 13 18.25 1.52 11.12
C PRO B 13 18.28 0.66 12.39
N GLY B 14 19.40 0.01 12.63
CA GLY B 14 19.58 -0.81 13.83
C GLY B 14 21.01 -1.30 13.97
N PRO B 15 21.35 -1.95 15.10
CA PRO B 15 22.70 -2.45 15.33
C PRO B 15 23.06 -3.45 14.26
N THR B 16 24.35 -3.51 13.93
CA THR B 16 24.86 -4.49 12.98
C THR B 16 24.66 -5.89 13.57
N PRO B 17 23.88 -6.74 12.88
CA PRO B 17 23.70 -8.13 13.31
C PRO B 17 24.85 -9.05 12.88
N LEU B 18 25.17 -10.03 13.71
CA LEU B 18 26.05 -11.14 13.31
C LEU B 18 25.26 -12.28 12.61
N PRO B 19 25.94 -13.14 11.83
CA PRO B 19 25.18 -14.22 11.17
C PRO B 19 24.61 -15.21 12.17
N PHE B 20 23.36 -15.61 11.90
CA PHE B 20 22.52 -16.46 12.78
C PHE B 20 22.14 -15.84 14.14
N ILE B 21 23.12 -15.54 14.99
CA ILE B 21 22.82 -15.01 16.33
C ILE B 21 22.21 -13.60 16.34
N GLY B 22 22.27 -12.93 15.19
CA GLY B 22 21.68 -11.61 14.99
C GLY B 22 22.24 -10.56 15.92
N ASN B 23 21.35 -9.91 16.66
CA ASN B 23 21.76 -8.90 17.63
C ASN B 23 21.86 -9.42 19.05
N TYR B 24 21.92 -10.75 19.18
CA TYR B 24 22.01 -11.38 20.48
C TYR B 24 23.03 -10.76 21.47
N LEU B 25 24.18 -10.34 20.96
CA LEU B 25 25.25 -9.80 21.82
C LEU B 25 24.92 -8.41 22.38
N GLN B 26 24.01 -7.68 21.71
CA GLN B 26 23.59 -6.34 22.09
C GLN B 26 22.26 -6.34 22.90
N LEU B 27 21.80 -7.53 23.27
CA LEU B 27 20.55 -7.68 24.06
C LEU B 27 20.80 -8.45 25.34
N ASN B 28 19.89 -8.28 26.30
CA ASN B 28 19.88 -9.09 27.52
C ASN B 28 18.57 -9.85 27.63
N THR B 29 18.63 -11.16 27.42
CA THR B 29 17.43 -11.97 27.35
C THR B 29 16.56 -11.90 28.62
N GLU B 30 17.17 -11.56 29.75
CA GLU B 30 16.42 -11.40 30.99
C GLU B 30 15.65 -10.09 31.05
N GLN B 31 16.04 -9.14 30.20
CA GLN B 31 15.47 -7.81 30.18
C GLN B 31 15.33 -7.30 28.73
N MET B 32 14.54 -8.00 27.92
CA MET B 32 14.28 -7.59 26.54
C MET B 32 13.71 -6.18 26.42
N TYR B 33 12.79 -5.82 27.31
CA TYR B 33 12.16 -4.50 27.22
C TYR B 33 13.18 -3.38 27.39
N ASN B 34 13.98 -3.46 28.46
CA ASN B 34 15.02 -2.46 28.73
C ASN B 34 16.09 -2.47 27.64
N SER B 35 16.53 -3.66 27.24
CA SER B 35 17.45 -3.84 26.10
C SER B 35 16.99 -3.11 24.85
N LEU B 36 15.73 -3.30 24.49
CA LEU B 36 15.20 -2.72 23.27
C LEU B 36 15.00 -1.22 23.40
N MET B 37 14.63 -0.78 24.61
CA MET B 37 14.59 0.64 24.95
C MET B 37 16.00 1.26 24.97
N LYS B 38 16.97 0.57 25.57
CA LYS B 38 18.37 1.05 25.52
C LYS B 38 18.78 1.36 24.08
N ILE B 39 18.43 0.47 23.16
CA ILE B 39 18.76 0.63 21.74
C ILE B 39 18.01 1.76 21.02
N SER B 40 16.77 2.04 21.41
CA SER B 40 15.98 3.13 20.78
C SER B 40 16.48 4.56 21.06
N GLU B 41 17.17 4.76 22.19
CA GLU B 41 17.81 6.04 22.50
C GLU B 41 18.83 6.45 21.41
N ARG B 42 19.41 5.44 20.79
CA ARG B 42 20.54 5.56 19.87
C ARG B 42 20.03 5.65 18.44
N TYR B 43 19.12 4.76 18.08
CA TYR B 43 18.62 4.64 16.71
C TYR B 43 17.25 5.26 16.48
N GLY B 44 16.56 5.61 17.58
CA GLY B 44 15.24 6.25 17.49
C GLY B 44 14.03 5.36 17.76
N PRO B 45 12.82 5.93 17.62
CA PRO B 45 11.56 5.24 18.01
C PRO B 45 11.22 4.02 17.15
N VAL B 46 11.67 4.02 15.90
CA VAL B 46 11.39 2.91 15.01
C VAL B 46 12.72 2.37 14.57
N PHE B 47 12.99 1.11 14.95
CA PHE B 47 14.25 0.44 14.57
C PHE B 47 14.10 -1.07 14.27
N THR B 48 15.15 -1.63 13.66
CA THR B 48 15.17 -3.00 13.22
C THR B 48 16.09 -3.75 14.15
N ILE B 49 15.61 -4.90 14.65
CA ILE B 49 16.41 -5.78 15.50
C ILE B 49 16.39 -7.21 14.92
N HIS B 50 17.47 -7.94 15.20
CA HIS B 50 17.56 -9.32 14.72
C HIS B 50 17.56 -10.23 15.92
N LEU B 51 16.37 -10.74 16.24
CA LEU B 51 16.19 -11.73 17.29
C LEU B 51 16.62 -13.09 16.73
N GLY B 52 17.94 -13.33 16.81
CA GLY B 52 18.54 -14.43 16.08
C GLY B 52 18.33 -14.11 14.62
N PRO B 53 17.85 -15.10 13.84
CA PRO B 53 17.56 -14.85 12.42
C PRO B 53 16.26 -14.08 12.18
N ARG B 54 15.43 -13.88 13.21
CA ARG B 54 14.17 -13.11 13.09
C ARG B 54 14.41 -11.58 13.03
N ARG B 55 14.11 -11.02 11.87
CA ARG B 55 14.25 -9.59 11.62
C ARG B 55 12.93 -8.94 12.03
N VAL B 56 13.02 -8.01 12.97
CA VAL B 56 11.85 -7.43 13.59
C VAL B 56 11.98 -5.91 13.62
N VAL B 57 10.92 -5.23 13.21
CA VAL B 57 10.82 -3.79 13.38
C VAL B 57 10.15 -3.51 14.71
N VAL B 58 10.84 -2.71 15.51
CA VAL B 58 10.39 -2.32 16.83
C VAL B 58 9.80 -0.90 16.80
N LEU B 59 8.59 -0.77 17.36
CA LEU B 59 7.85 0.48 17.44
C LEU B 59 7.77 0.95 18.89
N CYS B 60 8.37 2.10 19.20
CA CYS B 60 8.34 2.65 20.56
C CYS B 60 7.62 3.99 20.67
N GLY B 61 6.79 4.12 21.70
CA GLY B 61 6.08 5.34 21.98
C GLY B 61 4.75 5.35 21.27
N HIS B 62 3.82 6.14 21.79
CA HIS B 62 2.46 6.24 21.24
C HIS B 62 2.43 6.57 19.74
N ASP B 63 3.17 7.60 19.36
CA ASP B 63 3.04 8.12 18.00
C ASP B 63 3.30 7.05 16.91
N ALA B 64 4.42 6.36 17.02
CA ALA B 64 4.81 5.32 16.06
C ALA B 64 3.89 4.07 16.09
N VAL B 65 3.51 3.64 17.29
CA VAL B 65 2.59 2.53 17.44
C VAL B 65 1.22 2.86 16.82
N ARG B 66 0.68 4.04 17.13
CA ARG B 66 -0.60 4.45 16.56
C ARG B 66 -0.48 4.60 15.05
N GLU B 67 0.55 5.31 14.61
CA GLU B 67 0.78 5.50 13.18
C GLU B 67 0.72 4.19 12.38
N ALA B 68 1.43 3.15 12.87
CA ALA B 68 1.45 1.86 12.19
C ALA B 68 0.16 1.08 12.35
N LEU B 69 -0.27 0.87 13.59
CA LEU B 69 -1.36 -0.05 13.88
C LEU B 69 -2.76 0.50 13.59
N VAL B 70 -2.92 1.82 13.71
CA VAL B 70 -4.20 2.42 13.32
C VAL B 70 -4.13 3.10 11.96
N ASP B 71 -3.25 4.08 11.80
CA ASP B 71 -3.18 4.89 10.58
C ASP B 71 -2.88 4.05 9.35
N GLN B 72 -2.10 2.99 9.55
CA GLN B 72 -1.84 2.02 8.48
C GLN B 72 -2.31 0.61 8.85
N ALA B 73 -3.54 0.53 9.36
CA ALA B 73 -4.13 -0.70 9.93
C ALA B 73 -4.02 -1.95 9.06
N GLU B 74 -4.51 -1.84 7.82
CA GLU B 74 -4.51 -2.96 6.88
C GLU B 74 -3.09 -3.50 6.69
N GLU B 75 -2.12 -2.60 6.51
CA GLU B 75 -0.74 -2.99 6.28
C GLU B 75 -0.14 -3.73 7.47
N PHE B 76 -0.49 -3.32 8.69
CA PHE B 76 0.07 -3.94 9.90
C PHE B 76 -0.84 -5.00 10.55
N SER B 77 -1.81 -5.51 9.79
CA SER B 77 -2.84 -6.43 10.30
C SER B 77 -2.46 -7.92 10.37
N GLY B 78 -1.26 -8.27 9.94
CA GLY B 78 -0.81 -9.66 9.98
C GLY B 78 -0.33 -10.08 11.36
N ARG B 79 -0.41 -11.38 11.64
CA ARG B 79 0.05 -11.94 12.91
C ARG B 79 1.50 -12.41 12.81
N GLY B 80 2.34 -11.95 13.73
CA GLY B 80 3.72 -12.47 13.89
C GLY B 80 3.81 -13.71 14.77
N GLU B 81 5.03 -14.09 15.16
CA GLU B 81 5.23 -15.28 16.01
C GLU B 81 5.46 -14.98 17.51
N GLN B 82 4.92 -15.87 18.35
CA GLN B 82 5.41 -16.11 19.70
C GLN B 82 5.80 -17.60 19.75
N ALA B 83 7.08 -17.87 19.55
CA ALA B 83 7.59 -19.23 19.35
C ALA B 83 7.15 -20.30 20.40
N THR B 84 7.06 -19.91 21.66
CA THR B 84 6.65 -20.89 22.67
C THR B 84 5.21 -21.37 22.44
N PHE B 85 4.28 -20.43 22.33
CA PHE B 85 2.87 -20.77 22.12
C PHE B 85 2.63 -21.46 20.77
N ASP B 86 3.30 -20.98 19.74
CA ASP B 86 3.16 -21.52 18.39
C ASP B 86 3.74 -22.95 18.26
N TRP B 87 4.47 -23.39 19.28
CA TRP B 87 4.88 -24.80 19.40
C TRP B 87 3.63 -25.70 19.43
N VAL B 88 2.61 -25.31 20.19
CA VAL B 88 1.39 -26.09 20.24
C VAL B 88 0.43 -25.67 19.10
N PHE B 89 0.35 -24.37 18.83
CA PHE B 89 -0.63 -23.86 17.86
C PHE B 89 -0.28 -24.13 16.40
N LYS B 90 0.97 -23.87 16.03
CA LYS B 90 1.48 -24.12 14.67
C LYS B 90 0.68 -23.44 13.54
N GLY B 91 0.29 -22.19 13.78
CA GLY B 91 -0.43 -21.38 12.80
C GLY B 91 -1.93 -21.58 12.80
N TYR B 92 -2.39 -22.60 13.52
CA TYR B 92 -3.82 -22.93 13.62
C TYR B 92 -4.48 -22.17 14.78
N GLY B 93 -5.81 -22.04 14.73
CA GLY B 93 -6.56 -21.34 15.75
C GLY B 93 -6.55 -19.84 15.47
N VAL B 94 -7.49 -19.12 16.05
CA VAL B 94 -7.63 -17.68 15.77
C VAL B 94 -6.38 -16.79 16.02
N VAL B 95 -5.68 -16.99 17.14
CA VAL B 95 -4.59 -16.10 17.54
C VAL B 95 -3.43 -16.08 16.53
N PHE B 96 -2.95 -17.25 16.15
CA PHE B 96 -1.74 -17.33 15.36
C PHE B 96 -1.96 -17.59 13.88
N SER B 97 -3.22 -17.52 13.45
CA SER B 97 -3.55 -17.66 12.04
C SER B 97 -3.38 -16.35 11.28
N ASN B 98 -3.30 -16.47 9.97
CA ASN B 98 -3.26 -15.34 9.03
C ASN B 98 -4.22 -15.55 7.87
N GLY B 99 -4.40 -14.51 7.05
CA GLY B 99 -5.10 -14.63 5.77
C GLY B 99 -6.59 -14.89 5.91
N GLU B 100 -7.10 -15.82 5.11
CA GLU B 100 -8.49 -16.29 5.23
C GLU B 100 -8.77 -16.95 6.57
N ARG B 101 -7.83 -17.74 7.09
CA ARG B 101 -8.01 -18.39 8.40
C ARG B 101 -8.38 -17.38 9.49
N ALA B 102 -7.56 -16.33 9.65
CA ALA B 102 -7.77 -15.25 10.63
C ALA B 102 -9.12 -14.55 10.50
N LYS B 103 -9.41 -14.00 9.32
CA LYS B 103 -10.68 -13.30 9.03
C LYS B 103 -11.90 -14.16 9.37
N GLN B 104 -11.82 -15.44 9.01
CA GLN B 104 -12.87 -16.42 9.23
C GLN B 104 -13.04 -16.75 10.73
N LEU B 105 -11.95 -17.18 11.37
CA LEU B 105 -11.94 -17.56 12.77
C LEU B 105 -12.22 -16.39 13.74
N ARG B 106 -11.69 -15.21 13.42
CA ARG B 106 -11.98 -14.02 14.21
C ARG B 106 -13.47 -13.66 14.15
N ARG B 107 -14.03 -13.65 12.94
CA ARG B 107 -15.45 -13.33 12.75
C ARG B 107 -16.34 -14.34 13.48
N PHE B 108 -16.01 -15.63 13.38
CA PHE B 108 -16.81 -16.66 14.06
C PHE B 108 -16.74 -16.53 15.58
N SER B 109 -15.52 -16.30 16.09
CA SER B 109 -15.28 -16.17 17.53
C SER B 109 -16.04 -15.01 18.17
N ILE B 110 -15.91 -13.81 17.60
CA ILE B 110 -16.54 -12.60 18.14
C ILE B 110 -18.07 -12.76 18.20
N ALA B 111 -18.66 -13.14 17.07
CA ALA B 111 -20.09 -13.42 16.94
C ALA B 111 -20.61 -14.51 17.88
N THR B 112 -19.83 -15.58 18.07
CA THR B 112 -20.24 -16.68 18.93
C THR B 112 -20.17 -16.27 20.40
N LEU B 113 -19.13 -15.53 20.75
CA LEU B 113 -18.99 -14.90 22.08
C LEU B 113 -20.18 -13.99 22.43
N ARG B 114 -20.68 -13.27 21.42
CA ARG B 114 -21.89 -12.45 21.57
C ARG B 114 -23.17 -13.26 21.80
N ASP B 115 -23.37 -14.31 21.00
CA ASP B 115 -24.49 -15.23 21.16
C ASP B 115 -24.51 -15.88 22.55
N PHE B 116 -23.35 -15.96 23.21
CA PHE B 116 -23.32 -16.44 24.59
C PHE B 116 -23.35 -15.33 25.66
N GLY B 117 -23.52 -14.10 25.21
CA GLY B 117 -23.86 -13.00 26.11
C GLY B 117 -22.77 -12.03 26.50
N VAL B 118 -21.62 -12.12 25.85
CA VAL B 118 -20.55 -11.11 26.04
C VAL B 118 -21.08 -9.75 25.56
N GLY B 119 -21.01 -8.75 26.44
CA GLY B 119 -21.49 -7.41 26.12
C GLY B 119 -22.95 -7.22 26.45
N LYS B 120 -23.55 -8.22 27.11
CA LYS B 120 -24.99 -8.23 27.46
C LYS B 120 -25.24 -8.63 28.92
N ARG B 121 -26.49 -8.43 29.36
CA ARG B 121 -26.96 -8.84 30.69
C ARG B 121 -26.55 -10.29 31.06
N GLY B 122 -26.64 -11.21 30.10
CA GLY B 122 -26.27 -12.62 30.28
C GLY B 122 -24.91 -12.88 30.93
N ILE B 123 -23.83 -12.40 30.31
CA ILE B 123 -22.49 -12.60 30.86
C ILE B 123 -22.26 -11.77 32.11
N GLU B 124 -22.91 -10.61 32.18
CA GLU B 124 -22.85 -9.80 33.37
C GLU B 124 -23.39 -10.56 34.59
N GLU B 125 -24.57 -11.16 34.47
CA GLU B 125 -25.15 -11.99 35.56
C GLU B 125 -24.15 -13.07 35.99
N ARG B 126 -23.53 -13.69 35.00
CA ARG B 126 -22.57 -14.77 35.23
CA ARG B 126 -22.54 -14.76 35.18
C ARG B 126 -21.36 -14.27 36.02
N ILE B 127 -20.83 -13.10 35.66
CA ILE B 127 -19.70 -12.50 36.39
C ILE B 127 -20.10 -12.16 37.82
N GLN B 128 -21.28 -11.58 38.00
CA GLN B 128 -21.82 -11.32 39.34
C GLN B 128 -21.93 -12.61 40.17
N GLU B 129 -22.47 -13.67 39.58
CA GLU B 129 -22.57 -14.96 40.27
C GLU B 129 -21.16 -15.40 40.75
N GLU B 130 -20.20 -15.35 39.84
CA GLU B 130 -18.86 -15.84 40.11
C GLU B 130 -18.13 -14.93 41.11
N ALA B 131 -18.41 -13.62 41.07
CA ALA B 131 -17.93 -12.64 42.05
C ALA B 131 -18.35 -12.95 43.51
N GLY B 132 -19.61 -13.31 43.71
CA GLY B 132 -20.11 -13.82 44.97
C GLY B 132 -19.49 -15.14 45.43
N PHE B 133 -19.19 -16.05 44.49
CA PHE B 133 -18.42 -17.28 44.86
C PHE B 133 -16.99 -16.95 45.30
N LEU B 134 -16.37 -15.96 44.66
CA LEU B 134 -15.06 -15.46 45.13
C LEU B 134 -15.15 -14.96 46.57
N ILE B 135 -16.13 -14.09 46.82
CA ILE B 135 -16.45 -13.58 48.16
C ILE B 135 -16.65 -14.72 49.19
N ASP B 136 -17.45 -15.73 48.83
CA ASP B 136 -17.63 -16.90 49.69
C ASP B 136 -16.27 -17.58 49.98
N ALA B 137 -15.50 -17.86 48.93
CA ALA B 137 -14.16 -18.43 49.08
C ALA B 137 -13.24 -17.60 49.98
N LEU B 138 -13.24 -16.28 49.79
CA LEU B 138 -12.40 -15.38 50.57
C LEU B 138 -12.81 -15.29 52.05
N ARG B 139 -14.11 -15.30 52.31
CA ARG B 139 -14.60 -15.42 53.68
C ARG B 139 -14.09 -16.73 54.30
N GLY B 140 -14.09 -17.80 53.49
CA GLY B 140 -13.66 -19.13 53.92
C GLY B 140 -12.25 -19.23 54.48
N THR B 141 -11.38 -18.33 54.03
CA THR B 141 -10.03 -18.21 54.58
C THR B 141 -10.01 -17.66 56.02
N GLY B 142 -11.15 -17.13 56.48
CA GLY B 142 -11.29 -16.58 57.84
C GLY B 142 -10.40 -15.39 58.19
N GLY B 143 -9.86 -14.72 57.17
CA GLY B 143 -8.99 -13.56 57.36
C GLY B 143 -7.53 -13.92 57.52
N ALA B 144 -7.19 -15.17 57.23
CA ALA B 144 -5.81 -15.66 57.28
C ALA B 144 -4.98 -15.16 56.09
N ASN B 145 -3.65 -15.23 56.23
CA ASN B 145 -2.75 -14.95 55.11
C ASN B 145 -2.75 -16.06 54.05
N ILE B 146 -3.05 -15.68 52.81
CA ILE B 146 -3.09 -16.64 51.69
C ILE B 146 -2.34 -16.12 50.46
N ASP B 147 -1.92 -17.06 49.62
CA ASP B 147 -1.52 -16.78 48.25
C ASP B 147 -2.84 -16.62 47.51
N PRO B 148 -3.13 -15.42 46.98
CA PRO B 148 -4.43 -15.21 46.35
C PRO B 148 -4.48 -15.64 44.88
N THR B 149 -3.34 -16.06 44.34
CA THR B 149 -3.19 -16.39 42.91
C THR B 149 -4.33 -17.24 42.38
N PHE B 150 -4.61 -18.35 43.05
CA PHE B 150 -5.50 -19.35 42.50
C PHE B 150 -6.93 -19.12 42.86
N PHE B 151 -7.16 -18.42 43.96
CA PHE B 151 -8.50 -17.95 44.27
C PHE B 151 -8.96 -17.05 43.13
N LEU B 152 -8.07 -16.14 42.77
CA LEU B 152 -8.34 -15.14 41.76
C LEU B 152 -8.53 -15.76 40.37
N SER B 153 -7.65 -16.68 39.99
CA SER B 153 -7.75 -17.31 38.67
C SER B 153 -8.87 -18.37 38.57
N ARG B 154 -9.22 -19.02 39.69
CA ARG B 154 -10.41 -19.91 39.69
C ARG B 154 -11.69 -19.16 39.32
N THR B 155 -11.88 -17.98 39.91
CA THR B 155 -13.04 -17.13 39.62
C THR B 155 -13.03 -16.68 38.16
N VAL B 156 -11.93 -16.05 37.73
CA VAL B 156 -11.78 -15.51 36.39
C VAL B 156 -11.99 -16.58 35.33
N SER B 157 -11.26 -17.68 35.46
CA SER B 157 -11.33 -18.75 34.48
C SER B 157 -12.74 -19.33 34.30
N ASN B 158 -13.54 -19.30 35.36
CA ASN B 158 -14.88 -19.86 35.30
C ASN B 158 -15.85 -19.08 34.43
N VAL B 159 -15.58 -17.81 34.21
CA VAL B 159 -16.41 -17.03 33.31
C VAL B 159 -16.21 -17.57 31.89
N ILE B 160 -15.00 -17.47 31.36
CA ILE B 160 -14.77 -18.01 30.01
C ILE B 160 -15.08 -19.51 29.92
N SER B 161 -14.83 -20.25 31.01
CA SER B 161 -15.12 -21.68 31.01
C SER B 161 -16.63 -21.95 30.74
N SER B 162 -17.48 -21.22 31.46
CA SER B 162 -18.93 -21.17 31.18
C SER B 162 -19.27 -21.07 29.68
N ILE B 163 -18.61 -20.15 28.98
CA ILE B 163 -18.83 -19.94 27.56
C ILE B 163 -18.29 -21.09 26.73
N VAL B 164 -17.02 -21.46 26.92
CA VAL B 164 -16.40 -22.46 26.06
C VAL B 164 -16.79 -23.91 26.34
N PHE B 165 -16.97 -24.25 27.61
CA PHE B 165 -17.16 -25.65 28.05
C PHE B 165 -18.56 -25.94 28.56
N GLY B 166 -19.41 -24.91 28.63
CA GLY B 166 -20.81 -25.09 28.96
C GLY B 166 -21.15 -24.92 30.42
N ASP B 167 -20.18 -25.20 31.28
CA ASP B 167 -20.34 -24.99 32.71
C ASP B 167 -19.03 -24.60 33.40
N ARG B 168 -19.15 -24.09 34.62
CA ARG B 168 -17.99 -23.68 35.42
C ARG B 168 -17.36 -24.89 36.11
N PHE B 169 -16.14 -24.72 36.59
CA PHE B 169 -15.49 -25.69 37.46
C PHE B 169 -15.82 -25.41 38.92
N ASP B 170 -16.09 -26.48 39.66
CA ASP B 170 -16.03 -26.54 41.11
C ASP B 170 -14.65 -26.03 41.57
N TYR B 171 -14.59 -25.30 42.69
CA TYR B 171 -13.31 -24.77 43.19
C TYR B 171 -12.35 -25.83 43.72
N LYS B 172 -12.88 -26.99 44.10
CA LYS B 172 -12.11 -28.08 44.69
C LYS B 172 -11.64 -29.11 43.65
N ASP B 173 -12.19 -29.01 42.43
CA ASP B 173 -11.73 -29.76 41.26
C ASP B 173 -10.19 -29.69 41.12
N LYS B 174 -9.54 -30.84 41.20
CA LYS B 174 -8.07 -30.93 41.16
C LYS B 174 -7.49 -30.87 39.74
N GLU B 175 -8.23 -31.39 38.75
CA GLU B 175 -7.87 -31.19 37.35
C GLU B 175 -7.88 -29.69 36.99
N PHE B 176 -8.89 -28.96 37.51
CA PHE B 176 -9.01 -27.49 37.33
C PHE B 176 -7.76 -26.73 37.77
N LEU B 177 -7.30 -26.99 38.99
CA LEU B 177 -6.09 -26.36 39.54
C LEU B 177 -4.81 -26.74 38.78
N SER B 178 -4.73 -27.97 38.28
CA SER B 178 -3.53 -28.37 37.58
C SER B 178 -3.43 -27.65 36.21
N LEU B 179 -4.59 -27.24 35.67
CA LEU B 179 -4.66 -26.52 34.40
C LEU B 179 -4.19 -25.10 34.62
N LEU B 180 -4.57 -24.56 35.76
CA LEU B 180 -4.19 -23.22 36.13
C LEU B 180 -2.68 -23.18 36.33
N ARG B 181 -2.14 -24.27 36.90
CA ARG B 181 -0.69 -24.40 37.08
C ARG B 181 0.03 -24.52 35.76
N MET B 182 -0.59 -25.19 34.79
CA MET B 182 -0.04 -25.29 33.44
C MET B 182 0.01 -23.90 32.81
N MET B 183 -1.06 -23.12 32.97
CA MET B 183 -1.13 -21.76 32.43
C MET B 183 -0.09 -20.82 33.04
N LEU B 184 0.02 -20.82 34.37
CA LEU B 184 1.00 -20.00 35.06
C LEU B 184 2.42 -20.40 34.66
N GLY B 185 2.66 -21.70 34.53
CA GLY B 185 3.97 -22.21 34.11
C GLY B 185 4.45 -21.73 32.75
N ILE B 186 3.52 -21.67 31.78
CA ILE B 186 3.84 -21.23 30.41
C ILE B 186 4.22 -19.75 30.40
N PHE B 187 3.36 -18.91 30.96
CA PHE B 187 3.55 -17.46 31.01
C PHE B 187 4.81 -17.03 31.77
N GLN B 188 5.03 -17.65 32.92
CA GLN B 188 6.28 -17.51 33.63
C GLN B 188 7.46 -17.83 32.71
N PHE B 189 7.41 -18.97 32.01
CA PHE B 189 8.50 -19.35 31.14
C PHE B 189 8.80 -18.36 30.01
N THR B 190 7.77 -17.90 29.30
CA THR B 190 7.93 -16.93 28.21
C THR B 190 8.37 -15.54 28.72
N SER B 191 8.47 -15.40 30.03
CA SER B 191 8.99 -14.17 30.61
C SER B 191 10.38 -14.27 31.24
N THR B 192 11.00 -15.47 31.26
CA THR B 192 12.38 -15.66 31.78
C THR B 192 13.42 -15.40 30.70
N SER B 193 14.71 -15.44 31.04
CA SER B 193 15.74 -15.29 29.97
C SER B 193 15.68 -16.44 28.96
N THR B 194 15.52 -17.67 29.45
CA THR B 194 15.44 -18.84 28.57
C THR B 194 14.25 -18.72 27.60
N GLY B 195 13.08 -18.36 28.13
CA GLY B 195 11.91 -18.06 27.31
C GLY B 195 12.19 -17.00 26.26
N GLN B 196 12.98 -15.99 26.62
CA GLN B 196 13.36 -14.98 25.65
C GLN B 196 14.50 -15.44 24.74
N LEU B 197 15.42 -16.25 25.26
CA LEU B 197 16.39 -16.96 24.42
C LEU B 197 15.65 -17.80 23.35
N TYR B 198 14.56 -18.45 23.77
CA TYR B 198 13.75 -19.31 22.92
C TYR B 198 13.19 -18.59 21.69
N GLU B 199 12.71 -17.38 21.89
CA GLU B 199 12.23 -16.56 20.78
C GLU B 199 13.25 -16.35 19.67
N MET B 200 14.55 -16.33 20.01
CA MET B 200 15.60 -16.13 19.01
C MET B 200 16.06 -17.46 18.40
N PHE B 201 16.14 -18.50 19.21
CA PHE B 201 16.82 -19.74 18.80
C PHE B 201 15.97 -21.02 18.83
N SER B 202 14.68 -20.86 18.56
CA SER B 202 13.68 -21.94 18.67
C SER B 202 13.93 -23.11 17.72
N SER B 203 14.51 -22.82 16.57
CA SER B 203 14.82 -23.87 15.60
C SER B 203 15.83 -24.86 16.18
N VAL B 204 16.66 -24.39 17.12
CA VAL B 204 17.61 -25.25 17.79
C VAL B 204 17.01 -25.77 19.09
N MET B 205 16.59 -24.82 19.94
CA MET B 205 16.18 -25.08 21.33
C MET B 205 14.95 -25.98 21.50
N LYS B 206 14.05 -26.01 20.52
CA LYS B 206 12.91 -26.93 20.58
C LYS B 206 13.33 -28.40 20.68
N HIS B 207 14.57 -28.69 20.31
CA HIS B 207 15.09 -30.03 20.26
C HIS B 207 16.03 -30.35 21.43
N LEU B 208 16.26 -29.35 22.29
CA LEU B 208 17.25 -29.49 23.37
C LEU B 208 16.58 -29.64 24.73
N PRO B 209 17.24 -30.32 25.68
CA PRO B 209 16.73 -30.33 27.05
C PRO B 209 16.79 -28.94 27.70
N GLY B 210 15.95 -28.75 28.72
CA GLY B 210 15.88 -27.48 29.44
C GLY B 210 14.46 -27.13 29.83
N PRO B 211 14.27 -25.91 30.38
CA PRO B 211 12.92 -25.52 30.83
C PRO B 211 11.89 -25.44 29.70
N GLN B 212 12.32 -25.17 28.46
CA GLN B 212 11.38 -25.17 27.33
C GLN B 212 10.63 -26.52 27.14
N GLN B 213 11.27 -27.64 27.47
CA GLN B 213 10.59 -28.94 27.41
C GLN B 213 9.41 -29.11 28.39
N GLN B 214 9.56 -28.68 29.64
CA GLN B 214 8.47 -28.59 30.60
C GLN B 214 7.38 -27.65 30.11
N ALA B 215 7.78 -26.54 29.46
CA ALA B 215 6.82 -25.57 28.95
C ALA B 215 5.95 -26.23 27.87
N PHE B 216 6.56 -27.07 27.04
CA PHE B 216 5.84 -27.78 25.99
C PHE B 216 4.84 -28.82 26.56
N GLN B 217 5.24 -29.50 27.63
CA GLN B 217 4.40 -30.51 28.29
C GLN B 217 3.19 -29.89 29.01
N LEU B 218 3.38 -28.68 29.53
CA LEU B 218 2.26 -27.90 30.06
C LEU B 218 1.29 -27.53 28.93
N LEU B 219 1.82 -27.07 27.80
CA LEU B 219 1.02 -26.78 26.61
C LEU B 219 0.28 -28.00 26.09
N GLN B 220 0.97 -29.15 26.06
CA GLN B 220 0.37 -30.40 25.58
C GLN B 220 -0.71 -30.91 26.53
N GLY B 221 -0.53 -30.69 27.84
CA GLY B 221 -1.53 -31.01 28.85
C GLY B 221 -2.83 -30.23 28.66
N LEU B 222 -2.72 -28.94 28.35
CA LEU B 222 -3.88 -28.09 28.11
C LEU B 222 -4.60 -28.45 26.80
N GLU B 223 -3.82 -28.82 25.78
CA GLU B 223 -4.36 -29.28 24.50
C GLU B 223 -5.16 -30.59 24.65
N ASP B 224 -4.67 -31.49 25.50
CA ASP B 224 -5.31 -32.79 25.67
C ASP B 224 -6.60 -32.61 26.46
N PHE B 225 -6.57 -31.75 27.48
CA PHE B 225 -7.79 -31.39 28.15
C PHE B 225 -8.84 -30.83 27.18
N ILE B 226 -8.43 -29.90 26.31
CA ILE B 226 -9.34 -29.32 25.31
C ILE B 226 -9.87 -30.36 24.33
N ALA B 227 -8.99 -31.18 23.76
CA ALA B 227 -9.39 -32.25 22.84
C ALA B 227 -10.37 -33.23 23.50
N LYS B 228 -10.14 -33.53 24.77
CA LYS B 228 -11.05 -34.34 25.59
C LYS B 228 -12.44 -33.71 25.79
N LYS B 229 -12.49 -32.43 26.11
CA LYS B 229 -13.78 -31.69 26.14
C LYS B 229 -14.49 -31.72 24.79
N VAL B 230 -13.73 -31.60 23.71
CA VAL B 230 -14.31 -31.58 22.37
C VAL B 230 -14.94 -32.93 21.98
N GLU B 231 -14.20 -34.02 22.21
CA GLU B 231 -14.69 -35.40 21.99
C GLU B 231 -16.01 -35.68 22.72
N HIS B 232 -16.11 -35.21 23.97
CA HIS B 232 -17.33 -35.36 24.75
C HIS B 232 -18.51 -34.63 24.11
N ASN B 233 -18.32 -33.36 23.75
CA ASN B 233 -19.35 -32.55 23.11
C ASN B 233 -19.86 -33.17 21.81
N GLN B 234 -18.94 -33.66 20.97
CA GLN B 234 -19.25 -34.34 19.70
C GLN B 234 -20.16 -35.55 19.84
N ARG B 235 -20.00 -36.26 20.95
CA ARG B 235 -20.69 -37.52 21.25
C ARG B 235 -22.08 -37.26 21.90
N THR B 236 -22.44 -36.00 22.03
CA THR B 236 -23.62 -35.62 22.80
C THR B 236 -24.30 -34.36 22.23
N LEU B 237 -23.85 -33.95 21.05
CA LEU B 237 -24.26 -32.71 20.42
C LEU B 237 -25.73 -32.69 19.96
N ASP B 238 -26.41 -31.57 20.20
CA ASP B 238 -27.71 -31.28 19.59
C ASP B 238 -27.49 -30.11 18.61
N PRO B 239 -27.52 -30.40 17.29
CA PRO B 239 -27.25 -29.37 16.28
C PRO B 239 -28.24 -28.20 16.31
N ASN B 240 -29.24 -28.27 17.17
CA ASN B 240 -30.24 -27.21 17.31
C ASN B 240 -30.25 -26.59 18.69
N SER B 241 -29.44 -27.15 19.58
CA SER B 241 -29.32 -26.65 20.93
C SER B 241 -27.84 -26.73 21.34
N PRO B 242 -27.02 -25.82 20.79
CA PRO B 242 -25.62 -25.71 21.19
C PRO B 242 -25.49 -25.17 22.62
N ARG B 243 -24.71 -25.86 23.44
CA ARG B 243 -24.53 -25.53 24.87
C ARG B 243 -23.38 -24.55 25.12
N ASP B 244 -22.46 -24.45 24.18
CA ASP B 244 -21.21 -23.71 24.39
C ASP B 244 -20.49 -23.37 23.08
N PHE B 245 -19.38 -22.65 23.20
CA PHE B 245 -18.56 -22.29 22.05
C PHE B 245 -18.21 -23.51 21.17
N ILE B 246 -17.86 -24.62 21.82
CA ILE B 246 -17.46 -25.85 21.14
C ILE B 246 -18.57 -26.39 20.22
N ASP B 247 -19.78 -26.49 20.78
CA ASP B 247 -20.96 -26.91 20.03
C ASP B 247 -21.18 -26.05 18.79
N SER B 248 -21.17 -24.72 18.97
CA SER B 248 -21.34 -23.76 17.86
C SER B 248 -20.37 -24.04 16.73
N PHE B 249 -19.09 -24.22 17.10
CA PHE B 249 -18.03 -24.54 16.16
C PHE B 249 -18.26 -25.91 15.49
N LEU B 250 -18.73 -26.89 16.26
CA LEU B 250 -18.97 -28.25 15.75
C LEU B 250 -20.05 -28.31 14.67
N ILE B 251 -21.10 -27.51 14.88
CA ILE B 251 -22.24 -27.38 13.99
C ILE B 251 -21.81 -26.69 12.68
N ARG B 252 -20.94 -25.69 12.82
CA ARG B 252 -20.38 -24.98 11.68
C ARG B 252 -19.56 -25.93 10.84
N MET B 253 -18.73 -26.75 11.49
CA MET B 253 -17.94 -27.79 10.84
C MET B 253 -18.81 -28.76 10.05
N GLN B 254 -19.93 -29.21 10.64
CA GLN B 254 -20.96 -30.00 9.95
C GLN B 254 -21.45 -29.31 8.67
N GLU B 255 -21.89 -28.06 8.78
CA GLU B 255 -22.34 -27.27 7.62
C GLU B 255 -21.26 -26.96 6.57
N GLU B 256 -20.00 -27.21 6.92
CA GLU B 256 -18.86 -26.94 6.03
C GLU B 256 -18.18 -28.22 5.54
N GLU B 257 -18.69 -29.37 5.97
CA GLU B 257 -18.16 -30.67 5.58
C GLU B 257 -17.97 -30.84 4.06
N LYS B 258 -18.81 -30.18 3.27
CA LYS B 258 -18.70 -30.23 1.79
C LYS B 258 -18.05 -28.97 1.19
N ASN B 259 -17.20 -28.31 1.98
CA ASN B 259 -16.30 -27.29 1.46
C ASN B 259 -14.87 -27.80 1.71
N PRO B 260 -14.12 -28.09 0.62
CA PRO B 260 -12.77 -28.63 0.73
C PRO B 260 -11.75 -27.60 1.25
N ASN B 261 -12.10 -26.33 1.14
CA ASN B 261 -11.23 -25.21 1.52
C ASN B 261 -11.71 -24.51 2.81
N THR B 262 -12.51 -25.21 3.59
CA THR B 262 -13.06 -24.63 4.82
C THR B 262 -11.96 -24.48 5.88
N GLU B 263 -12.12 -23.46 6.71
CA GLU B 263 -11.24 -23.23 7.86
C GLU B 263 -11.85 -23.83 9.12
N PHE B 264 -13.11 -24.22 9.04
CA PHE B 264 -13.81 -24.84 10.16
C PHE B 264 -13.66 -26.34 10.13
N TYR B 265 -12.58 -26.80 10.75
CA TYR B 265 -12.26 -28.21 10.94
C TYR B 265 -11.69 -28.41 12.36
N LEU B 266 -11.47 -29.66 12.77
CA LEU B 266 -11.19 -29.97 14.17
C LEU B 266 -9.97 -29.24 14.75
N LYS B 267 -8.86 -29.19 14.00
CA LYS B 267 -7.65 -28.59 14.53
C LYS B 267 -7.87 -27.13 14.92
N ASN B 268 -8.44 -26.36 14.00
CA ASN B 268 -8.81 -24.98 14.27
C ASN B 268 -9.78 -24.82 15.44
N LEU B 269 -10.64 -25.81 15.66
CA LEU B 269 -11.55 -25.80 16.81
C LEU B 269 -10.78 -25.91 18.13
N VAL B 270 -9.92 -26.91 18.21
CA VAL B 270 -9.17 -27.22 19.41
C VAL B 270 -8.28 -26.05 19.77
N MET B 271 -7.58 -25.53 18.76
CA MET B 271 -6.65 -24.42 18.94
C MET B 271 -7.36 -23.10 19.29
N THR B 272 -8.45 -22.78 18.59
CA THR B 272 -9.24 -21.57 18.87
C THR B 272 -9.79 -21.55 20.30
N THR B 273 -10.28 -22.72 20.75
CA THR B 273 -10.90 -22.91 22.06
C THR B 273 -9.85 -22.78 23.18
N LEU B 274 -8.64 -23.24 22.87
CA LEU B 274 -7.49 -23.12 23.75
C LEU B 274 -7.01 -21.68 23.85
N ASN B 275 -6.98 -20.96 22.72
CA ASN B 275 -6.66 -19.53 22.74
C ASN B 275 -7.58 -18.79 23.74
N LEU B 276 -8.88 -19.08 23.68
CA LEU B 276 -9.91 -18.38 24.46
C LEU B 276 -9.90 -18.76 25.92
N PHE B 277 -9.60 -20.02 26.20
CA PHE B 277 -9.48 -20.49 27.57
C PHE B 277 -8.27 -19.85 28.26
N ILE B 278 -7.12 -19.83 27.57
CA ILE B 278 -5.92 -19.18 28.09
C ILE B 278 -6.11 -17.67 28.18
N GLY B 279 -6.54 -17.07 27.07
CA GLY B 279 -6.77 -15.62 27.00
C GLY B 279 -7.72 -15.15 28.08
N GLY B 280 -8.83 -15.89 28.22
CA GLY B 280 -9.88 -15.55 29.15
C GLY B 280 -9.52 -15.76 30.59
N THR B 281 -8.37 -16.40 30.82
CA THR B 281 -7.93 -16.72 32.17
C THR B 281 -6.76 -15.84 32.64
N GLU B 282 -5.62 -15.95 31.98
CA GLU B 282 -4.37 -15.50 32.54
C GLU B 282 -4.25 -13.97 32.77
N THR B 283 -4.61 -13.17 31.79
CA THR B 283 -4.38 -11.75 31.88
C THR B 283 -5.27 -11.03 32.91
N VAL B 284 -6.57 -11.30 32.91
CA VAL B 284 -7.42 -10.69 33.93
C VAL B 284 -6.98 -11.09 35.34
N SER B 285 -6.54 -12.33 35.51
CA SER B 285 -6.20 -12.77 36.85
C SER B 285 -4.85 -12.21 37.30
N THR B 286 -3.90 -12.12 36.38
CA THR B 286 -2.63 -11.42 36.63
C THR B 286 -2.89 -9.94 36.97
N THR B 287 -3.82 -9.32 36.24
CA THR B 287 -4.13 -7.91 36.49
C THR B 287 -4.72 -7.69 37.89
N LEU B 288 -5.59 -8.61 38.30
CA LEU B 288 -6.19 -8.55 39.63
C LEU B 288 -5.15 -8.73 40.69
N ARG B 289 -4.26 -9.70 40.46
CA ARG B 289 -3.23 -10.04 41.42
C ARG B 289 -2.29 -8.85 41.63
N TYR B 290 -1.89 -8.22 40.52
CA TYR B 290 -1.02 -7.03 40.57
C TYR B 290 -1.77 -5.88 41.23
N GLY B 291 -3.03 -5.70 40.85
CA GLY B 291 -3.90 -4.65 41.39
C GLY B 291 -3.96 -4.60 42.90
N PHE B 292 -4.15 -5.76 43.55
CA PHE B 292 -4.26 -5.82 45.00
C PHE B 292 -2.94 -5.44 45.69
N LEU B 293 -1.82 -5.90 45.14
CA LEU B 293 -0.50 -5.54 45.64
C LEU B 293 -0.28 -4.02 45.58
N LEU B 294 -0.62 -3.40 44.46
CA LEU B 294 -0.51 -1.94 44.30
C LEU B 294 -1.36 -1.17 45.34
N LEU B 295 -2.55 -1.68 45.63
CA LEU B 295 -3.47 -1.06 46.59
C LEU B 295 -2.98 -1.12 48.03
N MET B 296 -2.21 -2.17 48.34
CA MET B 296 -1.62 -2.34 49.66
C MET B 296 -0.33 -1.53 49.78
N LYS B 297 0.34 -1.30 48.65
CA LYS B 297 1.47 -0.38 48.57
C LYS B 297 1.02 1.08 48.74
N HIS B 298 -0.22 1.36 48.33
CA HIS B 298 -0.80 2.71 48.42
C HIS B 298 -2.17 2.70 49.11
N PRO B 299 -2.18 2.66 50.46
CA PRO B 299 -3.46 2.52 51.14
C PRO B 299 -4.32 3.78 51.10
N GLU B 300 -3.71 4.93 50.78
CA GLU B 300 -4.47 6.18 50.66
C GLU B 300 -5.47 6.09 49.49
N VAL B 301 -5.09 5.30 48.48
CA VAL B 301 -5.87 5.01 47.27
C VAL B 301 -7.01 4.02 47.56
N GLU B 302 -6.72 2.98 48.33
CA GLU B 302 -7.73 2.08 48.84
C GLU B 302 -8.82 2.83 49.64
N ALA B 303 -8.39 3.72 50.55
CA ALA B 303 -9.34 4.55 51.30
C ALA B 303 -10.30 5.29 50.36
N LYS B 304 -9.75 5.99 49.37
CA LYS B 304 -10.59 6.69 48.39
C LYS B 304 -11.53 5.77 47.60
N VAL B 305 -11.04 4.59 47.19
CA VAL B 305 -11.86 3.53 46.57
C VAL B 305 -13.00 3.09 47.48
N HIS B 306 -12.73 2.98 48.78
CA HIS B 306 -13.77 2.66 49.76
C HIS B 306 -14.86 3.74 49.83
N GLU B 307 -14.45 5.01 49.91
CA GLU B 307 -15.40 6.14 49.95
C GLU B 307 -16.39 6.03 48.80
N GLU B 308 -15.88 5.81 47.60
CA GLU B 308 -16.72 5.77 46.39
C GLU B 308 -17.69 4.60 46.35
N ILE B 309 -17.21 3.42 46.73
CA ILE B 309 -18.06 2.23 46.80
C ILE B 309 -19.23 2.39 47.79
N ASP B 310 -18.92 2.88 49.00
CA ASP B 310 -19.93 3.00 50.07
C ASP B 310 -20.97 4.07 49.78
N ARG B 311 -20.59 5.08 49.01
CA ARG B 311 -21.51 6.13 48.60
C ARG B 311 -22.43 5.70 47.44
N VAL B 312 -21.84 5.11 46.41
CA VAL B 312 -22.57 4.83 45.16
C VAL B 312 -23.31 3.48 45.18
N ILE B 313 -22.66 2.46 45.76
CA ILE B 313 -23.24 1.11 45.81
C ILE B 313 -23.76 0.76 47.21
N GLY B 314 -22.99 1.08 48.25
CA GLY B 314 -23.34 0.71 49.61
C GLY B 314 -22.84 -0.69 49.97
N LYS B 315 -23.48 -1.29 50.96
CA LYS B 315 -23.11 -2.64 51.43
C LYS B 315 -24.14 -3.68 50.99
N ASN B 316 -25.38 -3.23 50.78
CA ASN B 316 -26.51 -4.13 50.52
C ASN B 316 -26.40 -4.88 49.18
N ARG B 317 -26.22 -4.16 48.07
CA ARG B 317 -26.38 -4.76 46.74
C ARG B 317 -25.10 -5.17 45.99
N GLN B 318 -25.23 -6.17 45.12
CA GLN B 318 -24.13 -6.63 44.27
C GLN B 318 -23.79 -5.50 43.31
N PRO B 319 -22.48 -5.26 43.10
CA PRO B 319 -22.11 -4.27 42.08
C PRO B 319 -22.63 -4.70 40.72
N LYS B 320 -22.99 -3.72 39.88
CA LYS B 320 -23.31 -4.02 38.48
C LYS B 320 -22.46 -3.20 37.56
N PHE B 321 -22.38 -3.62 36.30
CA PHE B 321 -21.55 -2.94 35.32
C PHE B 321 -21.91 -1.46 35.22
N GLU B 322 -23.20 -1.14 35.14
CA GLU B 322 -23.64 0.25 35.03
C GLU B 322 -23.18 1.20 36.15
N ASP B 323 -22.83 0.63 37.31
CA ASP B 323 -22.26 1.41 38.44
C ASP B 323 -20.98 2.14 38.04
N ARG B 324 -20.33 1.65 36.98
CA ARG B 324 -19.08 2.24 36.46
C ARG B 324 -19.18 3.73 36.08
N ALA B 325 -20.30 4.12 35.48
CA ALA B 325 -20.54 5.50 35.03
C ALA B 325 -20.55 6.52 36.18
N LYS B 326 -21.04 6.10 37.35
CA LYS B 326 -21.01 6.97 38.53
C LYS B 326 -19.72 6.84 39.34
N MET B 327 -18.75 6.07 38.84
CA MET B 327 -17.54 5.74 39.64
C MET B 327 -16.17 6.11 39.03
N PRO B 328 -15.92 7.41 38.78
CA PRO B 328 -14.68 7.83 38.09
C PRO B 328 -13.37 7.45 38.78
N TYR B 329 -13.37 7.35 40.10
CA TYR B 329 -12.12 7.05 40.80
C TYR B 329 -11.73 5.58 40.62
N MET B 330 -12.70 4.68 40.84
CA MET B 330 -12.51 3.25 40.59
C MET B 330 -12.04 3.01 39.15
N GLU B 331 -12.68 3.68 38.21
CA GLU B 331 -12.29 3.59 36.79
C GLU B 331 -10.86 4.09 36.56
N ALA B 332 -10.49 5.16 37.24
CA ALA B 332 -9.11 5.67 37.15
C ALA B 332 -8.11 4.65 37.71
N VAL B 333 -8.44 4.09 38.88
CA VAL B 333 -7.62 3.06 39.56
C VAL B 333 -7.41 1.82 38.68
N ILE B 334 -8.50 1.29 38.11
CA ILE B 334 -8.41 0.09 37.29
C ILE B 334 -7.54 0.38 36.06
N HIS B 335 -7.78 1.52 35.41
CA HIS B 335 -6.96 2.01 34.30
C HIS B 335 -5.47 2.13 34.67
N GLU B 336 -5.19 2.75 35.83
CA GLU B 336 -3.83 2.91 36.31
C GLU B 336 -3.14 1.57 36.60
N ILE B 337 -3.94 0.60 37.04
CA ILE B 337 -3.43 -0.74 37.31
C ILE B 337 -3.00 -1.42 36.00
N GLN B 338 -3.84 -1.34 34.97
CA GLN B 338 -3.51 -1.90 33.65
C GLN B 338 -2.26 -1.26 33.05
N ARG B 339 -2.10 0.04 33.30
CA ARG B 339 -1.00 0.85 32.75
C ARG B 339 0.33 0.57 33.44
N PHE B 340 0.31 0.52 34.78
CA PHE B 340 1.51 0.23 35.57
C PHE B 340 1.88 -1.24 35.40
N GLY B 341 0.86 -2.09 35.41
CA GLY B 341 1.03 -3.53 35.43
C GLY B 341 1.66 -3.97 34.13
N ASP B 342 1.20 -3.35 33.04
CA ASP B 342 1.82 -3.48 31.72
C ASP B 342 1.96 -4.97 31.37
N VAL B 343 0.85 -5.70 31.48
CA VAL B 343 0.88 -7.16 31.55
C VAL B 343 1.54 -7.80 30.33
N ILE B 344 1.16 -7.34 29.14
CA ILE B 344 1.76 -7.83 27.89
C ILE B 344 2.62 -6.70 27.33
N PRO B 345 3.85 -6.52 27.85
CA PRO B 345 4.68 -5.33 27.57
C PRO B 345 4.98 -5.03 26.09
N MET B 346 5.03 -6.07 25.26
CA MET B 346 5.47 -5.93 23.88
C MET B 346 4.44 -6.50 22.93
N SER B 347 3.19 -6.57 23.41
CA SER B 347 2.09 -7.13 22.64
C SER B 347 2.37 -8.58 22.17
N LEU B 348 1.50 -9.05 21.27
CA LEU B 348 1.75 -10.23 20.48
C LEU B 348 2.17 -9.69 19.12
N ALA B 349 3.26 -10.23 18.59
CA ALA B 349 3.88 -9.75 17.36
C ALA B 349 2.90 -9.62 16.18
N ARG B 350 3.05 -8.52 15.45
CA ARG B 350 2.32 -8.33 14.19
C ARG B 350 3.24 -8.71 13.04
N ARG B 351 2.71 -8.73 11.81
CA ARG B 351 3.52 -8.71 10.60
C ARG B 351 2.87 -7.96 9.43
N VAL B 352 3.70 -7.31 8.62
CA VAL B 352 3.23 -6.55 7.47
C VAL B 352 2.69 -7.48 6.37
N LYS B 353 1.45 -7.20 5.94
CA LYS B 353 0.71 -8.02 4.96
C LYS B 353 1.31 -7.97 3.54
N LYS B 354 1.90 -6.83 3.19
CA LYS B 354 2.51 -6.57 1.87
C LYS B 354 3.72 -5.64 2.04
N ASP B 355 4.50 -5.43 0.97
CA ASP B 355 5.55 -4.40 0.96
C ASP B 355 4.95 -3.04 1.39
N THR B 356 5.56 -2.40 2.39
CA THR B 356 4.99 -1.21 3.06
C THR B 356 5.96 -0.02 3.20
N LYS B 357 5.49 1.16 2.80
CA LYS B 357 6.14 2.44 3.16
C LYS B 357 5.61 2.96 4.49
N PHE B 358 6.52 3.20 5.43
CA PHE B 358 6.17 3.72 6.75
C PHE B 358 7.25 4.68 7.26
N ARG B 359 6.89 5.95 7.39
CA ARG B 359 7.82 7.02 7.82
C ARG B 359 9.07 7.07 6.94
N ASP B 360 8.87 6.88 5.64
CA ASP B 360 9.98 6.79 4.68
C ASP B 360 11.08 5.80 5.10
N PHE B 361 10.62 4.64 5.56
CA PHE B 361 11.44 3.44 5.64
C PHE B 361 10.74 2.39 4.76
N PHE B 362 11.45 1.34 4.37
CA PHE B 362 10.87 0.21 3.62
C PHE B 362 10.77 -1.04 4.50
N LEU B 363 9.56 -1.58 4.58
CA LEU B 363 9.32 -2.80 5.32
C LEU B 363 8.90 -3.86 4.31
N PRO B 364 9.77 -4.86 4.08
CA PRO B 364 9.45 -5.98 3.18
C PRO B 364 8.23 -6.74 3.69
N LYS B 365 7.43 -7.27 2.76
CA LYS B 365 6.29 -8.13 3.08
C LYS B 365 6.67 -9.28 4.01
N GLY B 366 5.87 -9.46 5.06
CA GLY B 366 6.07 -10.54 6.01
C GLY B 366 6.97 -10.18 7.17
N THR B 367 7.55 -8.98 7.13
CA THR B 367 8.40 -8.49 8.23
C THR B 367 7.60 -8.52 9.53
N GLU B 368 8.22 -9.07 10.58
CA GLU B 368 7.66 -9.08 11.93
C GLU B 368 7.83 -7.74 12.66
N VAL B 369 6.77 -7.36 13.36
CA VAL B 369 6.69 -6.09 14.07
C VAL B 369 6.42 -6.26 15.59
N TYR B 370 7.20 -5.54 16.40
CA TYR B 370 7.02 -5.50 17.85
C TYR B 370 6.41 -4.15 18.28
N PRO B 371 5.07 -4.11 18.46
CA PRO B 371 4.46 -2.88 19.02
C PRO B 371 4.71 -2.83 20.52
N MET B 372 5.62 -1.95 20.95
CA MET B 372 6.01 -1.91 22.36
C MET B 372 4.96 -1.20 23.22
N LEU B 373 3.91 -1.93 23.57
CA LEU B 373 2.79 -1.42 24.36
C LEU B 373 3.21 -0.73 25.66
N GLY B 374 4.19 -1.32 26.35
CA GLY B 374 4.71 -0.75 27.58
C GLY B 374 5.31 0.65 27.48
N SER B 375 5.89 0.97 26.32
CA SER B 375 6.41 2.32 26.06
C SER B 375 5.32 3.29 25.59
N VAL B 376 4.14 2.76 25.26
CA VAL B 376 2.96 3.60 25.01
C VAL B 376 2.28 3.90 26.33
N LEU B 377 2.13 2.90 27.18
CA LEU B 377 1.60 3.07 28.53
C LEU B 377 2.48 3.94 29.44
N ARG B 378 3.77 4.04 29.12
CA ARG B 378 4.69 4.88 29.88
C ARG B 378 5.24 6.07 29.08
N ASP B 379 4.55 6.45 28.01
CA ASP B 379 5.03 7.51 27.13
C ASP B 379 5.03 8.84 27.91
N PRO B 380 6.22 9.44 28.11
CA PRO B 380 6.33 10.70 28.88
C PRO B 380 5.54 11.85 28.25
N SER B 381 5.30 11.77 26.94
CA SER B 381 4.42 12.71 26.23
C SER B 381 2.94 12.65 26.63
N PHE B 382 2.52 11.62 27.36
CA PHE B 382 1.11 11.43 27.70
C PHE B 382 0.86 11.29 29.21
N PHE B 383 1.88 10.87 29.93
CA PHE B 383 1.80 10.73 31.37
C PHE B 383 2.96 11.47 32.04
N SER B 384 2.59 12.37 32.97
CA SER B 384 3.53 13.29 33.63
C SER B 384 4.57 12.61 34.53
N ASN B 385 4.18 11.59 35.27
CA ASN B 385 5.15 10.82 36.05
C ASN B 385 5.04 9.32 35.75
N PRO B 386 5.49 8.93 34.55
CA PRO B 386 5.18 7.61 33.97
C PRO B 386 5.52 6.38 34.82
N GLN B 387 6.54 6.49 35.68
CA GLN B 387 7.06 5.36 36.45
C GLN B 387 6.37 5.17 37.80
N ASP B 388 5.47 6.09 38.14
CA ASP B 388 4.71 5.99 39.39
C ASP B 388 3.36 5.33 39.15
N PHE B 389 2.83 4.74 40.22
CA PHE B 389 1.44 4.30 40.27
C PHE B 389 0.59 5.44 40.82
N ASN B 390 -0.19 6.07 39.96
CA ASN B 390 -0.98 7.23 40.35
C ASN B 390 -2.28 7.29 39.57
N PRO B 391 -3.42 7.16 40.28
CA PRO B 391 -4.73 7.32 39.66
C PRO B 391 -5.01 8.69 39.03
N GLN B 392 -4.28 9.72 39.43
CA GLN B 392 -4.50 11.06 38.85
C GLN B 392 -4.11 11.12 37.36
N HIS B 393 -3.30 10.16 36.90
CA HIS B 393 -3.00 9.97 35.48
C HIS B 393 -4.26 9.89 34.62
N PHE B 394 -5.36 9.44 35.22
CA PHE B 394 -6.64 9.25 34.53
C PHE B 394 -7.77 10.10 35.13
N LEU B 395 -7.36 11.15 35.83
CA LEU B 395 -8.28 12.03 36.52
C LEU B 395 -8.09 13.49 36.14
N ASN B 396 -9.17 14.25 36.33
CA ASN B 396 -9.21 15.71 36.28
C ASN B 396 -8.64 16.38 37.50
N GLU B 397 -8.47 17.69 37.41
CA GLU B 397 -8.39 18.57 38.57
C GLU B 397 -9.58 18.32 39.52
N LYS B 398 -10.75 18.01 38.96
CA LYS B 398 -12.00 17.87 39.74
C LYS B 398 -12.42 16.42 40.05
N GLY B 399 -11.57 15.45 39.73
CA GLY B 399 -11.84 14.03 40.03
C GLY B 399 -12.78 13.29 39.10
N GLN B 400 -12.92 13.79 37.87
CA GLN B 400 -13.72 13.13 36.84
C GLN B 400 -12.78 12.33 35.92
N PHE B 401 -13.29 11.29 35.28
CA PHE B 401 -12.41 10.36 34.54
C PHE B 401 -11.87 10.94 33.23
N LYS B 402 -10.61 10.63 32.94
CA LYS B 402 -9.92 11.19 31.78
C LYS B 402 -9.15 10.15 30.95
N LYS B 403 -9.73 9.81 29.81
CA LYS B 403 -9.09 8.98 28.76
C LYS B 403 -7.71 9.46 28.37
N SER B 404 -6.88 8.51 27.95
CA SER B 404 -5.64 8.80 27.23
C SER B 404 -5.55 7.96 25.97
N ASP B 405 -5.06 8.58 24.88
CA ASP B 405 -4.77 7.86 23.64
C ASP B 405 -3.62 6.87 23.85
N ALA B 406 -2.87 7.04 24.93
CA ALA B 406 -1.82 6.11 25.31
C ALA B 406 -2.29 4.91 26.14
N PHE B 407 -3.59 4.85 26.44
CA PHE B 407 -4.13 3.68 27.12
C PHE B 407 -4.33 2.57 26.12
N VAL B 408 -3.33 1.71 25.99
CA VAL B 408 -3.33 0.69 24.96
C VAL B 408 -3.08 -0.78 25.43
N PRO B 409 -3.53 -1.15 26.67
CA PRO B 409 -3.20 -2.50 27.18
C PRO B 409 -3.78 -3.63 26.31
N PHE B 410 -4.86 -3.35 25.58
CA PHE B 410 -5.47 -4.33 24.68
C PHE B 410 -4.94 -4.22 23.25
N SER B 411 -3.92 -3.39 23.06
CA SER B 411 -3.44 -3.00 21.75
C SER B 411 -4.53 -2.27 20.95
N ILE B 412 -4.25 -2.03 19.67
CA ILE B 412 -5.12 -1.27 18.76
C ILE B 412 -5.04 -1.86 17.34
N GLY B 413 -6.00 -1.52 16.49
CA GLY B 413 -5.99 -1.94 15.10
C GLY B 413 -6.76 -3.21 14.84
N LYS B 414 -6.47 -3.84 13.71
CA LYS B 414 -7.34 -4.89 13.15
C LYS B 414 -7.19 -6.27 13.78
N ARG B 415 -6.08 -6.49 14.48
CA ARG B 415 -5.89 -7.73 15.24
C ARG B 415 -5.87 -7.51 16.76
N ASN B 416 -6.47 -6.42 17.23
CA ASN B 416 -6.50 -6.09 18.67
C ASN B 416 -7.30 -7.10 19.51
N CYS B 417 -7.05 -7.10 20.81
CA CYS B 417 -7.76 -8.00 21.73
C CYS B 417 -9.28 -7.88 21.60
N PHE B 418 -9.92 -8.92 21.04
CA PHE B 418 -11.39 -8.92 20.99
C PHE B 418 -12.05 -9.47 22.26
N GLY B 419 -11.22 -9.83 23.23
CA GLY B 419 -11.66 -10.17 24.58
C GLY B 419 -11.75 -8.96 25.49
N GLU B 420 -11.45 -7.78 24.93
CA GLU B 420 -11.43 -6.52 25.69
C GLU B 420 -12.76 -6.21 26.41
N GLY B 421 -13.90 -6.40 25.74
CA GLY B 421 -15.21 -6.11 26.34
C GLY B 421 -15.48 -6.90 27.62
N LEU B 422 -15.26 -8.20 27.53
CA LEU B 422 -15.38 -9.13 28.64
C LEU B 422 -14.41 -8.81 29.78
N ALA B 423 -13.14 -8.58 29.41
CA ALA B 423 -12.08 -8.19 30.34
C ALA B 423 -12.43 -6.96 31.17
N ARG B 424 -12.84 -5.87 30.52
CA ARG B 424 -13.19 -4.63 31.23
C ARG B 424 -14.33 -4.89 32.22
N MET B 425 -15.35 -5.62 31.78
CA MET B 425 -16.47 -6.02 32.65
C MET B 425 -16.01 -6.83 33.86
N GLU B 426 -15.13 -7.81 33.63
CA GLU B 426 -14.60 -8.67 34.69
C GLU B 426 -13.77 -7.89 35.71
N LEU B 427 -12.84 -7.06 35.22
CA LEU B 427 -11.97 -6.27 36.08
C LEU B 427 -12.80 -5.38 36.97
N PHE B 428 -13.77 -4.70 36.38
CA PHE B 428 -14.68 -3.86 37.15
C PHE B 428 -15.48 -4.64 38.18
N LEU B 429 -16.19 -5.68 37.77
CA LEU B 429 -17.02 -6.37 38.75
C LEU B 429 -16.21 -7.09 39.82
N PHE B 430 -15.11 -7.74 39.44
CA PHE B 430 -14.22 -8.38 40.42
C PHE B 430 -13.47 -7.39 41.37
N PHE B 431 -12.80 -6.37 40.82
CA PHE B 431 -12.12 -5.38 41.68
C PHE B 431 -13.10 -4.77 42.69
N THR B 432 -14.24 -4.28 42.21
CA THR B 432 -15.14 -3.52 43.09
C THR B 432 -15.94 -4.39 44.05
N THR B 433 -16.33 -5.59 43.64
CA THR B 433 -17.04 -6.51 44.54
C THR B 433 -16.15 -7.03 45.67
N VAL B 434 -14.87 -7.25 45.38
CA VAL B 434 -13.93 -7.64 46.42
C VAL B 434 -13.67 -6.47 47.38
N MET B 435 -13.49 -5.26 46.84
CA MET B 435 -13.20 -4.06 47.65
C MET B 435 -14.40 -3.60 48.52
N GLN B 436 -15.61 -3.88 48.03
CA GLN B 436 -16.84 -3.67 48.77
C GLN B 436 -16.88 -4.51 50.05
N ASN B 437 -16.42 -5.76 49.93
CA ASN B 437 -16.58 -6.73 51.00
C ASN B 437 -15.40 -6.80 51.96
N PHE B 438 -14.22 -6.36 51.49
CA PHE B 438 -12.97 -6.57 52.21
C PHE B 438 -12.03 -5.37 52.23
N ARG B 439 -11.34 -5.20 53.36
CA ARG B 439 -10.16 -4.36 53.39
C ARG B 439 -8.95 -5.28 53.30
N LEU B 440 -7.84 -4.76 52.78
CA LEU B 440 -6.69 -5.60 52.50
C LEU B 440 -5.57 -5.33 53.50
N LYS B 441 -5.06 -6.40 54.12
CA LYS B 441 -3.90 -6.32 55.02
C LYS B 441 -2.73 -7.16 54.45
N SER B 442 -1.57 -6.53 54.34
CA SER B 442 -0.39 -7.18 53.78
C SER B 442 0.51 -7.81 54.84
N SER B 443 1.28 -8.80 54.41
CA SER B 443 2.36 -9.38 55.22
C SER B 443 3.35 -8.31 55.66
N GLN B 444 3.82 -7.53 54.69
CA GLN B 444 4.85 -6.52 54.88
C GLN B 444 4.27 -5.14 55.15
N SER B 445 5.07 -4.28 55.79
CA SER B 445 4.68 -2.89 55.98
C SER B 445 4.70 -2.19 54.61
N PRO B 446 3.69 -1.34 54.32
CA PRO B 446 3.62 -0.68 53.01
C PRO B 446 4.98 -0.29 52.39
N LYS B 447 5.86 0.34 53.17
CA LYS B 447 7.18 0.78 52.68
C LYS B 447 8.12 -0.37 52.25
N ASP B 448 7.91 -1.57 52.78
CA ASP B 448 8.73 -2.74 52.43
C ASP B 448 8.31 -3.42 51.11
N ILE B 449 7.08 -3.17 50.67
CA ILE B 449 6.45 -3.87 49.53
C ILE B 449 7.13 -3.58 48.19
N ASP B 450 7.60 -4.64 47.53
CA ASP B 450 8.26 -4.50 46.25
C ASP B 450 7.25 -4.73 45.12
N VAL B 451 6.91 -3.65 44.42
CA VAL B 451 5.99 -3.71 43.27
C VAL B 451 6.66 -3.89 41.90
N SER B 452 7.99 -3.98 41.86
CA SER B 452 8.70 -4.29 40.62
C SER B 452 8.43 -5.75 40.21
N PRO B 453 8.42 -6.03 38.89
CA PRO B 453 8.07 -7.35 38.39
C PRO B 453 9.07 -8.42 38.79
N LYS B 454 8.59 -9.65 38.93
CA LYS B 454 9.48 -10.79 39.12
C LYS B 454 10.19 -11.08 37.79
N HIS B 455 9.42 -11.24 36.73
CA HIS B 455 9.97 -11.38 35.38
C HIS B 455 9.27 -10.45 34.38
N VAL B 456 10.01 -10.13 33.33
CA VAL B 456 9.52 -9.35 32.21
C VAL B 456 10.03 -10.00 30.92
N GLY B 457 9.11 -10.42 30.07
CA GLY B 457 9.45 -10.87 28.73
C GLY B 457 8.20 -10.72 27.90
N PHE B 458 7.59 -11.85 27.53
CA PHE B 458 6.28 -11.82 26.90
C PHE B 458 5.22 -11.24 27.87
N ALA B 459 5.35 -11.56 29.14
CA ALA B 459 4.43 -11.03 30.12
C ALA B 459 5.15 -10.23 31.21
N THR B 460 4.36 -9.45 31.96
CA THR B 460 4.82 -8.90 33.22
C THR B 460 4.20 -9.74 34.33
N ILE B 461 5.07 -10.44 35.06
CA ILE B 461 4.71 -11.29 36.19
C ILE B 461 5.07 -10.55 37.49
N PRO B 462 4.09 -10.32 38.38
CA PRO B 462 4.38 -9.73 39.69
C PRO B 462 5.11 -10.70 40.61
N ARG B 463 5.75 -10.17 41.66
CA ARG B 463 6.39 -11.00 42.69
C ARG B 463 5.35 -11.77 43.49
N ASN B 464 5.78 -12.86 44.11
CA ASN B 464 4.94 -13.63 45.00
C ASN B 464 4.74 -12.90 46.31
N TYR B 465 3.52 -12.95 46.81
CA TYR B 465 3.21 -12.39 48.09
C TYR B 465 1.99 -13.11 48.64
N THR B 466 1.68 -12.81 49.89
CA THR B 466 0.47 -13.30 50.52
C THR B 466 -0.21 -12.09 51.13
N MET B 467 -1.45 -12.27 51.55
CA MET B 467 -2.22 -11.16 52.09
C MET B 467 -3.43 -11.69 52.83
N SER B 468 -4.13 -10.79 53.51
CA SER B 468 -5.37 -11.16 54.17
C SER B 468 -6.55 -10.35 53.68
N PHE B 469 -7.71 -11.00 53.68
CA PHE B 469 -8.96 -10.34 53.37
C PHE B 469 -9.82 -10.31 54.61
N LEU B 470 -10.03 -9.11 55.14
CA LEU B 470 -10.74 -8.88 56.39
C LEU B 470 -12.05 -8.12 56.16
N PRO B 471 -13.12 -8.53 56.86
CA PRO B 471 -14.39 -7.81 56.82
C PRO B 471 -14.24 -6.30 57.07
N ARG B 472 -15.15 -5.53 56.50
CA ARG B 472 -15.17 -4.06 56.61
C ARG B 472 -15.65 -3.61 57.98
N LYS C 10 7.44 -48.80 18.09
CA LYS C 10 6.52 -48.73 16.93
C LYS C 10 7.24 -48.20 15.70
N LEU C 11 8.03 -47.14 15.89
CA LEU C 11 8.95 -46.67 14.84
C LEU C 11 9.94 -47.79 14.50
N PRO C 12 10.36 -47.88 13.22
CA PRO C 12 11.43 -48.80 12.87
C PRO C 12 12.64 -48.59 13.78
N PRO C 13 13.45 -49.64 13.98
CA PRO C 13 14.55 -49.46 14.92
C PRO C 13 15.66 -48.59 14.31
N GLY C 14 16.55 -48.09 15.14
CA GLY C 14 17.75 -47.43 14.67
C GLY C 14 18.65 -47.00 15.79
N PRO C 15 19.78 -46.37 15.45
CA PRO C 15 20.72 -45.90 16.46
C PRO C 15 20.11 -44.78 17.30
N THR C 16 20.39 -44.82 18.59
CA THR C 16 19.93 -43.79 19.53
C THR C 16 20.54 -42.45 19.14
N PRO C 17 19.68 -41.44 18.89
CA PRO C 17 20.15 -40.12 18.50
C PRO C 17 20.46 -39.26 19.74
N LEU C 18 21.18 -38.17 19.53
CA LEU C 18 21.25 -37.15 20.56
C LEU C 18 20.28 -36.00 20.26
N PRO C 19 19.84 -35.25 21.30
CA PRO C 19 19.02 -34.04 21.05
C PRO C 19 19.63 -33.11 19.99
N PHE C 20 18.78 -32.62 19.08
CA PHE C 20 19.16 -31.74 17.95
C PHE C 20 20.14 -32.29 16.89
N ILE C 21 21.32 -32.76 17.31
CA ILE C 21 22.26 -33.32 16.35
C ILE C 21 21.82 -34.68 15.76
N GLY C 22 20.79 -35.29 16.35
CA GLY C 22 20.29 -36.58 15.93
C GLY C 22 21.37 -37.64 15.87
N ASN C 23 21.43 -38.33 14.73
CA ASN C 23 22.45 -39.36 14.48
C ASN C 23 23.74 -38.85 13.79
N TYR C 24 24.13 -37.60 14.07
CA TYR C 24 25.37 -36.99 13.57
C TYR C 24 26.61 -37.89 13.76
N LEU C 25 26.75 -38.46 14.97
CA LEU C 25 27.87 -39.32 15.35
C LEU C 25 28.01 -40.63 14.55
N GLN C 26 26.91 -41.13 14.00
CA GLN C 26 26.93 -42.35 13.18
C GLN C 26 27.04 -42.08 11.67
N LEU C 27 27.07 -40.81 11.28
CA LEU C 27 27.00 -40.41 9.87
C LEU C 27 28.24 -39.63 9.41
N ASN C 28 28.84 -40.08 8.32
CA ASN C 28 29.89 -39.35 7.62
C ASN C 28 29.20 -38.59 6.50
N THR C 29 29.11 -37.26 6.60
CA THR C 29 28.41 -36.46 5.56
C THR C 29 29.10 -36.42 4.19
N GLU C 30 30.37 -36.81 4.14
CA GLU C 30 31.10 -37.00 2.86
C GLU C 30 30.52 -38.25 2.14
N GLN C 31 30.06 -39.25 2.90
CA GLN C 31 29.47 -40.45 2.28
CA GLN C 31 29.54 -40.50 2.34
C GLN C 31 28.22 -40.94 3.02
N MET C 32 27.11 -40.25 2.72
CA MET C 32 25.83 -40.51 3.37
C MET C 32 25.27 -41.87 3.00
N TYR C 33 25.41 -42.22 1.72
CA TYR C 33 25.01 -43.52 1.22
C TYR C 33 25.70 -44.65 1.97
N ASN C 34 27.03 -44.63 2.02
CA ASN C 34 27.77 -45.68 2.70
C ASN C 34 27.49 -45.71 4.22
N SER C 35 27.24 -44.53 4.81
CA SER C 35 26.93 -44.43 6.24
C SER C 35 25.60 -45.11 6.61
N LEU C 36 24.58 -44.82 5.80
CA LEU C 36 23.24 -45.41 5.96
C LEU C 36 23.22 -46.92 5.67
N MET C 37 23.90 -47.33 4.59
CA MET C 37 24.08 -48.76 4.28
C MET C 37 24.79 -49.51 5.42
N LYS C 38 25.85 -48.93 5.98
CA LYS C 38 26.50 -49.52 7.16
C LYS C 38 25.48 -49.66 8.30
N ILE C 39 24.61 -48.68 8.44
CA ILE C 39 23.56 -48.69 9.45
C ILE C 39 22.43 -49.75 9.22
N SER C 40 21.98 -49.96 7.97
CA SER C 40 21.08 -51.10 7.70
C SER C 40 21.73 -52.48 7.95
N GLU C 41 23.04 -52.60 7.71
CA GLU C 41 23.79 -53.81 8.10
C GLU C 41 23.68 -54.16 9.59
N ARG C 42 23.45 -53.15 10.43
CA ARG C 42 23.26 -53.38 11.87
CA ARG C 42 23.27 -53.37 11.86
C ARG C 42 21.78 -53.51 12.25
N TYR C 43 20.93 -52.71 11.64
CA TYR C 43 19.51 -52.67 12.04
C TYR C 43 18.52 -53.37 11.11
N GLY C 44 18.98 -53.74 9.91
CA GLY C 44 18.08 -54.24 8.88
C GLY C 44 17.67 -53.17 7.88
N PRO C 45 16.84 -53.54 6.89
CA PRO C 45 16.55 -52.80 5.66
C PRO C 45 15.59 -51.61 5.83
N VAL C 46 14.93 -51.53 6.98
CA VAL C 46 14.01 -50.45 7.30
C VAL C 46 14.37 -49.91 8.67
N PHE C 47 14.88 -48.68 8.68
CA PHE C 47 15.36 -48.10 9.92
C PHE C 47 15.10 -46.60 10.04
N THR C 48 14.99 -46.16 11.29
CA THR C 48 14.83 -44.76 11.63
C THR C 48 16.22 -44.11 11.82
N ILE C 49 16.35 -42.91 11.28
CA ILE C 49 17.57 -42.11 11.39
C ILE C 49 17.15 -40.66 11.68
N HIS C 50 18.04 -39.92 12.31
CA HIS C 50 17.80 -38.52 12.59
C HIS C 50 18.86 -37.67 11.93
N LEU C 51 18.47 -37.01 10.84
CA LEU C 51 19.35 -36.12 10.12
C LEU C 51 19.22 -34.78 10.81
N GLY C 52 20.06 -34.57 11.82
CA GLY C 52 19.78 -33.56 12.82
C GLY C 52 18.42 -33.87 13.40
N PRO C 53 17.53 -32.85 13.47
CA PRO C 53 16.16 -33.03 14.01
C PRO C 53 15.15 -33.69 13.05
N ARG C 54 15.47 -33.71 11.77
CA ARG C 54 14.69 -34.42 10.76
C ARG C 54 14.67 -35.91 11.05
N ARG C 55 13.50 -36.45 11.35
CA ARG C 55 13.39 -37.89 11.58
C ARG C 55 13.00 -38.53 10.24
N VAL C 56 13.84 -39.45 9.79
CA VAL C 56 13.65 -40.09 8.49
C VAL C 56 13.61 -41.62 8.58
N VAL C 57 12.65 -42.23 7.88
CA VAL C 57 12.62 -43.68 7.72
C VAL C 57 13.33 -44.07 6.42
N VAL C 58 14.30 -44.98 6.50
CA VAL C 58 15.12 -45.34 5.35
C VAL C 58 14.78 -46.76 4.79
N LEU C 59 14.56 -46.83 3.47
CA LEU C 59 14.28 -48.10 2.80
C LEU C 59 15.46 -48.61 1.96
N CYS C 60 16.01 -49.76 2.34
CA CYS C 60 17.20 -50.30 1.69
C CYS C 60 16.82 -51.63 1.07
N GLY C 61 17.33 -51.85 -0.16
CA GLY C 61 17.10 -53.08 -0.89
C GLY C 61 15.83 -53.04 -1.72
N HIS C 62 15.78 -53.89 -2.74
CA HIS C 62 14.62 -54.00 -3.62
C HIS C 62 13.29 -54.23 -2.88
N ASP C 63 13.21 -55.23 -2.00
CA ASP C 63 11.91 -55.61 -1.37
C ASP C 63 11.29 -54.45 -0.58
N ALA C 64 12.08 -53.85 0.31
CA ALA C 64 11.60 -52.76 1.14
C ALA C 64 11.10 -51.55 0.32
N VAL C 65 11.86 -51.16 -0.70
CA VAL C 65 11.49 -50.03 -1.57
C VAL C 65 10.23 -50.33 -2.37
N ARG C 66 10.18 -51.49 -3.02
CA ARG C 66 8.98 -51.85 -3.79
C ARG C 66 7.75 -51.99 -2.89
N GLU C 67 7.89 -52.64 -1.73
CA GLU C 67 6.77 -52.86 -0.81
C GLU C 67 6.17 -51.56 -0.25
N ALA C 68 6.99 -50.54 -0.09
CA ALA C 68 6.49 -49.25 0.36
C ALA C 68 5.98 -48.43 -0.81
N LEU C 69 6.83 -48.22 -1.82
CA LEU C 69 6.50 -47.32 -2.93
C LEU C 69 5.45 -47.86 -3.95
N VAL C 70 5.36 -49.17 -4.08
CA VAL C 70 4.34 -49.75 -4.97
C VAL C 70 3.20 -50.40 -4.20
N ASP C 71 3.50 -51.32 -3.29
CA ASP C 71 2.45 -52.10 -2.62
C ASP C 71 1.64 -51.31 -1.61
N GLN C 72 2.09 -50.10 -1.27
CA GLN C 72 1.36 -49.16 -0.43
C GLN C 72 1.57 -47.73 -0.98
N ALA C 73 1.42 -47.64 -2.30
CA ALA C 73 1.75 -46.49 -3.13
C ALA C 73 1.13 -45.19 -2.65
N GLU C 74 -0.16 -45.25 -2.36
CA GLU C 74 -0.91 -44.12 -1.85
C GLU C 74 -0.28 -43.58 -0.57
N GLU C 75 -0.12 -44.46 0.42
CA GLU C 75 0.38 -44.05 1.74
C GLU C 75 1.77 -43.40 1.66
N PHE C 76 2.58 -43.82 0.68
CA PHE C 76 3.95 -43.34 0.55
C PHE C 76 4.13 -42.32 -0.59
N SER C 77 3.01 -41.69 -1.00
CA SER C 77 3.02 -40.79 -2.15
C SER C 77 3.18 -39.30 -1.79
N GLY C 78 3.53 -39.01 -0.54
CA GLY C 78 3.86 -37.65 -0.16
C GLY C 78 5.25 -37.29 -0.60
N ARG C 79 5.49 -36.00 -0.84
CA ARG C 79 6.82 -35.53 -1.15
C ARG C 79 7.49 -34.97 0.13
N GLY C 80 8.70 -35.45 0.42
CA GLY C 80 9.55 -34.90 1.46
C GLY C 80 10.39 -33.70 0.98
N GLU C 81 11.47 -33.42 1.68
CA GLU C 81 12.29 -32.26 1.35
C GLU C 81 13.71 -32.57 0.89
N GLN C 82 14.20 -31.75 -0.02
CA GLN C 82 15.62 -31.59 -0.25
C GLN C 82 15.86 -30.13 0.10
N ALA C 83 16.49 -29.89 1.25
CA ALA C 83 16.59 -28.55 1.85
C ALA C 83 17.22 -27.47 0.97
N THR C 84 18.30 -27.79 0.27
CA THR C 84 18.98 -26.84 -0.62
C THR C 84 18.08 -26.34 -1.74
N PHE C 85 17.35 -27.25 -2.37
CA PHE C 85 16.48 -26.84 -3.45
C PHE C 85 15.29 -26.05 -2.94
N ASP C 86 14.78 -26.41 -1.75
CA ASP C 86 13.57 -25.79 -1.20
C ASP C 86 13.80 -24.36 -0.68
N TRP C 87 15.05 -24.03 -0.39
CA TRP C 87 15.44 -22.65 -0.17
C TRP C 87 14.88 -21.74 -1.26
N VAL C 88 14.82 -22.24 -2.50
CA VAL C 88 14.23 -21.48 -3.62
C VAL C 88 12.77 -21.82 -3.90
N PHE C 89 12.43 -23.11 -3.86
CA PHE C 89 11.10 -23.57 -4.27
C PHE C 89 10.00 -23.31 -3.25
N LYS C 90 10.31 -23.59 -1.98
CA LYS C 90 9.42 -23.34 -0.82
C LYS C 90 8.07 -24.05 -0.90
N GLY C 91 8.07 -25.24 -1.46
CA GLY C 91 6.86 -26.03 -1.54
C GLY C 91 6.06 -25.73 -2.79
N TYR C 92 6.46 -24.70 -3.55
CA TYR C 92 5.81 -24.39 -4.84
C TYR C 92 6.43 -25.22 -5.99
N GLY C 93 5.71 -25.35 -7.10
CA GLY C 93 6.16 -26.16 -8.23
C GLY C 93 5.81 -27.64 -8.08
N VAL C 94 5.83 -28.35 -9.20
CA VAL C 94 5.41 -29.74 -9.26
C VAL C 94 6.24 -30.69 -8.39
N VAL C 95 7.54 -30.46 -8.28
CA VAL C 95 8.41 -31.38 -7.55
C VAL C 95 8.17 -31.34 -6.03
N PHE C 96 8.20 -30.14 -5.45
CA PHE C 96 8.15 -30.02 -4.00
C PHE C 96 6.75 -29.80 -3.43
N SER C 97 5.75 -30.00 -4.28
CA SER C 97 4.34 -29.90 -3.89
C SER C 97 3.72 -31.20 -3.35
N ASN C 98 2.59 -31.03 -2.68
CA ASN C 98 1.89 -32.10 -2.01
C ASN C 98 0.37 -31.90 -2.15
N GLY C 99 -0.41 -32.87 -1.70
CA GLY C 99 -1.87 -32.77 -1.71
C GLY C 99 -2.46 -32.35 -3.04
N GLU C 100 -3.39 -31.40 -2.99
CA GLU C 100 -4.08 -30.89 -4.17
C GLU C 100 -3.17 -30.10 -5.11
N ARG C 101 -2.10 -29.50 -4.57
CA ARG C 101 -1.12 -28.79 -5.40
C ARG C 101 -0.41 -29.76 -6.34
N ALA C 102 0.12 -30.83 -5.77
CA ALA C 102 0.83 -31.88 -6.49
C ALA C 102 -0.05 -32.47 -7.60
N LYS C 103 -1.21 -32.97 -7.20
CA LYS C 103 -2.16 -33.63 -8.08
C LYS C 103 -2.46 -32.84 -9.36
N GLN C 104 -2.70 -31.53 -9.20
CA GLN C 104 -2.98 -30.61 -10.30
C GLN C 104 -1.75 -30.32 -11.15
N LEU C 105 -0.61 -30.08 -10.50
CA LEU C 105 0.61 -29.69 -11.20
C LEU C 105 1.19 -30.83 -11.98
N ARG C 106 1.10 -32.04 -11.42
CA ARG C 106 1.60 -33.22 -12.08
C ARG C 106 0.73 -33.61 -13.27
N ARG C 107 -0.60 -33.54 -13.09
CA ARG C 107 -1.54 -33.89 -14.18
C ARG C 107 -1.40 -32.98 -15.40
N PHE C 108 -1.37 -31.67 -15.17
CA PHE C 108 -1.14 -30.70 -16.22
C PHE C 108 0.24 -30.85 -16.87
N SER C 109 1.28 -30.91 -16.03
CA SER C 109 2.66 -31.06 -16.47
C SER C 109 2.87 -32.23 -17.41
N ILE C 110 2.34 -33.39 -17.03
CA ILE C 110 2.40 -34.60 -17.85
C ILE C 110 1.61 -34.43 -19.16
N ALA C 111 0.49 -33.72 -19.10
CA ALA C 111 -0.36 -33.54 -20.29
C ALA C 111 0.26 -32.64 -21.37
N THR C 112 0.79 -31.50 -20.93
CA THR C 112 1.43 -30.50 -21.81
C THR C 112 2.73 -30.97 -22.48
N LEU C 113 3.50 -31.80 -21.79
CA LEU C 113 4.67 -32.43 -22.38
C LEU C 113 4.27 -33.36 -23.52
N ARG C 114 3.19 -34.12 -23.33
CA ARG C 114 2.64 -34.96 -24.38
C ARG C 114 2.17 -34.12 -25.56
N ASP C 115 1.52 -32.99 -25.25
CA ASP C 115 1.00 -32.09 -26.28
C ASP C 115 2.08 -31.37 -27.08
N PHE C 116 3.24 -31.15 -26.46
CA PHE C 116 4.39 -30.57 -27.15
C PHE C 116 5.40 -31.61 -27.61
N GLY C 117 4.96 -32.86 -27.64
CA GLY C 117 5.64 -33.90 -28.39
C GLY C 117 6.34 -35.05 -27.68
N VAL C 118 6.35 -35.08 -26.34
CA VAL C 118 7.05 -36.17 -25.62
C VAL C 118 6.38 -37.53 -25.84
N GLY C 119 7.19 -38.54 -26.16
CA GLY C 119 6.72 -39.90 -26.47
C GLY C 119 6.29 -40.11 -27.91
N LYS C 120 6.66 -39.18 -28.80
CA LYS C 120 6.13 -39.12 -30.16
C LYS C 120 7.18 -38.82 -31.22
N ARG C 121 6.83 -39.10 -32.47
CA ARG C 121 7.60 -38.70 -33.64
C ARG C 121 8.07 -37.24 -33.49
N GLY C 122 7.23 -36.40 -32.92
CA GLY C 122 7.54 -34.98 -32.70
C GLY C 122 8.88 -34.70 -32.03
N ILE C 123 9.03 -35.14 -30.77
CA ILE C 123 10.26 -34.93 -30.03
C ILE C 123 11.36 -35.90 -30.44
N GLU C 124 10.96 -37.00 -31.09
CA GLU C 124 11.93 -37.90 -31.68
C GLU C 124 12.80 -37.16 -32.71
N GLU C 125 12.15 -36.35 -33.54
CA GLU C 125 12.83 -35.57 -34.58
C GLU C 125 13.62 -34.40 -34.01
N ARG C 126 13.14 -33.81 -32.91
CA ARG C 126 13.87 -32.72 -32.27
C ARG C 126 15.16 -33.21 -31.56
N ILE C 127 15.11 -34.40 -30.97
CA ILE C 127 16.30 -35.04 -30.39
C ILE C 127 17.31 -35.46 -31.47
N GLN C 128 16.81 -35.85 -32.64
CA GLN C 128 17.65 -36.30 -33.77
C GLN C 128 18.36 -35.12 -34.41
N GLU C 129 17.63 -34.04 -34.64
CA GLU C 129 18.22 -32.77 -35.06
C GLU C 129 19.30 -32.32 -34.06
N GLU C 130 18.96 -32.32 -32.77
CA GLU C 130 19.90 -31.86 -31.74
C GLU C 130 21.15 -32.76 -31.64
N ALA C 131 20.96 -34.06 -31.82
CA ALA C 131 22.06 -35.03 -31.86
C ALA C 131 22.98 -34.80 -33.05
N GLY C 132 22.39 -34.31 -34.14
CA GLY C 132 23.13 -33.99 -35.36
C GLY C 132 24.03 -32.82 -35.10
N PHE C 133 23.48 -31.78 -34.45
CA PHE C 133 24.24 -30.61 -33.98
C PHE C 133 25.36 -30.96 -32.98
N LEU C 134 25.13 -31.98 -32.14
CA LEU C 134 26.16 -32.50 -31.24
C LEU C 134 27.35 -33.10 -32.00
N ILE C 135 27.07 -33.94 -33.00
CA ILE C 135 28.09 -34.52 -33.87
C ILE C 135 28.92 -33.44 -34.56
N ASP C 136 28.27 -32.41 -35.10
CA ASP C 136 28.96 -31.28 -35.76
C ASP C 136 29.93 -30.58 -34.81
N ALA C 137 29.48 -30.33 -33.58
CA ALA C 137 30.32 -29.69 -32.57
C ALA C 137 31.55 -30.52 -32.25
N LEU C 138 31.36 -31.83 -32.10
CA LEU C 138 32.42 -32.76 -31.72
C LEU C 138 33.41 -32.98 -32.86
N ARG C 139 32.89 -33.21 -34.08
CA ARG C 139 33.68 -33.15 -35.32
C ARG C 139 34.56 -31.89 -35.30
N GLY C 140 33.93 -30.75 -35.02
CA GLY C 140 34.60 -29.46 -34.96
C GLY C 140 35.79 -29.39 -34.04
N THR C 141 35.88 -30.30 -33.07
CA THR C 141 37.02 -30.27 -32.14
C THR C 141 38.27 -30.86 -32.82
N GLY C 142 38.04 -31.60 -33.90
CA GLY C 142 39.09 -32.24 -34.67
C GLY C 142 39.85 -33.26 -33.84
N GLY C 143 39.13 -33.92 -32.94
CA GLY C 143 39.72 -34.91 -32.04
C GLY C 143 40.72 -34.37 -31.02
N ALA C 144 40.63 -33.07 -30.71
CA ALA C 144 41.41 -32.51 -29.61
C ALA C 144 40.92 -33.06 -28.27
N ASN C 145 41.81 -33.10 -27.28
CA ASN C 145 41.42 -33.48 -25.94
C ASN C 145 40.55 -32.38 -25.29
N ILE C 146 39.30 -32.72 -25.01
CA ILE C 146 38.31 -31.76 -24.52
C ILE C 146 37.68 -32.22 -23.21
N ASP C 147 37.19 -31.28 -22.42
CA ASP C 147 36.25 -31.64 -21.36
C ASP C 147 34.86 -31.74 -22.03
N PRO C 148 34.26 -32.94 -22.03
CA PRO C 148 32.97 -33.15 -22.72
C PRO C 148 31.72 -32.57 -22.03
N THR C 149 31.86 -32.08 -20.79
CA THR C 149 30.72 -31.67 -19.94
C THR C 149 29.73 -30.74 -20.64
N PHE C 150 30.24 -29.62 -21.16
CA PHE C 150 29.35 -28.60 -21.71
C PHE C 150 28.88 -28.83 -23.14
N PHE C 151 29.61 -29.63 -23.91
CA PHE C 151 29.11 -30.15 -25.18
C PHE C 151 27.85 -30.98 -24.91
N LEU C 152 27.99 -31.93 -23.98
CA LEU C 152 26.92 -32.86 -23.61
C LEU C 152 25.71 -32.16 -23.01
N SER C 153 25.92 -31.31 -22.02
CA SER C 153 24.77 -30.66 -21.38
C SER C 153 24.08 -29.60 -22.26
N ARG C 154 24.83 -28.91 -23.11
CA ARG C 154 24.25 -27.97 -24.08
C ARG C 154 23.27 -28.70 -25.01
N THR C 155 23.70 -29.85 -25.54
CA THR C 155 22.86 -30.66 -26.42
C THR C 155 21.59 -31.15 -25.70
N VAL C 156 21.76 -31.60 -24.46
CA VAL C 156 20.68 -32.20 -23.65
C VAL C 156 19.68 -31.14 -23.20
N SER C 157 20.19 -30.02 -22.70
CA SER C 157 19.35 -28.92 -22.21
C SER C 157 18.46 -28.37 -23.34
N ASN C 158 19.02 -28.28 -24.54
CA ASN C 158 18.25 -27.80 -25.70
C ASN C 158 16.96 -28.57 -26.01
N VAL C 159 16.92 -29.86 -25.69
CA VAL C 159 15.70 -30.66 -25.88
C VAL C 159 14.56 -30.18 -24.98
N ILE C 160 14.77 -30.19 -23.66
CA ILE C 160 13.75 -29.66 -22.74
C ILE C 160 13.51 -28.16 -22.96
N SER C 161 14.55 -27.43 -23.35
CA SER C 161 14.42 -25.99 -23.66
C SER C 161 13.45 -25.71 -24.81
N SER C 162 13.49 -26.58 -25.83
CA SER C 162 12.59 -26.46 -26.97
C SER C 162 11.14 -26.54 -26.51
N ILE C 163 10.88 -27.47 -25.57
CA ILE C 163 9.54 -27.73 -25.04
C ILE C 163 9.03 -26.58 -24.19
N VAL C 164 9.82 -26.16 -23.20
CA VAL C 164 9.39 -25.17 -22.23
C VAL C 164 9.48 -23.72 -22.70
N PHE C 165 10.51 -23.41 -23.48
CA PHE C 165 10.75 -22.02 -23.91
C PHE C 165 10.36 -21.75 -25.36
N GLY C 166 10.19 -22.82 -26.13
CA GLY C 166 9.80 -22.67 -27.54
C GLY C 166 10.93 -22.70 -28.55
N ASP C 167 12.14 -22.34 -28.11
CA ASP C 167 13.33 -22.43 -28.97
C ASP C 167 14.57 -22.88 -28.20
N ARG C 168 15.52 -23.47 -28.94
CA ARG C 168 16.81 -23.91 -28.40
C ARG C 168 17.76 -22.73 -28.25
N PHE C 169 18.86 -22.92 -27.53
CA PHE C 169 19.94 -21.93 -27.47
C PHE C 169 20.99 -22.24 -28.54
N ASP C 170 21.60 -21.21 -29.13
CA ASP C 170 22.79 -21.45 -29.97
C ASP C 170 23.96 -21.86 -29.05
N TYR C 171 24.83 -22.75 -29.52
CA TYR C 171 25.95 -23.24 -28.70
C TYR C 171 26.94 -22.16 -28.29
N LYS C 172 27.07 -21.11 -29.12
CA LYS C 172 27.93 -19.96 -28.82
C LYS C 172 27.41 -19.13 -27.62
N ASP C 173 26.08 -19.11 -27.45
CA ASP C 173 25.41 -18.26 -26.46
C ASP C 173 26.07 -18.33 -25.08
N LYS C 174 26.58 -17.19 -24.62
CA LYS C 174 27.27 -17.12 -23.34
C LYS C 174 26.31 -17.19 -22.14
N GLU C 175 25.08 -16.72 -22.36
CA GLU C 175 24.03 -16.71 -21.32
C GLU C 175 23.65 -18.15 -20.91
N PHE C 176 23.57 -19.01 -21.92
CA PHE C 176 23.25 -20.43 -21.78
C PHE C 176 24.34 -21.21 -21.02
N LEU C 177 25.60 -20.86 -21.25
CA LEU C 177 26.73 -21.51 -20.57
C LEU C 177 26.72 -21.25 -19.06
N SER C 178 26.51 -19.99 -18.66
CA SER C 178 26.48 -19.63 -17.23
C SER C 178 25.35 -20.34 -16.45
N LEU C 179 24.21 -20.55 -17.12
CA LEU C 179 23.06 -21.26 -16.57
C LEU C 179 23.39 -22.73 -16.28
N LEU C 180 24.07 -23.37 -17.21
CA LEU C 180 24.51 -24.75 -17.07
C LEU C 180 25.54 -24.87 -15.95
N ARG C 181 26.33 -23.82 -15.78
CA ARG C 181 27.24 -23.69 -14.63
C ARG C 181 26.49 -23.57 -13.30
N MET C 182 25.32 -22.94 -13.32
CA MET C 182 24.52 -22.79 -12.10
C MET C 182 23.97 -24.15 -11.67
N MET C 183 23.32 -24.84 -12.60
CA MET C 183 22.90 -26.21 -12.36
C MET C 183 24.08 -27.04 -11.88
N LEU C 184 25.18 -27.03 -12.63
CA LEU C 184 26.35 -27.85 -12.27
C LEU C 184 26.83 -27.57 -10.83
N GLY C 185 26.89 -26.28 -10.46
CA GLY C 185 27.32 -25.87 -9.12
C GLY C 185 26.42 -26.35 -7.98
N ILE C 186 25.11 -26.39 -8.24
CA ILE C 186 24.10 -26.82 -7.27
C ILE C 186 24.15 -28.33 -7.05
N PHE C 187 24.09 -29.10 -8.14
CA PHE C 187 24.22 -30.55 -8.08
C PHE C 187 25.50 -31.00 -7.38
N GLN C 188 26.63 -30.39 -7.73
CA GLN C 188 27.88 -30.64 -7.04
C GLN C 188 27.70 -30.35 -5.54
N PHE C 189 27.15 -29.17 -5.21
CA PHE C 189 27.05 -28.75 -3.81
C PHE C 189 26.26 -29.74 -2.95
N THR C 190 25.09 -30.14 -3.43
CA THR C 190 24.23 -31.05 -2.68
C THR C 190 24.81 -32.47 -2.58
N SER C 191 25.93 -32.68 -3.27
CA SER C 191 26.63 -33.96 -3.26
C SER C 191 27.92 -33.98 -2.41
N THR C 192 28.27 -32.84 -1.81
CA THR C 192 29.43 -32.70 -0.89
C THR C 192 28.98 -32.81 0.58
N SER C 193 29.93 -33.00 1.50
CA SER C 193 29.60 -33.04 2.94
C SER C 193 28.93 -31.80 3.50
N THR C 194 29.34 -30.62 3.05
CA THR C 194 28.66 -29.38 3.42
C THR C 194 27.18 -29.41 2.99
N GLY C 195 26.91 -29.76 1.73
CA GLY C 195 25.53 -29.92 1.22
C GLY C 195 24.67 -30.90 2.01
N GLN C 196 25.31 -31.97 2.47
CA GLN C 196 24.64 -33.01 3.25
C GLN C 196 24.56 -32.68 4.74
N LEU C 197 25.53 -31.92 5.24
CA LEU C 197 25.42 -31.31 6.54
C LEU C 197 24.25 -30.31 6.55
N TYR C 198 24.07 -29.62 5.42
CA TYR C 198 22.96 -28.68 5.23
C TYR C 198 21.58 -29.36 5.32
N GLU C 199 21.48 -30.61 4.86
CA GLU C 199 20.23 -31.39 4.99
C GLU C 199 19.84 -31.66 6.45
N MET C 200 20.84 -31.65 7.32
CA MET C 200 20.65 -31.88 8.75
C MET C 200 20.42 -30.57 9.53
N PHE C 201 21.14 -29.53 9.13
CA PHE C 201 21.24 -28.36 9.97
C PHE C 201 20.84 -27.04 9.28
N SER C 202 19.85 -27.12 8.39
CA SER C 202 19.51 -26.00 7.48
C SER C 202 18.96 -24.78 8.20
N SER C 203 18.21 -24.98 9.28
CA SER C 203 17.58 -23.84 9.94
C SER C 203 18.65 -22.93 10.59
N VAL C 204 19.84 -23.48 10.81
CA VAL C 204 21.01 -22.70 11.22
C VAL C 204 21.85 -22.27 10.00
N MET C 205 22.10 -23.21 9.10
CA MET C 205 23.06 -23.00 8.00
C MET C 205 22.63 -22.05 6.88
N LYS C 206 21.33 -21.91 6.68
CA LYS C 206 20.82 -20.91 5.75
C LYS C 206 21.13 -19.48 6.26
N HIS C 207 21.55 -19.38 7.51
CA HIS C 207 21.80 -18.09 8.11
C HIS C 207 23.28 -17.79 8.25
N LEU C 208 24.13 -18.79 7.98
CA LEU C 208 25.59 -18.67 8.12
C LEU C 208 26.33 -18.50 6.77
N PRO C 209 27.56 -17.95 6.82
CA PRO C 209 28.40 -17.98 5.60
C PRO C 209 29.02 -19.35 5.38
N GLY C 210 29.16 -19.73 4.11
CA GLY C 210 29.72 -21.02 3.70
C GLY C 210 29.29 -21.32 2.25
N PRO C 211 29.70 -22.49 1.70
CA PRO C 211 29.32 -22.80 0.32
C PRO C 211 27.80 -22.82 0.06
N GLN C 212 27.00 -23.01 1.11
CA GLN C 212 25.51 -22.87 0.99
C GLN C 212 25.11 -21.62 0.22
N GLN C 213 25.76 -20.52 0.55
CA GLN C 213 25.34 -19.19 0.10
C GLN C 213 25.50 -19.05 -1.41
N GLN C 214 26.63 -19.57 -1.90
CA GLN C 214 26.91 -19.73 -3.34
C GLN C 214 25.86 -20.59 -4.03
N ALA C 215 25.56 -21.74 -3.45
CA ALA C 215 24.48 -22.57 -3.96
C ALA C 215 23.17 -21.77 -4.05
N PHE C 216 22.82 -21.07 -2.97
CA PHE C 216 21.66 -20.17 -3.01
C PHE C 216 21.71 -19.16 -4.16
N GLN C 217 22.85 -18.46 -4.32
CA GLN C 217 23.00 -17.48 -5.39
CA GLN C 217 23.03 -17.48 -5.40
C GLN C 217 22.76 -18.10 -6.78
N LEU C 218 23.34 -19.28 -7.01
CA LEU C 218 23.17 -20.01 -8.29
C LEU C 218 21.72 -20.40 -8.57
N LEU C 219 21.00 -20.82 -7.53
CA LEU C 219 19.58 -21.09 -7.66
C LEU C 219 18.78 -19.80 -7.94
N GLN C 220 19.16 -18.70 -7.30
CA GLN C 220 18.54 -17.39 -7.60
C GLN C 220 18.80 -16.94 -9.07
N GLY C 221 19.97 -17.26 -9.60
CA GLY C 221 20.27 -16.94 -11.01
C GLY C 221 19.37 -17.69 -11.96
N LEU C 222 19.17 -18.99 -11.66
CA LEU C 222 18.29 -19.86 -12.43
C LEU C 222 16.87 -19.37 -12.37
N GLU C 223 16.47 -18.96 -11.18
CA GLU C 223 15.16 -18.39 -10.97
C GLU C 223 14.92 -17.05 -11.68
N ASP C 224 15.91 -16.15 -11.67
CA ASP C 224 15.80 -14.82 -12.35
C ASP C 224 15.68 -14.96 -13.88
N PHE C 225 16.30 -16.01 -14.42
CA PHE C 225 16.21 -16.31 -15.85
C PHE C 225 14.83 -16.83 -16.25
N ILE C 226 14.36 -17.86 -15.53
CA ILE C 226 13.03 -18.43 -15.78
C ILE C 226 11.97 -17.33 -15.72
N ALA C 227 12.03 -16.49 -14.68
CA ALA C 227 11.06 -15.43 -14.47
C ALA C 227 11.06 -14.42 -15.65
N LYS C 228 12.25 -13.94 -16.02
CA LYS C 228 12.43 -13.11 -17.22
C LYS C 228 11.79 -13.75 -18.45
N LYS C 229 12.10 -15.03 -18.70
CA LYS C 229 11.50 -15.77 -19.82
C LYS C 229 9.98 -15.81 -19.76
N VAL C 230 9.42 -15.86 -18.54
CA VAL C 230 7.97 -15.84 -18.30
C VAL C 230 7.36 -14.46 -18.62
N GLU C 231 7.99 -13.40 -18.10
CA GLU C 231 7.63 -12.01 -18.42
C GLU C 231 7.63 -11.71 -19.92
N HIS C 232 8.65 -12.17 -20.65
CA HIS C 232 8.69 -12.05 -22.11
C HIS C 232 7.55 -12.80 -22.79
N ASN C 233 7.31 -14.04 -22.36
CA ASN C 233 6.23 -14.88 -22.91
C ASN C 233 4.81 -14.32 -22.71
N GLN C 234 4.56 -13.64 -21.59
CA GLN C 234 3.23 -13.09 -21.29
C GLN C 234 2.98 -11.70 -21.92
N ARG C 235 4.07 -10.94 -22.06
CA ARG C 235 4.05 -9.62 -22.72
C ARG C 235 3.66 -9.75 -24.20
N THR C 236 3.47 -10.99 -24.66
CA THR C 236 3.17 -11.27 -26.07
C THR C 236 2.43 -12.61 -26.29
N LEU C 237 1.66 -13.03 -25.29
CA LEU C 237 0.91 -14.28 -25.40
C LEU C 237 -0.13 -14.23 -26.50
N ASP C 238 -0.28 -15.35 -27.19
CA ASP C 238 -1.35 -15.59 -28.15
C ASP C 238 -2.21 -16.72 -27.60
N PRO C 239 -3.25 -16.41 -26.80
CA PRO C 239 -4.12 -17.40 -26.14
C PRO C 239 -4.66 -18.53 -27.01
N ASN C 240 -4.53 -18.43 -28.32
CA ASN C 240 -5.09 -19.46 -29.22
C ASN C 240 -4.08 -20.47 -29.77
N SER C 241 -2.88 -20.03 -30.11
CA SER C 241 -1.79 -20.95 -30.46
C SER C 241 -0.56 -20.76 -29.53
N PRO C 242 -0.45 -21.64 -28.51
CA PRO C 242 0.68 -21.63 -27.56
C PRO C 242 1.99 -22.12 -28.18
N ARG C 243 3.09 -21.48 -27.82
CA ARG C 243 4.40 -21.77 -28.41
C ARG C 243 5.13 -22.89 -27.67
N ASP C 244 4.76 -23.11 -26.40
CA ASP C 244 5.52 -23.92 -25.44
C ASP C 244 4.81 -24.13 -24.10
N PHE C 245 5.43 -24.92 -23.22
CA PHE C 245 4.94 -25.19 -21.88
C PHE C 245 4.53 -23.93 -21.10
N ILE C 246 5.43 -22.94 -21.02
CA ILE C 246 5.14 -21.65 -20.34
C ILE C 246 3.84 -21.00 -20.84
N ASP C 247 3.64 -20.99 -22.16
CA ASP C 247 2.42 -20.45 -22.79
C ASP C 247 1.15 -21.17 -22.35
N SER C 248 1.18 -22.50 -22.37
CA SER C 248 0.04 -23.33 -22.00
C SER C 248 -0.42 -23.05 -20.58
N PHE C 249 0.55 -23.00 -19.67
CA PHE C 249 0.32 -22.68 -18.26
C PHE C 249 -0.28 -21.28 -18.09
N LEU C 250 0.21 -20.32 -18.88
CA LEU C 250 -0.30 -18.94 -18.81
C LEU C 250 -1.74 -18.84 -19.28
N ILE C 251 -2.11 -19.67 -20.24
CA ILE C 251 -3.49 -19.82 -20.69
C ILE C 251 -4.37 -20.42 -19.57
N ARG C 252 -3.87 -21.43 -18.88
CA ARG C 252 -4.60 -22.04 -17.78
C ARG C 252 -4.77 -21.04 -16.63
N MET C 253 -3.77 -20.17 -16.44
CA MET C 253 -3.89 -19.07 -15.47
C MET C 253 -4.99 -18.04 -15.78
N GLN C 254 -5.20 -17.73 -17.07
CA GLN C 254 -6.28 -16.84 -17.50
C GLN C 254 -7.64 -17.48 -17.24
N GLU C 255 -7.79 -18.74 -17.65
CA GLU C 255 -9.01 -19.52 -17.44
C GLU C 255 -9.35 -19.70 -15.95
N GLU C 256 -8.35 -19.61 -15.08
CA GLU C 256 -8.52 -19.87 -13.65
C GLU C 256 -8.54 -18.60 -12.77
N GLU C 257 -8.51 -17.42 -13.40
CA GLU C 257 -8.38 -16.15 -12.70
C GLU C 257 -9.55 -15.79 -11.75
N LYS C 258 -10.71 -16.42 -11.95
CA LYS C 258 -11.86 -16.20 -11.06
C LYS C 258 -11.97 -17.20 -9.90
N ASN C 259 -11.46 -18.42 -10.10
CA ASN C 259 -11.34 -19.42 -9.03
C ASN C 259 -10.26 -19.01 -8.01
N PRO C 260 -10.66 -18.68 -6.76
CA PRO C 260 -9.68 -18.19 -5.80
C PRO C 260 -8.87 -19.29 -5.09
N ASN C 261 -9.17 -20.56 -5.43
CA ASN C 261 -8.48 -21.69 -4.84
C ASN C 261 -7.60 -22.42 -5.82
N THR C 262 -7.30 -21.76 -6.94
CA THR C 262 -6.50 -22.37 -8.00
C THR C 262 -5.02 -22.54 -7.62
N GLU C 263 -4.40 -23.55 -8.21
CA GLU C 263 -2.97 -23.79 -8.09
C GLU C 263 -2.21 -23.15 -9.25
N PHE C 264 -2.95 -22.71 -10.25
CA PHE C 264 -2.36 -22.07 -11.42
C PHE C 264 -2.17 -20.56 -11.21
N TYR C 265 -0.98 -20.18 -10.78
CA TYR C 265 -0.62 -18.78 -10.61
C TYR C 265 0.89 -18.59 -10.79
N LEU C 266 1.33 -17.34 -10.86
CA LEU C 266 2.71 -17.02 -11.25
C LEU C 266 3.80 -17.90 -10.63
N LYS C 267 3.79 -18.04 -9.30
CA LYS C 267 4.85 -18.75 -8.58
C LYS C 267 4.91 -20.25 -8.89
N ASN C 268 3.76 -20.90 -9.08
CA ASN C 268 3.74 -22.31 -9.50
C ASN C 268 4.24 -22.52 -10.93
N LEU C 269 3.90 -21.57 -11.82
CA LEU C 269 4.42 -21.54 -13.18
C LEU C 269 5.93 -21.46 -13.23
N VAL C 270 6.47 -20.43 -12.59
CA VAL C 270 7.90 -20.19 -12.54
C VAL C 270 8.65 -21.41 -12.00
N MET C 271 8.13 -21.96 -10.89
CA MET C 271 8.78 -23.08 -10.19
C MET C 271 8.66 -24.44 -10.89
N THR C 272 7.50 -24.74 -11.51
CA THR C 272 7.37 -25.94 -12.36
C THR C 272 8.33 -25.91 -13.56
N THR C 273 8.42 -24.77 -14.24
CA THR C 273 9.30 -24.64 -15.40
C THR C 273 10.79 -24.79 -15.00
N LEU C 274 11.17 -24.17 -13.88
CA LEU C 274 12.51 -24.38 -13.32
C LEU C 274 12.75 -25.88 -13.05
N ASN C 275 11.78 -26.55 -12.40
CA ASN C 275 11.84 -28.00 -12.15
C ASN C 275 12.14 -28.77 -13.42
N LEU C 276 11.45 -28.35 -14.50
CA LEU C 276 11.51 -29.03 -15.79
C LEU C 276 12.82 -28.78 -16.51
N PHE C 277 13.21 -27.50 -16.57
CA PHE C 277 14.49 -27.08 -17.11
C PHE C 277 15.64 -27.82 -16.44
N ILE C 278 15.64 -27.83 -15.11
CA ILE C 278 16.69 -28.53 -14.37
C ILE C 278 16.61 -30.05 -14.56
N GLY C 279 15.41 -30.61 -14.41
CA GLY C 279 15.19 -32.05 -14.47
C GLY C 279 15.60 -32.70 -15.78
N GLY C 280 15.15 -32.10 -16.88
CA GLY C 280 15.47 -32.55 -18.22
C GLY C 280 16.83 -32.11 -18.69
N THR C 281 17.62 -31.52 -17.81
CA THR C 281 19.00 -31.20 -18.15
C THR C 281 20.02 -32.06 -17.42
N GLU C 282 20.03 -32.00 -16.09
CA GLU C 282 21.20 -32.43 -15.34
C GLU C 282 21.51 -33.94 -15.30
N THR C 283 20.48 -34.76 -15.12
CA THR C 283 20.65 -36.21 -14.90
C THR C 283 21.00 -37.01 -16.18
N VAL C 284 20.38 -36.66 -17.31
CA VAL C 284 20.71 -37.30 -18.60
C VAL C 284 22.16 -36.96 -18.99
N SER C 285 22.45 -35.67 -18.91
CA SER C 285 23.78 -35.09 -19.04
C SER C 285 24.86 -35.79 -18.21
N THR C 286 24.60 -35.96 -16.92
CA THR C 286 25.49 -36.68 -16.02
C THR C 286 25.64 -38.15 -16.46
N THR C 287 24.55 -38.75 -16.89
CA THR C 287 24.57 -40.13 -17.40
C THR C 287 25.41 -40.29 -18.67
N LEU C 288 25.25 -39.38 -19.62
CA LEU C 288 26.11 -39.42 -20.80
C LEU C 288 27.57 -39.32 -20.38
N ARG C 289 27.86 -38.35 -19.54
CA ARG C 289 29.23 -38.07 -19.11
C ARG C 289 29.83 -39.31 -18.43
N TYR C 290 29.05 -39.94 -17.57
CA TYR C 290 29.53 -41.10 -16.83
C TYR C 290 29.67 -42.27 -17.79
N GLY C 291 28.69 -42.35 -18.69
CA GLY C 291 28.63 -43.32 -19.76
C GLY C 291 29.91 -43.42 -20.57
N PHE C 292 30.42 -42.28 -21.01
CA PHE C 292 31.63 -42.27 -21.84
C PHE C 292 32.88 -42.68 -21.08
N LEU C 293 32.92 -42.34 -19.79
CA LEU C 293 34.02 -42.71 -18.93
C LEU C 293 34.09 -44.21 -18.72
N LEU C 294 32.94 -44.84 -18.47
CA LEU C 294 32.86 -46.31 -18.35
C LEU C 294 33.27 -46.97 -19.66
N LEU C 295 32.80 -46.45 -20.78
CA LEU C 295 33.10 -47.00 -22.09
C LEU C 295 34.60 -46.97 -22.42
N MET C 296 35.28 -45.91 -22.04
CA MET C 296 36.75 -45.84 -22.12
C MET C 296 37.46 -46.73 -21.10
N LYS C 297 36.74 -47.13 -20.04
CA LYS C 297 37.29 -48.04 -19.04
C LYS C 297 37.11 -49.51 -19.47
N HIS C 298 36.09 -49.78 -20.30
CA HIS C 298 35.88 -51.14 -20.81
C HIS C 298 35.89 -51.18 -22.34
N PRO C 299 37.10 -51.08 -22.95
CA PRO C 299 37.18 -50.95 -24.41
C PRO C 299 36.65 -52.15 -25.19
N GLU C 300 36.55 -53.30 -24.54
CA GLU C 300 35.89 -54.48 -25.12
C GLU C 300 34.37 -54.32 -25.24
N VAL C 301 33.79 -53.50 -24.37
CA VAL C 301 32.38 -53.18 -24.43
C VAL C 301 32.10 -52.14 -25.53
N GLU C 302 33.02 -51.19 -25.70
CA GLU C 302 32.95 -50.18 -26.76
C GLU C 302 32.98 -50.80 -28.17
N ALA C 303 33.83 -51.81 -28.36
CA ALA C 303 33.92 -52.55 -29.62
C ALA C 303 32.64 -53.35 -29.94
N LYS C 304 32.07 -54.03 -28.95
CA LYS C 304 30.78 -54.72 -29.11
C LYS C 304 29.64 -53.79 -29.52
N VAL C 305 29.58 -52.62 -28.89
CA VAL C 305 28.65 -51.55 -29.25
C VAL C 305 28.85 -51.05 -30.70
N HIS C 306 30.11 -50.90 -31.12
CA HIS C 306 30.38 -50.53 -32.52
C HIS C 306 29.91 -51.62 -33.49
N GLU C 307 30.23 -52.88 -33.17
CA GLU C 307 29.81 -54.05 -33.95
C GLU C 307 28.30 -53.99 -34.20
N GLU C 308 27.51 -53.96 -33.12
CA GLU C 308 26.05 -53.91 -33.21
C GLU C 308 25.53 -52.71 -33.99
N ILE C 309 26.09 -51.52 -33.75
CA ILE C 309 25.65 -50.33 -34.50
C ILE C 309 25.94 -50.46 -36.01
N ASP C 310 27.15 -50.92 -36.33
CA ASP C 310 27.57 -51.10 -37.74
C ASP C 310 26.69 -52.07 -38.51
N ARG C 311 26.35 -53.20 -37.87
CA ARG C 311 25.48 -54.22 -38.45
C ARG C 311 24.01 -53.77 -38.61
N VAL C 312 23.48 -53.05 -37.62
CA VAL C 312 22.04 -52.76 -37.51
C VAL C 312 21.59 -51.46 -38.20
N ILE C 313 22.46 -50.44 -38.14
CA ILE C 313 22.16 -49.10 -38.65
C ILE C 313 23.12 -48.72 -39.76
N GLY C 314 24.39 -49.09 -39.61
CA GLY C 314 25.45 -48.69 -40.52
C GLY C 314 25.82 -47.22 -40.35
N LYS C 315 26.55 -46.70 -41.35
CA LYS C 315 27.08 -45.34 -41.36
C LYS C 315 26.15 -44.32 -42.04
N ASN C 316 25.19 -44.81 -42.82
CA ASN C 316 24.24 -43.96 -43.56
C ASN C 316 23.41 -43.06 -42.63
N ARG C 317 22.32 -43.63 -42.11
CA ARG C 317 21.21 -42.88 -41.53
C ARG C 317 21.39 -42.51 -40.07
N GLN C 318 20.67 -41.47 -39.66
CA GLN C 318 20.53 -41.16 -38.24
C GLN C 318 19.82 -42.35 -37.59
N PRO C 319 20.36 -42.84 -36.45
CA PRO C 319 19.65 -43.82 -35.62
C PRO C 319 18.27 -43.28 -35.22
N LYS C 320 17.31 -44.18 -35.06
CA LYS C 320 16.00 -43.78 -34.56
C LYS C 320 15.59 -44.68 -33.40
N PHE C 321 14.63 -44.22 -32.61
CA PHE C 321 14.25 -44.93 -31.38
C PHE C 321 13.89 -46.42 -31.56
N GLU C 322 13.24 -46.78 -32.67
CA GLU C 322 12.86 -48.17 -32.98
C GLU C 322 14.03 -49.12 -33.27
N ASP C 323 15.21 -48.56 -33.55
CA ASP C 323 16.44 -49.35 -33.72
C ASP C 323 16.77 -50.13 -32.45
N ARG C 324 16.30 -49.61 -31.32
CA ARG C 324 16.41 -50.25 -29.99
C ARG C 324 16.00 -51.73 -29.97
N ALA C 325 14.98 -52.09 -30.74
CA ALA C 325 14.43 -53.45 -30.79
C ALA C 325 15.42 -54.56 -31.23
N LYS C 326 16.24 -54.29 -32.25
CA LYS C 326 17.23 -55.29 -32.68
C LYS C 326 18.65 -54.98 -32.17
N MET C 327 18.71 -54.11 -31.16
CA MET C 327 19.97 -53.79 -30.49
C MET C 327 19.97 -54.10 -28.97
N PRO C 328 19.84 -55.40 -28.61
CA PRO C 328 19.82 -55.73 -27.18
C PRO C 328 21.10 -55.33 -26.41
N TYR C 329 22.27 -55.43 -27.04
CA TYR C 329 23.52 -55.14 -26.34
C TYR C 329 23.63 -53.68 -25.92
N MET C 330 23.36 -52.77 -26.85
CA MET C 330 23.31 -51.34 -26.55
C MET C 330 22.36 -51.05 -25.37
N GLU C 331 21.17 -51.66 -25.40
CA GLU C 331 20.18 -51.49 -24.34
C GLU C 331 20.70 -51.95 -22.98
N ALA C 332 21.44 -53.05 -22.99
CA ALA C 332 22.10 -53.55 -21.79
C ALA C 332 23.19 -52.58 -21.31
N VAL C 333 24.03 -52.10 -22.23
CA VAL C 333 25.02 -51.07 -21.95
C VAL C 333 24.41 -49.80 -21.31
N ILE C 334 23.30 -49.29 -21.85
CA ILE C 334 22.69 -48.06 -21.33
C ILE C 334 22.08 -48.26 -19.95
N HIS C 335 21.31 -49.35 -19.81
CA HIS C 335 20.79 -49.77 -18.53
C HIS C 335 21.91 -49.94 -17.53
N GLU C 336 23.01 -50.56 -17.97
CA GLU C 336 24.17 -50.80 -17.11
C GLU C 336 24.83 -49.48 -16.67
N ILE C 337 24.91 -48.50 -17.55
CA ILE C 337 25.45 -47.19 -17.18
C ILE C 337 24.55 -46.52 -16.12
N GLN C 338 23.25 -46.53 -16.35
CA GLN C 338 22.29 -46.01 -15.37
C GLN C 338 22.36 -46.74 -14.03
N ARG C 339 22.54 -48.06 -14.05
CA ARG C 339 22.54 -48.85 -12.83
C ARG C 339 23.83 -48.67 -12.03
N PHE C 340 24.94 -48.53 -12.75
CA PHE C 340 26.24 -48.33 -12.14
C PHE C 340 26.42 -46.85 -11.74
N GLY C 341 26.12 -45.95 -12.66
CA GLY C 341 26.18 -44.52 -12.45
C GLY C 341 25.35 -44.00 -11.28
N ASP C 342 24.19 -44.63 -11.04
CA ASP C 342 23.35 -44.40 -9.84
C ASP C 342 23.15 -42.91 -9.53
N VAL C 343 22.70 -42.20 -10.56
CA VAL C 343 22.70 -40.73 -10.61
C VAL C 343 22.03 -40.03 -9.41
N ILE C 344 20.81 -40.42 -9.05
CA ILE C 344 20.15 -39.92 -7.84
C ILE C 344 20.07 -41.06 -6.82
N PRO C 345 21.13 -41.23 -5.99
CA PRO C 345 21.24 -42.47 -5.20
C PRO C 345 20.23 -42.67 -4.07
N MET C 346 19.74 -41.60 -3.45
CA MET C 346 18.72 -41.71 -2.41
C MET C 346 17.38 -41.18 -2.85
N SER C 347 17.19 -41.07 -4.17
CA SER C 347 15.96 -40.54 -4.74
C SER C 347 15.68 -39.10 -4.27
N LEU C 348 14.48 -38.62 -4.59
CA LEU C 348 13.92 -37.45 -3.92
C LEU C 348 13.06 -38.00 -2.81
N ALA C 349 13.27 -37.45 -1.61
CA ALA C 349 12.61 -37.96 -0.42
C ALA C 349 11.09 -37.95 -0.58
N ARG C 350 10.46 -39.02 -0.10
CA ARG C 350 9.01 -39.10 0.05
C ARG C 350 8.58 -38.71 1.48
N ARG C 351 7.27 -38.66 1.69
CA ARG C 351 6.73 -38.64 3.04
C ARG C 351 5.36 -39.36 3.15
N VAL C 352 5.03 -39.83 4.35
CA VAL C 352 3.78 -40.58 4.52
C VAL C 352 2.58 -39.66 4.58
N LYS C 353 1.52 -40.06 3.90
CA LYS C 353 0.35 -39.24 3.75
C LYS C 353 -0.46 -39.24 5.04
N LYS C 354 -0.61 -40.42 5.63
CA LYS C 354 -1.38 -40.60 6.85
C LYS C 354 -0.55 -41.45 7.82
N ASP C 355 -1.09 -41.69 9.02
CA ASP C 355 -0.57 -42.72 9.93
C ASP C 355 -0.55 -44.04 9.17
N THR C 356 0.53 -44.79 9.29
CA THR C 356 0.76 -45.96 8.44
C THR C 356 1.41 -47.13 9.19
N LYS C 357 0.82 -48.31 9.01
CA LYS C 357 1.50 -49.56 9.33
C LYS C 357 2.31 -50.03 8.11
N PHE C 358 3.56 -50.36 8.35
CA PHE C 358 4.44 -50.86 7.31
C PHE C 358 5.32 -51.92 7.95
N ARG C 359 5.20 -53.16 7.46
CA ARG C 359 5.94 -54.31 8.00
C ARG C 359 5.90 -54.41 9.53
N ASP C 360 4.72 -54.18 10.10
CA ASP C 360 4.61 -54.07 11.56
C ASP C 360 5.34 -52.86 12.23
N PHE C 361 5.67 -51.85 11.45
CA PHE C 361 6.11 -50.58 12.03
C PHE C 361 5.02 -49.53 11.91
N PHE C 362 5.03 -48.59 12.84
CA PHE C 362 4.10 -47.47 12.79
C PHE C 362 4.86 -46.25 12.30
N LEU C 363 4.31 -45.61 11.28
CA LEU C 363 4.87 -44.39 10.70
C LEU C 363 3.82 -43.30 10.77
N PRO C 364 4.03 -42.28 11.62
CA PRO C 364 3.03 -41.20 11.70
C PRO C 364 2.99 -40.39 10.42
N LYS C 365 1.81 -39.87 10.10
CA LYS C 365 1.61 -38.80 9.12
C LYS C 365 2.77 -37.81 9.11
N GLY C 366 3.32 -37.54 7.93
CA GLY C 366 4.36 -36.53 7.80
C GLY C 366 5.81 -37.02 7.87
N THR C 367 6.02 -38.18 8.49
CA THR C 367 7.34 -38.82 8.56
C THR C 367 8.02 -38.91 7.19
N GLU C 368 9.19 -38.28 7.06
CA GLU C 368 9.95 -38.34 5.81
C GLU C 368 10.48 -39.73 5.52
N VAL C 369 10.54 -40.08 4.24
CA VAL C 369 11.04 -41.38 3.80
C VAL C 369 12.14 -41.23 2.77
N TYR C 370 13.23 -41.99 2.96
CA TYR C 370 14.36 -42.06 2.03
C TYR C 370 14.38 -43.42 1.31
N PRO C 371 13.89 -43.46 0.07
CA PRO C 371 14.02 -44.70 -0.70
C PRO C 371 15.42 -44.82 -1.32
N MET C 372 16.22 -45.79 -0.84
CA MET C 372 17.63 -45.93 -1.27
C MET C 372 17.77 -46.61 -2.64
N LEU C 373 17.52 -45.84 -3.68
CA LEU C 373 17.54 -46.31 -5.07
C LEU C 373 18.83 -47.02 -5.43
N GLY C 374 19.97 -46.45 -5.06
CA GLY C 374 21.26 -47.12 -5.19
C GLY C 374 21.30 -48.52 -4.60
N SER C 375 20.57 -48.77 -3.51
CA SER C 375 20.61 -50.09 -2.86
C SER C 375 19.73 -51.10 -3.57
N VAL C 376 18.78 -50.60 -4.36
CA VAL C 376 18.02 -51.43 -5.30
C VAL C 376 18.89 -51.74 -6.54
N LEU C 377 19.44 -50.69 -7.15
CA LEU C 377 20.39 -50.84 -8.28
C LEU C 377 21.60 -51.74 -7.94
N ARG C 378 22.01 -51.80 -6.68
CA ARG C 378 23.11 -52.69 -6.25
C ARG C 378 22.71 -53.89 -5.38
N ASP C 379 21.44 -54.30 -5.45
CA ASP C 379 20.95 -55.40 -4.61
C ASP C 379 21.55 -56.73 -5.12
N PRO C 380 22.27 -57.47 -4.24
CA PRO C 380 22.90 -58.72 -4.69
C PRO C 380 21.92 -59.89 -4.99
N SER C 381 20.68 -59.80 -4.51
CA SER C 381 19.65 -60.78 -4.89
C SER C 381 19.18 -60.57 -6.35
N PHE C 382 19.55 -59.43 -6.93
CA PHE C 382 19.11 -59.06 -8.28
C PHE C 382 20.26 -58.92 -9.30
N PHE C 383 21.47 -58.63 -8.82
CA PHE C 383 22.67 -58.51 -9.67
C PHE C 383 23.86 -59.20 -9.00
N SER C 384 24.48 -60.12 -9.75
CA SER C 384 25.53 -61.02 -9.23
C SER C 384 26.90 -60.40 -8.86
N ASN C 385 27.27 -59.31 -9.49
CA ASN C 385 28.38 -58.50 -8.96
C ASN C 385 27.97 -57.05 -9.01
N PRO C 386 27.21 -56.61 -7.98
CA PRO C 386 26.58 -55.30 -8.07
C PRO C 386 27.58 -54.16 -8.24
N GLN C 387 28.77 -54.30 -7.66
CA GLN C 387 29.79 -53.24 -7.67
C GLN C 387 30.58 -53.14 -8.97
N ASP C 388 30.50 -54.18 -9.80
CA ASP C 388 31.20 -54.20 -11.08
C ASP C 388 30.34 -53.60 -12.19
N PHE C 389 30.99 -52.91 -13.13
CA PHE C 389 30.36 -52.56 -14.40
C PHE C 389 30.42 -53.72 -15.40
N ASN C 390 29.25 -54.22 -15.78
CA ASN C 390 29.09 -55.46 -16.53
C ASN C 390 27.74 -55.49 -17.25
N PRO C 391 27.73 -55.24 -18.57
CA PRO C 391 26.42 -55.24 -19.25
C PRO C 391 25.71 -56.61 -19.31
N GLN C 392 26.41 -57.69 -18.99
CA GLN C 392 25.78 -59.02 -18.88
C GLN C 392 24.63 -59.09 -17.85
N HIS C 393 24.69 -58.25 -16.81
CA HIS C 393 23.57 -58.02 -15.84
C HIS C 393 22.17 -57.82 -16.46
N PHE C 394 22.14 -57.47 -17.74
CA PHE C 394 20.89 -57.19 -18.46
C PHE C 394 20.74 -58.04 -19.73
N LEU C 395 21.51 -59.12 -19.81
CA LEU C 395 21.46 -60.05 -20.95
C LEU C 395 21.20 -61.51 -20.57
N ASN C 396 20.36 -62.17 -21.36
CA ASN C 396 20.19 -63.63 -21.38
C ASN C 396 21.51 -64.40 -21.57
N GLU C 397 21.41 -65.71 -21.66
CA GLU C 397 22.50 -66.54 -22.15
C GLU C 397 22.63 -66.30 -23.66
N LYS C 398 21.49 -66.24 -24.34
CA LYS C 398 21.44 -66.11 -25.80
C LYS C 398 21.74 -64.69 -26.30
N GLY C 399 22.24 -63.83 -25.41
CA GLY C 399 22.51 -62.42 -25.74
C GLY C 399 21.27 -61.55 -25.97
N GLN C 400 20.09 -62.01 -25.55
CA GLN C 400 18.87 -61.19 -25.61
C GLN C 400 18.78 -60.30 -24.37
N PHE C 401 18.06 -59.18 -24.50
CA PHE C 401 17.90 -58.26 -23.38
C PHE C 401 16.98 -58.85 -22.30
N LYS C 402 17.46 -58.81 -21.05
CA LYS C 402 16.74 -59.29 -19.87
C LYS C 402 16.48 -58.13 -18.90
N LYS C 403 15.20 -57.86 -18.63
CA LYS C 403 14.77 -56.80 -17.69
C LYS C 403 15.10 -57.16 -16.24
N SER C 404 15.11 -56.14 -15.36
CA SER C 404 15.18 -56.37 -13.92
C SER C 404 14.18 -55.55 -13.11
N ASP C 405 13.50 -56.21 -12.17
CA ASP C 405 12.63 -55.51 -11.24
C ASP C 405 13.36 -54.48 -10.39
N ALA C 406 14.68 -54.63 -10.27
CA ALA C 406 15.51 -53.74 -9.48
C ALA C 406 16.11 -52.59 -10.31
N PHE C 407 15.64 -52.46 -11.55
CA PHE C 407 16.01 -51.33 -12.37
C PHE C 407 15.08 -50.14 -12.11
N VAL C 408 15.48 -49.34 -11.13
CA VAL C 408 14.65 -48.24 -10.63
C VAL C 408 15.38 -46.87 -10.67
N PRO C 409 16.19 -46.60 -11.71
CA PRO C 409 16.91 -45.34 -11.61
C PRO C 409 15.97 -44.13 -11.54
N PHE C 410 14.75 -44.30 -12.07
CA PHE C 410 13.72 -43.29 -12.12
C PHE C 410 12.74 -43.41 -10.95
N SER C 411 13.01 -44.31 -10.01
CA SER C 411 12.13 -44.57 -8.90
C SER C 411 10.81 -45.22 -9.38
N ILE C 412 9.85 -45.35 -8.46
CA ILE C 412 8.63 -46.09 -8.70
C ILE C 412 7.48 -45.53 -7.84
N GLY C 413 6.25 -45.82 -8.23
CA GLY C 413 5.08 -45.34 -7.49
C GLY C 413 4.53 -44.03 -8.02
N LYS C 414 3.83 -43.30 -7.16
CA LYS C 414 2.93 -42.24 -7.58
C LYS C 414 3.61 -40.90 -7.86
N ARG C 415 4.77 -40.67 -7.25
CA ARG C 415 5.54 -39.46 -7.50
C ARG C 415 6.81 -39.78 -8.28
N ASN C 416 6.76 -40.83 -9.11
CA ASN C 416 7.93 -41.28 -9.87
C ASN C 416 8.30 -40.31 -11.00
N CYS C 417 9.51 -40.42 -11.53
CA CYS C 417 9.94 -39.50 -12.59
C CYS C 417 9.03 -39.52 -13.83
N PHE C 418 8.32 -38.43 -14.10
CA PHE C 418 7.51 -38.35 -15.32
C PHE C 418 8.32 -37.86 -16.53
N GLY C 419 9.58 -37.52 -16.28
CA GLY C 419 10.53 -37.25 -17.34
C GLY C 419 11.14 -38.52 -17.90
N GLU C 420 10.70 -39.68 -17.41
CA GLU C 420 11.28 -40.98 -17.80
C GLU C 420 11.27 -41.30 -19.31
N GLY C 421 10.12 -41.08 -19.95
CA GLY C 421 9.97 -41.32 -21.39
C GLY C 421 10.93 -40.47 -22.21
N LEU C 422 10.96 -39.17 -21.90
CA LEU C 422 11.90 -38.25 -22.52
C LEU C 422 13.37 -38.66 -22.29
N ALA C 423 13.71 -39.10 -21.08
CA ALA C 423 15.09 -39.44 -20.74
C ALA C 423 15.60 -40.69 -21.45
N ARG C 424 14.75 -41.72 -21.53
CA ARG C 424 15.11 -43.00 -22.15
C ARG C 424 15.33 -42.82 -23.64
N MET C 425 14.57 -41.90 -24.23
CA MET C 425 14.67 -41.61 -25.65
C MET C 425 15.97 -40.89 -25.94
N GLU C 426 16.30 -39.94 -25.08
CA GLU C 426 17.54 -39.17 -25.22
C GLU C 426 18.77 -40.05 -25.04
N LEU C 427 18.73 -40.90 -24.02
CA LEU C 427 19.87 -41.78 -23.71
C LEU C 427 20.18 -42.71 -24.90
N PHE C 428 19.15 -43.30 -25.50
CA PHE C 428 19.38 -44.11 -26.69
C PHE C 428 19.92 -43.29 -27.85
N LEU C 429 19.19 -42.25 -28.24
CA LEU C 429 19.57 -41.47 -29.41
C LEU C 429 20.94 -40.79 -29.28
N PHE C 430 21.22 -40.15 -28.15
CA PHE C 430 22.53 -39.55 -27.94
C PHE C 430 23.65 -40.61 -27.92
N PHE C 431 23.56 -41.60 -27.04
CA PHE C 431 24.62 -42.61 -27.00
C PHE C 431 24.92 -43.21 -28.37
N THR C 432 23.88 -43.69 -29.05
CA THR C 432 24.03 -44.38 -30.33
C THR C 432 24.54 -43.46 -31.47
N THR C 433 23.97 -42.26 -31.61
CA THR C 433 24.48 -41.29 -32.60
C THR C 433 25.98 -40.92 -32.37
N VAL C 434 26.38 -40.75 -31.11
CA VAL C 434 27.79 -40.51 -30.81
C VAL C 434 28.66 -41.74 -31.12
N MET C 435 28.29 -42.91 -30.58
CA MET C 435 29.04 -44.14 -30.84
C MET C 435 29.05 -44.52 -32.33
N GLN C 436 28.04 -44.07 -33.08
CA GLN C 436 27.96 -44.28 -34.52
C GLN C 436 29.11 -43.57 -35.24
N ASN C 437 29.40 -42.34 -34.80
CA ASN C 437 30.27 -41.41 -35.50
C ASN C 437 31.69 -41.32 -34.97
N PHE C 438 31.88 -41.68 -33.70
CA PHE C 438 33.19 -41.54 -33.05
C PHE C 438 33.66 -42.79 -32.33
N ARG C 439 34.96 -42.98 -32.27
CA ARG C 439 35.54 -43.89 -31.28
C ARG C 439 36.09 -43.00 -30.17
N LEU C 440 36.20 -43.56 -28.96
CA LEU C 440 36.66 -42.78 -27.81
C LEU C 440 38.14 -43.01 -27.47
N LYS C 441 38.82 -41.92 -27.11
CA LYS C 441 40.23 -41.95 -26.74
C LYS C 441 40.43 -41.18 -25.44
N SER C 442 40.85 -41.90 -24.40
CA SER C 442 41.18 -41.30 -23.11
C SER C 442 42.59 -40.75 -23.09
N SER C 443 42.80 -39.79 -22.20
CA SER C 443 44.10 -39.20 -21.94
C SER C 443 45.02 -40.14 -21.15
N GLN C 444 44.42 -41.06 -20.39
CA GLN C 444 45.18 -42.10 -19.68
C GLN C 444 44.80 -43.51 -20.19
N SER C 445 45.52 -44.54 -19.77
CA SER C 445 45.21 -45.91 -20.20
C SER C 445 44.12 -46.54 -19.32
N PRO C 446 43.29 -47.45 -19.89
CA PRO C 446 42.13 -48.05 -19.18
C PRO C 446 42.38 -48.53 -17.75
N LYS C 447 43.55 -49.10 -17.50
CA LYS C 447 43.94 -49.50 -16.13
C LYS C 447 43.99 -48.31 -15.15
N ASP C 448 44.40 -47.14 -15.65
CA ASP C 448 44.55 -45.92 -14.86
C ASP C 448 43.27 -45.08 -14.69
N ILE C 449 42.23 -45.40 -15.45
CA ILE C 449 41.00 -44.60 -15.41
C ILE C 449 40.19 -44.85 -14.13
N ASP C 450 39.93 -43.77 -13.38
CA ASP C 450 39.20 -43.88 -12.11
C ASP C 450 37.70 -43.59 -12.30
N VAL C 451 36.88 -44.62 -12.12
CA VAL C 451 35.42 -44.56 -12.27
C VAL C 451 34.65 -44.58 -10.94
N SER C 452 35.34 -44.31 -9.85
CA SER C 452 34.66 -44.02 -8.59
C SER C 452 34.19 -42.56 -8.65
N PRO C 453 33.01 -42.27 -8.08
CA PRO C 453 32.51 -40.90 -8.13
C PRO C 453 33.42 -39.92 -7.40
N LYS C 454 33.35 -38.65 -7.80
CA LYS C 454 34.04 -37.57 -7.13
C LYS C 454 33.26 -37.12 -5.87
N HIS C 455 31.93 -37.09 -6.00
CA HIS C 455 31.04 -36.75 -4.90
C HIS C 455 29.81 -37.68 -4.95
N VAL C 456 29.28 -38.01 -3.77
CA VAL C 456 28.00 -38.72 -3.66
C VAL C 456 27.26 -38.17 -2.46
N GLY C 457 26.10 -37.60 -2.72
CA GLY C 457 25.20 -37.08 -1.71
C GLY C 457 23.83 -37.14 -2.34
N PHE C 458 23.25 -36.00 -2.68
CA PHE C 458 22.01 -36.01 -3.44
C PHE C 458 22.18 -36.61 -4.85
N ALA C 459 23.30 -36.34 -5.51
CA ALA C 459 23.63 -37.03 -6.77
C ALA C 459 24.95 -37.81 -6.70
N THR C 460 25.20 -38.63 -7.73
CA THR C 460 26.51 -39.23 -7.93
C THR C 460 27.22 -38.45 -9.05
N ILE C 461 28.39 -37.88 -8.73
CA ILE C 461 29.12 -37.04 -9.67
C ILE C 461 30.39 -37.74 -10.13
N PRO C 462 30.52 -38.00 -11.43
CA PRO C 462 31.77 -38.61 -11.91
C PRO C 462 32.93 -37.62 -11.80
N ARG C 463 34.15 -38.15 -11.68
CA ARG C 463 35.35 -37.34 -11.65
C ARG C 463 35.49 -36.49 -12.90
N ASN C 464 36.11 -35.31 -12.77
CA ASN C 464 36.47 -34.47 -13.92
C ASN C 464 37.42 -35.22 -14.84
N TYR C 465 37.18 -35.12 -16.15
CA TYR C 465 38.09 -35.76 -17.10
C TYR C 465 38.10 -35.08 -18.47
N THR C 466 39.20 -35.27 -19.19
CA THR C 466 39.31 -34.87 -20.60
C THR C 466 39.37 -36.12 -21.50
N MET C 467 38.91 -35.98 -22.75
CA MET C 467 38.85 -37.09 -23.72
C MET C 467 38.91 -36.64 -25.21
N SER C 468 39.05 -37.60 -26.11
CA SER C 468 39.01 -37.34 -27.57
C SER C 468 37.95 -38.20 -28.26
N PHE C 469 37.18 -37.56 -29.14
CA PHE C 469 36.26 -38.23 -30.05
C PHE C 469 36.93 -38.26 -31.43
N LEU C 470 37.26 -39.47 -31.89
CA LEU C 470 37.89 -39.63 -33.20
C LEU C 470 36.87 -40.23 -34.15
N PRO C 471 36.84 -39.77 -35.42
CA PRO C 471 35.93 -40.37 -36.43
C PRO C 471 36.17 -41.86 -36.70
N ARG C 472 35.13 -42.58 -37.11
CA ARG C 472 35.21 -44.03 -37.30
C ARG C 472 35.99 -44.39 -38.58
N LYS D 10 -23.64 51.88 45.29
CA LYS D 10 -22.82 50.65 45.11
C LYS D 10 -22.82 50.14 43.67
N LEU D 11 -24.00 49.94 43.09
CA LEU D 11 -24.12 49.61 41.67
C LEU D 11 -23.79 50.86 40.86
N PRO D 12 -23.16 50.70 39.67
CA PRO D 12 -22.82 51.85 38.83
C PRO D 12 -24.01 52.78 38.59
N PRO D 13 -23.75 54.08 38.35
CA PRO D 13 -24.79 55.09 38.08
C PRO D 13 -25.64 54.77 36.83
N GLY D 14 -26.84 55.35 36.77
CA GLY D 14 -27.69 55.21 35.60
C GLY D 14 -29.05 55.84 35.81
N PRO D 15 -29.84 55.95 34.73
CA PRO D 15 -31.16 56.58 34.76
C PRO D 15 -32.12 55.81 35.68
N THR D 16 -32.93 56.55 36.43
CA THR D 16 -33.91 55.94 37.34
C THR D 16 -34.88 55.08 36.52
N PRO D 17 -35.07 53.82 36.93
CA PRO D 17 -35.98 52.94 36.21
C PRO D 17 -37.41 53.03 36.72
N LEU D 18 -38.35 52.64 35.88
CA LEU D 18 -39.71 52.38 36.34
C LEU D 18 -39.89 50.89 36.64
N PRO D 19 -40.88 50.55 37.49
CA PRO D 19 -41.16 49.13 37.75
C PRO D 19 -41.45 48.34 36.48
N PHE D 20 -40.77 47.21 36.35
CA PHE D 20 -40.91 46.27 35.23
C PHE D 20 -40.35 46.76 33.91
N ILE D 21 -40.84 47.91 33.43
CA ILE D 21 -40.35 48.48 32.17
C ILE D 21 -38.88 48.97 32.25
N GLY D 22 -38.32 49.09 33.45
CA GLY D 22 -36.94 49.53 33.64
C GLY D 22 -36.64 50.88 33.00
N ASN D 23 -35.75 50.87 32.02
CA ASN D 23 -35.32 52.08 31.30
C ASN D 23 -35.85 52.25 29.88
N TYR D 24 -36.90 51.51 29.58
CA TYR D 24 -37.56 51.56 28.30
C TYR D 24 -37.88 52.99 27.77
N LEU D 25 -38.40 53.85 28.64
CA LEU D 25 -38.74 55.24 28.26
C LEU D 25 -37.50 56.11 27.98
N GLN D 26 -36.35 55.74 28.53
CA GLN D 26 -35.07 56.42 28.22
C GLN D 26 -34.27 55.75 27.10
N LEU D 27 -34.87 54.77 26.41
CA LEU D 27 -34.19 54.09 25.28
C LEU D 27 -35.00 54.10 23.99
N ASN D 28 -34.32 53.83 22.88
CA ASN D 28 -34.97 53.73 21.56
C ASN D 28 -34.72 52.37 20.86
N THR D 29 -35.78 51.58 20.70
CA THR D 29 -35.66 50.21 20.21
C THR D 29 -35.21 50.10 18.75
N GLU D 30 -35.39 51.17 17.98
CA GLU D 30 -34.85 51.23 16.62
C GLU D 30 -33.34 51.46 16.58
N GLN D 31 -32.80 52.29 17.47
CA GLN D 31 -31.34 52.47 17.59
C GLN D 31 -30.78 52.35 19.02
N MET D 32 -30.83 51.12 19.53
CA MET D 32 -30.40 50.76 20.89
C MET D 32 -28.93 51.04 21.24
N TYR D 33 -28.03 50.87 20.27
CA TYR D 33 -26.61 51.17 20.46
C TYR D 33 -26.34 52.66 20.76
N ASN D 34 -26.93 53.54 19.96
CA ASN D 34 -26.82 54.98 20.15
C ASN D 34 -27.53 55.48 21.42
N SER D 35 -28.62 54.81 21.80
CA SER D 35 -29.32 55.10 23.06
C SER D 35 -28.38 54.85 24.24
N LEU D 36 -27.74 53.68 24.24
CA LEU D 36 -26.73 53.32 25.26
C LEU D 36 -25.50 54.21 25.24
N MET D 37 -24.99 54.50 24.04
CA MET D 37 -23.86 55.43 23.90
C MET D 37 -24.23 56.84 24.37
N LYS D 38 -25.45 57.30 24.06
CA LYS D 38 -25.97 58.60 24.52
C LYS D 38 -25.97 58.71 26.04
N ILE D 39 -26.32 57.63 26.73
CA ILE D 39 -26.44 57.70 28.19
C ILE D 39 -25.10 57.50 28.91
N SER D 40 -24.13 56.84 28.27
CA SER D 40 -22.78 56.77 28.82
C SER D 40 -22.12 58.17 28.88
N GLU D 41 -22.46 59.01 27.89
CA GLU D 41 -22.03 60.41 27.85
C GLU D 41 -22.49 61.15 29.11
N ARG D 42 -23.62 60.73 29.67
CA ARG D 42 -24.16 61.37 30.86
C ARG D 42 -23.78 60.70 32.17
N TYR D 43 -23.56 59.38 32.17
CA TYR D 43 -23.24 58.68 33.42
C TYR D 43 -21.81 58.14 33.50
N GLY D 44 -21.15 57.99 32.35
CA GLY D 44 -19.76 57.50 32.31
C GLY D 44 -19.56 56.19 31.59
N PRO D 45 -18.32 55.67 31.59
CA PRO D 45 -18.01 54.47 30.80
C PRO D 45 -18.53 53.17 31.45
N VAL D 46 -18.92 53.25 32.71
CA VAL D 46 -19.51 52.10 33.39
C VAL D 46 -20.84 52.50 34.03
N PHE D 47 -21.93 52.04 33.43
CA PHE D 47 -23.27 52.40 33.87
C PHE D 47 -24.25 51.23 33.96
N THR D 48 -25.30 51.42 34.76
CA THR D 48 -26.37 50.45 34.92
C THR D 48 -27.62 50.90 34.16
N ILE D 49 -28.12 49.98 33.34
CA ILE D 49 -29.34 50.17 32.60
C ILE D 49 -30.30 49.03 32.96
N HIS D 50 -31.59 49.27 32.77
CA HIS D 50 -32.58 48.26 33.08
C HIS D 50 -33.32 47.88 31.79
N LEU D 51 -32.96 46.75 31.20
CA LEU D 51 -33.65 46.28 29.98
C LEU D 51 -34.90 45.55 30.41
N GLY D 52 -36.03 46.25 30.37
CA GLY D 52 -37.18 45.87 31.18
C GLY D 52 -36.68 45.52 32.59
N PRO D 53 -37.03 44.31 33.07
CA PRO D 53 -36.59 43.82 34.39
C PRO D 53 -35.12 43.38 34.46
N ARG D 54 -34.48 43.25 33.31
CA ARG D 54 -33.06 42.88 33.24
C ARG D 54 -32.14 44.00 33.70
N ARG D 55 -31.54 43.82 34.87
CA ARG D 55 -30.56 44.73 35.41
C ARG D 55 -29.24 44.37 34.77
N VAL D 56 -28.67 45.32 34.02
CA VAL D 56 -27.49 45.12 33.20
C VAL D 56 -26.45 46.23 33.41
N VAL D 57 -25.20 45.83 33.61
CA VAL D 57 -24.08 46.76 33.64
C VAL D 57 -23.43 46.82 32.27
N VAL D 58 -23.36 48.03 31.73
CA VAL D 58 -22.81 48.32 30.43
C VAL D 58 -21.38 48.83 30.56
N LEU D 59 -20.49 48.33 29.72
CA LEU D 59 -19.09 48.70 29.75
C LEU D 59 -18.69 49.29 28.41
N CYS D 60 -18.23 50.53 28.42
CA CYS D 60 -17.84 51.24 27.20
C CYS D 60 -16.37 51.61 27.26
N GLY D 61 -15.70 51.50 26.12
CA GLY D 61 -14.28 51.80 26.01
C GLY D 61 -13.39 50.59 26.20
N HIS D 62 -12.18 50.68 25.66
CA HIS D 62 -11.21 49.61 25.86
C HIS D 62 -10.90 49.39 27.34
N ASP D 63 -10.66 50.47 28.08
CA ASP D 63 -10.24 50.35 29.48
C ASP D 63 -11.24 49.56 30.31
N ALA D 64 -12.50 49.99 30.27
CA ALA D 64 -13.57 49.39 31.02
C ALA D 64 -13.74 47.91 30.65
N VAL D 65 -13.81 47.63 29.35
CA VAL D 65 -14.02 46.27 28.84
C VAL D 65 -12.88 45.34 29.27
N ARG D 66 -11.63 45.78 29.09
CA ARG D 66 -10.45 44.96 29.45
C ARG D 66 -10.33 44.72 30.97
N GLU D 67 -10.55 45.74 31.78
CA GLU D 67 -10.51 45.57 33.24
C GLU D 67 -11.48 44.54 33.78
N ALA D 68 -12.63 44.38 33.13
CA ALA D 68 -13.62 43.42 33.56
C ALA D 68 -13.38 42.03 32.95
N LEU D 69 -13.28 41.97 31.61
CA LEU D 69 -13.23 40.69 30.94
C LEU D 69 -11.88 39.96 31.03
N VAL D 70 -10.80 40.73 31.15
CA VAL D 70 -9.45 40.13 31.29
C VAL D 70 -8.94 40.17 32.74
N ASP D 71 -8.86 41.35 33.34
CA ASP D 71 -8.22 41.50 34.65
C ASP D 71 -9.01 40.87 35.77
N GLN D 72 -10.32 40.71 35.54
CA GLN D 72 -11.19 40.00 36.46
C GLN D 72 -11.98 38.94 35.69
N ALA D 73 -11.25 38.24 34.82
CA ALA D 73 -11.78 37.23 33.89
C ALA D 73 -12.76 36.25 34.52
N GLU D 74 -12.32 35.62 35.61
CA GLU D 74 -13.11 34.62 36.30
C GLU D 74 -14.47 35.18 36.69
N GLU D 75 -14.46 36.34 37.32
CA GLU D 75 -15.66 37.00 37.83
C GLU D 75 -16.68 37.39 36.74
N PHE D 76 -16.18 37.75 35.56
CA PHE D 76 -17.04 38.14 34.47
C PHE D 76 -17.27 36.99 33.48
N SER D 77 -16.92 35.77 33.87
CA SER D 77 -16.92 34.61 32.94
C SER D 77 -18.27 33.90 32.77
N GLY D 78 -19.29 34.36 33.49
CA GLY D 78 -20.65 33.83 33.31
C GLY D 78 -21.27 34.25 31.98
N ARG D 79 -22.26 33.48 31.53
CA ARG D 79 -22.99 33.77 30.28
C ARG D 79 -24.36 34.39 30.55
N GLY D 80 -24.61 35.57 29.96
CA GLY D 80 -25.90 36.25 30.03
C GLY D 80 -26.88 35.76 28.97
N GLU D 81 -28.02 36.42 28.83
CA GLU D 81 -29.04 35.92 27.89
C GLU D 81 -29.01 36.68 26.56
N GLN D 82 -29.31 35.96 25.47
CA GLN D 82 -29.78 36.57 24.24
C GLN D 82 -31.15 35.97 23.98
N ALA D 83 -32.19 36.71 24.36
CA ALA D 83 -33.53 36.17 24.51
C ALA D 83 -34.11 35.57 23.24
N THR D 84 -33.89 36.22 22.10
CA THR D 84 -34.36 35.67 20.83
C THR D 84 -33.80 34.25 20.57
N PHE D 85 -32.47 34.11 20.62
CA PHE D 85 -31.82 32.82 20.35
C PHE D 85 -32.07 31.82 21.46
N ASP D 86 -32.18 32.31 22.69
CA ASP D 86 -32.36 31.42 23.81
C ASP D 86 -33.79 30.95 23.98
N TRP D 87 -34.68 31.40 23.10
CA TRP D 87 -35.98 30.79 23.00
C TRP D 87 -35.78 29.31 22.66
N VAL D 88 -34.85 29.04 21.75
CA VAL D 88 -34.62 27.68 21.29
C VAL D 88 -33.64 26.88 22.17
N PHE D 89 -32.59 27.54 22.65
CA PHE D 89 -31.52 26.86 23.38
C PHE D 89 -31.82 26.61 24.86
N LYS D 90 -32.64 27.47 25.45
CA LYS D 90 -33.10 27.35 26.85
C LYS D 90 -31.99 26.92 27.83
N GLY D 91 -30.80 27.48 27.66
CA GLY D 91 -29.66 27.17 28.54
C GLY D 91 -28.82 25.94 28.17
N TYR D 92 -29.32 25.12 27.25
CA TYR D 92 -28.59 23.95 26.74
C TYR D 92 -27.75 24.34 25.51
N GLY D 93 -26.71 23.57 25.24
CA GLY D 93 -25.70 23.92 24.23
C GLY D 93 -24.57 24.70 24.87
N VAL D 94 -23.48 24.89 24.12
CA VAL D 94 -22.28 25.53 24.65
C VAL D 94 -22.38 27.06 24.76
N VAL D 95 -23.09 27.71 23.84
CA VAL D 95 -23.17 29.16 23.90
C VAL D 95 -23.88 29.63 25.17
N PHE D 96 -25.07 29.08 25.42
CA PHE D 96 -25.95 29.62 26.44
C PHE D 96 -25.93 28.91 27.79
N SER D 97 -24.94 28.03 27.97
CA SER D 97 -24.76 27.26 29.19
C SER D 97 -23.86 27.98 30.19
N ASN D 98 -23.98 27.59 31.47
CA ASN D 98 -23.12 28.11 32.53
C ASN D 98 -22.45 27.05 33.41
N GLY D 99 -21.55 27.48 34.29
CA GLY D 99 -20.93 26.60 35.27
C GLY D 99 -20.32 25.35 34.66
N GLU D 100 -20.72 24.21 35.19
CA GLU D 100 -20.20 22.90 34.79
C GLU D 100 -20.62 22.49 33.40
N ARG D 101 -21.82 22.90 32.98
CA ARG D 101 -22.28 22.63 31.62
C ARG D 101 -21.40 23.34 30.60
N ALA D 102 -21.02 24.58 30.90
CA ALA D 102 -20.18 25.39 30.01
C ALA D 102 -18.74 24.88 29.98
N LYS D 103 -18.23 24.49 31.15
CA LYS D 103 -16.90 23.90 31.28
C LYS D 103 -16.75 22.70 30.33
N GLN D 104 -17.69 21.76 30.47
CA GLN D 104 -17.69 20.51 29.73
C GLN D 104 -17.82 20.74 28.22
N LEU D 105 -18.93 21.33 27.78
CA LEU D 105 -19.20 21.48 26.34
C LEU D 105 -18.18 22.32 25.58
N ARG D 106 -17.62 23.36 26.21
CA ARG D 106 -16.60 24.20 25.58
C ARG D 106 -15.28 23.45 25.36
N ARG D 107 -14.72 22.94 26.45
CA ARG D 107 -13.51 22.11 26.45
C ARG D 107 -13.61 21.00 25.39
N PHE D 108 -14.73 20.27 25.41
CA PHE D 108 -15.02 19.27 24.41
C PHE D 108 -15.07 19.84 22.99
N SER D 109 -15.63 21.04 22.84
CA SER D 109 -15.78 21.65 21.52
C SER D 109 -14.45 22.13 20.96
N ILE D 110 -13.60 22.71 21.80
CA ILE D 110 -12.27 23.15 21.37
C ILE D 110 -11.43 21.94 20.92
N ALA D 111 -11.44 20.89 21.73
CA ALA D 111 -10.73 19.65 21.43
C ALA D 111 -11.22 18.94 20.16
N THR D 112 -12.55 18.82 20.00
CA THR D 112 -13.14 18.12 18.84
C THR D 112 -12.98 18.86 17.51
N LEU D 113 -13.06 20.19 17.55
CA LEU D 113 -12.74 21.05 16.41
C LEU D 113 -11.29 20.87 15.95
N ARG D 114 -10.36 20.90 16.91
CA ARG D 114 -8.94 20.64 16.68
C ARG D 114 -8.72 19.26 16.02
N ASP D 115 -9.41 18.23 16.52
CA ASP D 115 -9.35 16.85 15.98
C ASP D 115 -9.71 16.78 14.49
N PHE D 116 -10.52 17.73 14.02
CA PHE D 116 -11.00 17.67 12.65
C PHE D 116 -10.35 18.76 11.78
N GLY D 117 -9.20 19.23 12.24
CA GLY D 117 -8.33 20.06 11.42
C GLY D 117 -8.22 21.54 11.73
N VAL D 118 -9.01 22.06 12.67
CA VAL D 118 -8.92 23.50 13.02
C VAL D 118 -7.54 23.86 13.58
N GLY D 119 -6.93 24.91 13.02
CA GLY D 119 -5.57 25.33 13.34
C GLY D 119 -4.50 24.55 12.60
N LYS D 120 -4.94 23.58 11.81
CA LYS D 120 -4.06 22.63 11.13
C LYS D 120 -4.18 22.64 9.60
N ARG D 121 -3.20 22.03 8.95
CA ARG D 121 -3.17 21.73 7.50
C ARG D 121 -4.52 21.25 6.90
N GLY D 122 -5.16 20.28 7.57
CA GLY D 122 -6.39 19.65 7.09
C GLY D 122 -7.56 20.58 6.83
N ILE D 123 -7.73 21.58 7.69
CA ILE D 123 -8.81 22.53 7.51
C ILE D 123 -8.38 23.62 6.53
N GLU D 124 -7.10 23.96 6.53
CA GLU D 124 -6.57 24.88 5.53
C GLU D 124 -6.88 24.34 4.12
N GLU D 125 -6.69 23.04 3.93
CA GLU D 125 -6.99 22.37 2.66
C GLU D 125 -8.46 22.52 2.28
N ARG D 126 -9.35 22.32 3.25
CA ARG D 126 -10.79 22.37 2.98
C ARG D 126 -11.22 23.81 2.70
N ILE D 127 -10.65 24.77 3.43
CA ILE D 127 -10.89 26.17 3.11
C ILE D 127 -10.37 26.52 1.71
N GLN D 128 -9.19 26.01 1.33
CA GLN D 128 -8.64 26.24 -0.02
C GLN D 128 -9.55 25.73 -1.16
N GLU D 129 -9.98 24.47 -1.06
CA GLU D 129 -10.92 23.87 -2.02
C GLU D 129 -12.18 24.77 -2.19
N GLU D 130 -12.82 25.05 -1.06
CA GLU D 130 -14.07 25.81 -1.02
C GLU D 130 -13.89 27.21 -1.58
N ALA D 131 -12.73 27.80 -1.30
CA ALA D 131 -12.34 29.07 -1.90
C ALA D 131 -12.25 28.97 -3.42
N GLY D 132 -11.63 27.88 -3.92
CA GLY D 132 -11.57 27.60 -5.36
C GLY D 132 -12.96 27.49 -5.96
N PHE D 133 -13.84 26.75 -5.28
CA PHE D 133 -15.24 26.59 -5.69
C PHE D 133 -15.98 27.93 -5.76
N LEU D 134 -15.83 28.75 -4.71
CA LEU D 134 -16.36 30.12 -4.74
C LEU D 134 -15.93 30.88 -6.01
N ILE D 135 -14.68 30.71 -6.43
CA ILE D 135 -14.16 31.38 -7.64
C ILE D 135 -14.92 30.93 -8.88
N ASP D 136 -15.17 29.61 -9.00
CA ASP D 136 -15.98 29.04 -10.09
C ASP D 136 -17.37 29.67 -10.21
N ALA D 137 -18.08 29.73 -9.08
CA ALA D 137 -19.37 30.38 -8.96
C ALA D 137 -19.35 31.85 -9.42
N LEU D 138 -18.26 32.55 -9.12
CA LEU D 138 -18.13 33.96 -9.49
C LEU D 138 -17.65 34.13 -10.94
N ARG D 139 -16.78 33.22 -11.38
CA ARG D 139 -16.38 33.10 -12.79
C ARG D 139 -17.64 32.90 -13.65
N GLY D 140 -18.54 32.02 -13.18
CA GLY D 140 -19.79 31.68 -13.89
C GLY D 140 -20.84 32.77 -14.03
N THR D 141 -20.66 33.90 -13.34
CA THR D 141 -21.56 35.06 -13.44
C THR D 141 -21.24 36.00 -14.62
N GLY D 142 -20.09 35.77 -15.25
CA GLY D 142 -19.69 36.49 -16.47
C GLY D 142 -19.52 38.00 -16.34
N GLY D 143 -19.57 38.50 -15.11
CA GLY D 143 -19.27 39.91 -14.84
C GLY D 143 -20.46 40.80 -14.49
N ALA D 144 -21.66 40.24 -14.41
CA ALA D 144 -22.87 41.03 -14.14
C ALA D 144 -22.91 41.51 -12.68
N ASN D 145 -23.76 42.51 -12.40
CA ASN D 145 -23.98 42.93 -11.02
C ASN D 145 -24.77 41.82 -10.34
N ILE D 146 -24.22 41.26 -9.27
CA ILE D 146 -24.96 40.28 -8.46
C ILE D 146 -24.99 40.63 -6.98
N ASP D 147 -26.00 40.11 -6.31
CA ASP D 147 -26.05 40.09 -4.85
C ASP D 147 -25.12 38.95 -4.40
N PRO D 148 -24.02 39.27 -3.69
CA PRO D 148 -23.05 38.24 -3.27
C PRO D 148 -23.40 37.48 -1.97
N THR D 149 -24.33 38.00 -1.16
CA THR D 149 -24.76 37.33 0.08
C THR D 149 -24.78 35.80 -0.05
N PHE D 150 -25.53 35.29 -1.02
CA PHE D 150 -25.79 33.86 -1.16
C PHE D 150 -24.54 33.04 -1.44
N PHE D 151 -23.75 33.49 -2.40
CA PHE D 151 -22.54 32.79 -2.82
C PHE D 151 -21.55 32.68 -1.67
N LEU D 152 -21.33 33.82 -1.02
CA LEU D 152 -20.45 33.95 0.14
C LEU D 152 -20.80 33.02 1.29
N SER D 153 -22.07 32.99 1.67
CA SER D 153 -22.44 32.13 2.78
C SER D 153 -22.60 30.65 2.41
N ARG D 154 -22.77 30.30 1.14
CA ARG D 154 -22.70 28.85 0.81
C ARG D 154 -21.27 28.36 0.99
N THR D 155 -20.31 29.21 0.61
CA THR D 155 -18.90 28.88 0.67
C THR D 155 -18.47 28.78 2.13
N VAL D 156 -18.74 29.83 2.90
CA VAL D 156 -18.40 29.89 4.33
C VAL D 156 -19.01 28.70 5.07
N SER D 157 -20.33 28.53 4.97
CA SER D 157 -21.05 27.51 5.71
C SER D 157 -20.56 26.11 5.44
N ASN D 158 -20.03 25.89 4.23
CA ASN D 158 -19.56 24.57 3.82
C ASN D 158 -18.43 24.06 4.69
N VAL D 159 -17.65 25.00 5.23
CA VAL D 159 -16.50 24.69 6.07
C VAL D 159 -16.95 24.11 7.42
N ILE D 160 -17.75 24.87 8.17
CA ILE D 160 -18.20 24.38 9.48
C ILE D 160 -19.09 23.12 9.34
N SER D 161 -19.82 23.03 8.22
CA SER D 161 -20.66 21.85 7.92
C SER D 161 -19.87 20.53 7.71
N SER D 162 -18.75 20.58 7.01
CA SER D 162 -17.84 19.42 6.85
C SER D 162 -17.42 18.86 8.20
N ILE D 163 -17.11 19.79 9.11
CA ILE D 163 -16.65 19.48 10.44
C ILE D 163 -17.75 18.84 11.25
N VAL D 164 -18.95 19.44 11.23
CA VAL D 164 -20.04 18.99 12.10
C VAL D 164 -20.97 17.94 11.47
N PHE D 165 -21.29 18.08 10.19
CA PHE D 165 -22.15 17.13 9.47
C PHE D 165 -21.39 16.12 8.60
N GLY D 166 -20.11 16.38 8.33
CA GLY D 166 -19.32 15.52 7.44
C GLY D 166 -19.68 15.69 5.97
N ASP D 167 -20.79 16.38 5.72
CA ASP D 167 -21.28 16.72 4.39
C ASP D 167 -21.10 18.23 4.13
N ARG D 168 -20.83 18.60 2.89
CA ARG D 168 -20.86 19.99 2.48
C ARG D 168 -22.14 20.21 1.67
N PHE D 169 -22.51 21.46 1.45
CA PHE D 169 -23.65 21.76 0.62
C PHE D 169 -23.25 21.92 -0.84
N ASP D 170 -23.85 21.07 -1.67
CA ASP D 170 -23.94 21.27 -3.11
C ASP D 170 -24.47 22.69 -3.35
N TYR D 171 -23.79 23.45 -4.21
CA TYR D 171 -24.09 24.88 -4.40
C TYR D 171 -25.51 25.22 -4.87
N LYS D 172 -26.16 24.26 -5.53
CA LYS D 172 -27.51 24.42 -6.09
C LYS D 172 -28.61 23.82 -5.18
N ASP D 173 -28.18 23.13 -4.13
CA ASP D 173 -29.06 22.45 -3.17
C ASP D 173 -30.14 23.39 -2.65
N LYS D 174 -31.40 23.05 -2.94
CA LYS D 174 -32.52 23.94 -2.65
C LYS D 174 -32.82 24.11 -1.15
N GLU D 175 -32.24 23.25 -0.30
CA GLU D 175 -32.48 23.38 1.14
C GLU D 175 -31.48 24.28 1.87
N PHE D 176 -30.29 24.49 1.30
CA PHE D 176 -29.37 25.46 1.88
C PHE D 176 -29.89 26.88 1.76
N LEU D 177 -30.54 27.19 0.62
CA LEU D 177 -31.13 28.52 0.43
C LEU D 177 -32.14 28.81 1.52
N SER D 178 -33.01 27.84 1.81
CA SER D 178 -34.01 27.98 2.86
C SER D 178 -33.39 28.05 4.26
N LEU D 179 -32.38 27.22 4.52
CA LEU D 179 -31.59 27.34 5.76
C LEU D 179 -30.90 28.70 5.85
N LEU D 180 -30.37 29.17 4.73
CA LEU D 180 -29.73 30.48 4.67
C LEU D 180 -30.73 31.59 4.94
N ARG D 181 -31.92 31.49 4.33
CA ARG D 181 -33.01 32.43 4.56
C ARG D 181 -33.46 32.43 6.03
N MET D 182 -33.48 31.24 6.66
CA MET D 182 -33.81 31.13 8.09
C MET D 182 -32.88 31.97 8.98
N MET D 183 -31.58 31.71 8.85
CA MET D 183 -30.54 32.40 9.62
C MET D 183 -30.58 33.90 9.43
N LEU D 184 -30.67 34.29 8.16
CA LEU D 184 -30.73 35.67 7.76
C LEU D 184 -31.91 36.35 8.48
N GLY D 185 -33.08 35.71 8.43
CA GLY D 185 -34.29 36.21 9.07
C GLY D 185 -34.20 36.38 10.59
N ILE D 186 -33.48 35.48 11.26
CA ILE D 186 -33.34 35.53 12.72
C ILE D 186 -32.46 36.68 13.16
N PHE D 187 -31.29 36.78 12.52
CA PHE D 187 -30.37 37.90 12.76
C PHE D 187 -31.03 39.25 12.49
N GLN D 188 -31.65 39.38 11.32
CA GLN D 188 -32.42 40.55 10.94
C GLN D 188 -33.57 40.86 11.94
N PHE D 189 -34.23 39.82 12.47
CA PHE D 189 -35.25 40.07 13.48
C PHE D 189 -34.67 40.70 14.77
N THR D 190 -33.51 40.23 15.20
CA THR D 190 -32.86 40.81 16.41
C THR D 190 -32.45 42.27 16.24
N SER D 191 -32.38 42.75 15.02
CA SER D 191 -32.01 44.16 14.84
C SER D 191 -33.18 45.06 14.42
N THR D 192 -34.41 44.51 14.42
CA THR D 192 -35.62 45.34 14.37
C THR D 192 -36.02 45.82 15.79
N SER D 193 -36.97 46.75 15.82
CA SER D 193 -37.57 47.27 17.02
C SER D 193 -38.25 46.19 17.87
N THR D 194 -39.08 45.35 17.25
CA THR D 194 -39.72 44.26 17.95
C THR D 194 -38.67 43.29 18.58
N GLY D 195 -37.65 42.95 17.80
CA GLY D 195 -36.55 42.12 18.27
C GLY D 195 -35.85 42.67 19.50
N GLN D 196 -35.65 44.00 19.53
CA GLN D 196 -34.96 44.61 20.65
C GLN D 196 -35.90 44.87 21.82
N LEU D 197 -37.17 45.12 21.51
CA LEU D 197 -38.24 45.14 22.52
C LEU D 197 -38.37 43.75 23.15
N TYR D 198 -38.18 42.72 22.32
CA TYR D 198 -38.16 41.33 22.80
C TYR D 198 -37.10 41.06 23.87
N GLU D 199 -35.96 41.74 23.78
CA GLU D 199 -34.88 41.58 24.74
C GLU D 199 -35.28 42.06 26.13
N MET D 200 -36.15 43.08 26.19
CA MET D 200 -36.62 43.64 27.45
C MET D 200 -37.78 42.82 28.02
N PHE D 201 -38.67 42.38 27.14
CA PHE D 201 -39.98 41.90 27.55
C PHE D 201 -40.33 40.48 27.09
N SER D 202 -39.32 39.62 26.96
CA SER D 202 -39.52 38.24 26.47
C SER D 202 -40.53 37.42 27.28
N SER D 203 -40.50 37.59 28.60
CA SER D 203 -41.40 36.85 29.51
C SER D 203 -42.89 37.03 29.19
N VAL D 204 -43.23 38.17 28.59
CA VAL D 204 -44.60 38.40 28.09
C VAL D 204 -44.67 38.09 26.60
N MET D 205 -43.73 38.67 25.85
CA MET D 205 -43.74 38.58 24.39
C MET D 205 -43.67 37.16 23.78
N LYS D 206 -42.89 36.24 24.36
CA LYS D 206 -42.89 34.81 23.92
C LYS D 206 -44.29 34.15 23.89
N HIS D 207 -45.21 34.66 24.70
CA HIS D 207 -46.58 34.16 24.76
C HIS D 207 -47.57 34.95 23.88
N LEU D 208 -47.08 35.99 23.20
CA LEU D 208 -47.95 36.87 22.39
C LEU D 208 -47.69 36.66 20.90
N PRO D 209 -48.72 36.92 20.07
CA PRO D 209 -48.50 36.81 18.64
C PRO D 209 -47.70 38.00 18.11
N GLY D 210 -47.03 37.77 16.98
CA GLY D 210 -46.29 38.82 16.30
C GLY D 210 -45.08 38.26 15.56
N PRO D 211 -44.22 39.19 15.08
CA PRO D 211 -42.98 38.88 14.36
C PRO D 211 -42.09 37.92 15.13
N GLN D 212 -42.12 38.01 16.46
CA GLN D 212 -41.30 37.15 17.29
C GLN D 212 -41.62 35.67 17.10
N GLN D 213 -42.90 35.33 16.89
CA GLN D 213 -43.33 33.94 16.63
C GLN D 213 -42.72 33.35 15.34
N GLN D 214 -42.67 34.18 14.28
CA GLN D 214 -41.99 33.84 13.02
C GLN D 214 -40.48 33.62 13.20
N ALA D 215 -39.86 34.45 14.05
CA ALA D 215 -38.45 34.29 14.39
C ALA D 215 -38.22 32.96 15.09
N PHE D 216 -39.05 32.66 16.09
CA PHE D 216 -39.06 31.33 16.71
C PHE D 216 -39.23 30.20 15.69
N GLN D 217 -40.13 30.38 14.73
CA GLN D 217 -40.34 29.35 13.70
C GLN D 217 -39.08 29.13 12.85
N LEU D 218 -38.37 30.19 12.53
CA LEU D 218 -37.11 30.06 11.80
C LEU D 218 -36.04 29.30 12.58
N LEU D 219 -36.01 29.51 13.90
CA LEU D 219 -35.07 28.80 14.79
C LEU D 219 -35.42 27.32 14.95
N GLN D 220 -36.71 26.99 14.90
CA GLN D 220 -37.11 25.59 14.97
C GLN D 220 -36.90 24.85 13.63
N GLY D 221 -36.89 25.58 12.52
CA GLY D 221 -36.48 25.03 11.23
C GLY D 221 -35.01 24.66 11.21
N LEU D 222 -34.17 25.55 11.77
CA LEU D 222 -32.74 25.29 11.87
C LEU D 222 -32.49 24.14 12.83
N GLU D 223 -33.25 24.09 13.92
CA GLU D 223 -33.16 23.00 14.88
C GLU D 223 -33.56 21.65 14.25
N ASP D 224 -34.75 21.56 13.66
CA ASP D 224 -35.22 20.29 13.10
C ASP D 224 -34.24 19.73 12.03
N PHE D 225 -33.55 20.61 11.32
CA PHE D 225 -32.53 20.21 10.34
C PHE D 225 -31.34 19.49 11.00
N ILE D 226 -30.76 20.13 12.01
CA ILE D 226 -29.74 19.52 12.87
C ILE D 226 -30.24 18.19 13.46
N ALA D 227 -31.41 18.20 14.06
CA ALA D 227 -32.01 17.00 14.63
C ALA D 227 -32.14 15.85 13.62
N LYS D 228 -32.35 16.20 12.35
CA LYS D 228 -32.44 15.22 11.26
C LYS D 228 -31.06 14.60 11.01
N LYS D 229 -30.03 15.45 10.98
CA LYS D 229 -28.65 15.05 10.73
C LYS D 229 -28.04 14.31 11.93
N VAL D 230 -28.55 14.59 13.12
CA VAL D 230 -28.12 13.86 14.30
C VAL D 230 -28.69 12.45 14.24
N GLU D 231 -30.00 12.36 14.03
CA GLU D 231 -30.71 11.09 13.84
C GLU D 231 -30.01 10.17 12.83
N HIS D 232 -29.73 10.70 11.63
CA HIS D 232 -29.06 9.94 10.58
C HIS D 232 -27.70 9.43 11.03
N ASN D 233 -26.91 10.28 11.69
CA ASN D 233 -25.63 9.88 12.23
C ASN D 233 -25.74 8.79 13.30
N GLN D 234 -26.77 8.85 14.15
CA GLN D 234 -26.93 7.84 15.22
C GLN D 234 -27.43 6.48 14.75
N ARG D 235 -28.22 6.46 13.66
CA ARG D 235 -28.70 5.22 13.06
C ARG D 235 -27.68 4.59 12.10
N THR D 236 -26.51 5.21 12.01
CA THR D 236 -25.48 4.80 11.05
C THR D 236 -24.07 4.93 11.67
N LEU D 237 -24.04 5.03 13.00
CA LEU D 237 -22.83 5.32 13.79
C LEU D 237 -21.76 4.22 13.81
N ASP D 238 -20.51 4.67 13.76
CA ASP D 238 -19.32 3.83 13.79
C ASP D 238 -18.47 4.15 15.03
N PRO D 239 -18.76 3.51 16.17
CA PRO D 239 -18.16 3.82 17.47
C PRO D 239 -16.63 4.02 17.51
N ASN D 240 -15.87 3.27 16.74
CA ASN D 240 -14.41 3.42 16.75
C ASN D 240 -13.81 4.37 15.71
N SER D 241 -14.61 4.74 14.71
CA SER D 241 -14.17 5.70 13.69
C SER D 241 -15.20 6.83 13.43
N PRO D 242 -15.05 7.99 14.11
CA PRO D 242 -16.02 9.10 13.96
C PRO D 242 -15.88 9.88 12.65
N ARG D 243 -17.00 10.23 12.02
CA ARG D 243 -16.99 11.01 10.77
C ARG D 243 -16.87 12.53 10.95
N ASP D 244 -17.30 13.04 12.11
CA ASP D 244 -17.54 14.49 12.31
C ASP D 244 -17.76 14.84 13.79
N PHE D 245 -18.05 16.13 14.07
CA PHE D 245 -18.32 16.60 15.44
C PHE D 245 -19.45 15.81 16.11
N ILE D 246 -20.52 15.60 15.35
CA ILE D 246 -21.69 14.84 15.79
C ILE D 246 -21.33 13.43 16.30
N ASP D 247 -20.59 12.67 15.50
CA ASP D 247 -20.19 11.31 15.85
C ASP D 247 -19.37 11.31 17.14
N SER D 248 -18.37 12.20 17.20
CA SER D 248 -17.52 12.32 18.40
C SER D 248 -18.39 12.52 19.62
N PHE D 249 -19.37 13.43 19.49
CA PHE D 249 -20.28 13.72 20.58
C PHE D 249 -21.14 12.52 20.92
N LEU D 250 -21.70 11.87 19.90
CA LEU D 250 -22.52 10.67 20.07
C LEU D 250 -21.79 9.52 20.74
N ILE D 251 -20.48 9.41 20.51
CA ILE D 251 -19.67 8.34 21.11
C ILE D 251 -19.51 8.60 22.62
N ARG D 252 -19.24 9.85 22.98
CA ARG D 252 -19.22 10.25 24.39
C ARG D 252 -20.60 10.06 25.04
N MET D 253 -21.66 10.17 24.24
CA MET D 253 -23.05 9.96 24.68
C MET D 253 -23.33 8.53 25.13
N GLN D 254 -22.88 7.54 24.36
CA GLN D 254 -23.01 6.12 24.77
C GLN D 254 -22.18 5.90 26.01
N GLU D 255 -20.96 6.39 25.97
CA GLU D 255 -20.01 6.16 27.05
C GLU D 255 -20.59 6.58 28.40
N GLU D 256 -21.37 7.67 28.40
CA GLU D 256 -21.85 8.24 29.65
C GLU D 256 -23.35 8.08 29.90
N GLU D 257 -23.98 7.16 29.16
CA GLU D 257 -25.44 6.95 29.13
C GLU D 257 -26.11 6.77 30.51
N LYS D 258 -25.41 6.11 31.44
CA LYS D 258 -25.96 5.81 32.77
C LYS D 258 -25.36 6.66 33.91
N ASN D 259 -24.51 7.63 33.55
CA ASN D 259 -24.10 8.70 34.48
C ASN D 259 -25.30 9.64 34.69
N PRO D 260 -25.64 9.93 35.97
CA PRO D 260 -26.73 10.90 36.21
C PRO D 260 -26.32 12.35 35.98
N ASN D 261 -25.05 12.66 36.19
CA ASN D 261 -24.55 14.03 36.15
C ASN D 261 -23.87 14.37 34.83
N THR D 262 -24.12 13.59 33.79
CA THR D 262 -23.47 13.85 32.49
C THR D 262 -24.08 15.03 31.76
N GLU D 263 -23.23 15.79 31.09
CA GLU D 263 -23.69 16.88 30.23
C GLU D 263 -23.87 16.41 28.79
N PHE D 264 -23.32 15.24 28.48
CA PHE D 264 -23.42 14.71 27.13
C PHE D 264 -24.66 13.87 26.92
N TYR D 265 -25.72 14.52 26.47
CA TYR D 265 -26.97 13.85 26.12
C TYR D 265 -27.56 14.63 24.94
N LEU D 266 -28.59 14.07 24.31
CA LEU D 266 -29.11 14.55 23.03
C LEU D 266 -29.28 16.09 22.92
N LYS D 267 -29.95 16.68 23.91
CA LYS D 267 -30.32 18.10 23.89
C LYS D 267 -29.10 19.02 23.79
N ASN D 268 -28.07 18.73 24.59
CA ASN D 268 -26.80 19.44 24.50
C ASN D 268 -26.11 19.24 23.17
N LEU D 269 -26.35 18.10 22.52
CA LEU D 269 -25.73 17.81 21.23
C LEU D 269 -26.39 18.61 20.12
N VAL D 270 -27.71 18.49 20.02
CA VAL D 270 -28.50 19.27 19.08
C VAL D 270 -28.22 20.78 19.18
N MET D 271 -28.12 21.30 20.40
CA MET D 271 -27.99 22.77 20.58
C MET D 271 -26.56 23.27 20.37
N THR D 272 -25.58 22.51 20.84
CA THR D 272 -24.18 22.76 20.54
C THR D 272 -23.90 22.75 19.02
N THR D 273 -24.51 21.82 18.32
CA THR D 273 -24.31 21.68 16.88
C THR D 273 -24.94 22.86 16.16
N LEU D 274 -26.12 23.26 16.66
CA LEU D 274 -26.82 24.43 16.16
C LEU D 274 -25.95 25.68 16.34
N ASN D 275 -25.39 25.87 17.55
CA ASN D 275 -24.44 26.96 17.84
C ASN D 275 -23.26 27.07 16.84
N LEU D 276 -22.63 25.93 16.53
CA LEU D 276 -21.44 25.93 15.67
C LEU D 276 -21.82 26.23 14.23
N PHE D 277 -22.96 25.70 13.81
CA PHE D 277 -23.45 25.88 12.46
C PHE D 277 -23.80 27.35 12.22
N ILE D 278 -24.52 27.95 13.17
CA ILE D 278 -24.86 29.37 13.07
C ILE D 278 -23.61 30.25 13.21
N GLY D 279 -22.87 30.00 14.29
CA GLY D 279 -21.64 30.72 14.59
C GLY D 279 -20.66 30.70 13.43
N GLY D 280 -20.49 29.50 12.86
CA GLY D 280 -19.61 29.29 11.70
C GLY D 280 -20.13 29.80 10.37
N THR D 281 -21.44 29.99 10.24
CA THR D 281 -22.00 30.52 8.99
C THR D 281 -22.03 32.05 8.91
N GLU D 282 -22.66 32.70 9.88
CA GLU D 282 -23.15 34.08 9.70
C GLU D 282 -22.09 35.18 9.73
N THR D 283 -21.25 35.17 10.74
CA THR D 283 -20.38 36.31 10.99
C THR D 283 -19.28 36.50 9.94
N VAL D 284 -18.62 35.40 9.58
CA VAL D 284 -17.52 35.46 8.60
C VAL D 284 -18.08 35.86 7.25
N SER D 285 -19.18 35.23 6.86
CA SER D 285 -19.88 35.52 5.62
C SER D 285 -20.35 36.99 5.55
N THR D 286 -20.94 37.46 6.64
CA THR D 286 -21.29 38.88 6.83
C THR D 286 -20.05 39.79 6.81
N THR D 287 -18.99 39.38 7.46
CA THR D 287 -17.75 40.16 7.47
C THR D 287 -17.14 40.28 6.05
N LEU D 288 -17.18 39.20 5.27
CA LEU D 288 -16.73 39.26 3.90
C LEU D 288 -17.53 40.28 3.09
N ARG D 289 -18.86 40.18 3.19
CA ARG D 289 -19.83 40.99 2.44
C ARG D 289 -19.57 42.48 2.64
N TYR D 290 -19.32 42.86 3.89
CA TYR D 290 -19.04 44.25 4.24
C TYR D 290 -17.70 44.69 3.68
N GLY D 291 -16.73 43.78 3.70
CA GLY D 291 -15.37 44.06 3.25
C GLY D 291 -15.28 44.36 1.77
N PHE D 292 -16.00 43.59 0.97
CA PHE D 292 -16.06 43.86 -0.47
C PHE D 292 -16.64 45.24 -0.77
N LEU D 293 -17.67 45.63 -0.01
CA LEU D 293 -18.26 46.97 -0.08
C LEU D 293 -17.28 48.09 0.31
N LEU D 294 -16.63 47.96 1.47
CA LEU D 294 -15.65 48.95 1.90
C LEU D 294 -14.55 49.18 0.87
N LEU D 295 -14.17 48.13 0.15
CA LEU D 295 -13.08 48.19 -0.81
C LEU D 295 -13.45 48.98 -2.07
N MET D 296 -14.65 48.72 -2.60
CA MET D 296 -15.16 49.44 -3.77
C MET D 296 -15.25 50.94 -3.49
N LYS D 297 -15.67 51.27 -2.28
CA LYS D 297 -15.67 52.65 -1.77
C LYS D 297 -14.24 53.24 -1.69
N HIS D 298 -13.24 52.37 -1.65
CA HIS D 298 -11.85 52.78 -1.44
C HIS D 298 -10.90 52.09 -2.41
N PRO D 299 -10.90 52.51 -3.69
CA PRO D 299 -10.17 51.76 -4.72
C PRO D 299 -8.63 51.82 -4.59
N GLU D 300 -8.10 52.86 -3.95
CA GLU D 300 -6.66 52.93 -3.67
C GLU D 300 -6.27 51.76 -2.76
N VAL D 301 -7.17 51.42 -1.85
CA VAL D 301 -7.02 50.29 -0.91
C VAL D 301 -7.05 48.93 -1.63
N GLU D 302 -7.91 48.80 -2.65
CA GLU D 302 -7.95 47.59 -3.45
C GLU D 302 -6.71 47.41 -4.32
N ALA D 303 -6.15 48.52 -4.82
CA ALA D 303 -4.95 48.45 -5.69
C ALA D 303 -3.72 48.05 -4.89
N LYS D 304 -3.59 48.62 -3.69
CA LYS D 304 -2.49 48.29 -2.77
C LYS D 304 -2.51 46.81 -2.32
N VAL D 305 -3.72 46.26 -2.22
CA VAL D 305 -3.95 44.83 -1.96
C VAL D 305 -3.48 43.98 -3.16
N HIS D 306 -3.82 44.42 -4.36
CA HIS D 306 -3.46 43.69 -5.58
C HIS D 306 -1.95 43.65 -5.79
N GLU D 307 -1.31 44.80 -5.71
CA GLU D 307 0.14 44.89 -5.75
C GLU D 307 0.79 43.90 -4.76
N GLU D 308 0.28 43.87 -3.52
CA GLU D 308 0.82 42.97 -2.49
C GLU D 308 0.58 41.48 -2.78
N ILE D 309 -0.59 41.15 -3.32
CA ILE D 309 -0.92 39.78 -3.66
C ILE D 309 0.05 39.20 -4.68
N ASP D 310 0.20 39.90 -5.81
CA ASP D 310 0.92 39.36 -6.97
C ASP D 310 2.44 39.27 -6.75
N ARG D 311 2.99 40.21 -6.00
CA ARG D 311 4.39 40.19 -5.59
C ARG D 311 4.69 39.04 -4.60
N VAL D 312 3.82 38.84 -3.61
CA VAL D 312 4.07 37.82 -2.59
C VAL D 312 3.60 36.42 -2.99
N ILE D 313 2.46 36.34 -3.65
CA ILE D 313 1.82 35.07 -3.99
C ILE D 313 2.00 34.65 -5.47
N GLY D 314 1.79 35.59 -6.39
CA GLY D 314 1.83 35.27 -7.81
C GLY D 314 0.54 34.60 -8.28
N LYS D 315 0.62 33.90 -9.41
CA LYS D 315 -0.56 33.34 -10.09
C LYS D 315 -0.57 31.82 -10.08
N ASN D 316 0.61 31.24 -9.86
CA ASN D 316 0.78 29.79 -9.99
C ASN D 316 0.30 28.96 -8.81
N ARG D 317 -0.19 29.64 -7.76
CA ARG D 317 -0.78 28.97 -6.60
C ARG D 317 -1.86 29.80 -5.90
N GLN D 318 -2.77 29.11 -5.22
CA GLN D 318 -3.72 29.78 -4.33
C GLN D 318 -3.02 30.32 -3.07
N PRO D 319 -3.63 31.29 -2.38
CA PRO D 319 -3.04 31.71 -1.12
C PRO D 319 -3.03 30.59 -0.09
N LYS D 320 -2.06 30.63 0.83
CA LYS D 320 -1.99 29.73 1.98
C LYS D 320 -1.88 30.58 3.26
N PHE D 321 -2.23 29.99 4.41
CA PHE D 321 -2.31 30.73 5.67
C PHE D 321 -0.97 31.33 6.12
N GLU D 322 0.16 30.69 5.77
CA GLU D 322 1.47 31.24 6.16
C GLU D 322 1.85 32.53 5.45
N ASP D 323 1.37 32.71 4.21
CA ASP D 323 1.57 33.94 3.42
C ASP D 323 1.35 35.22 4.21
N ARG D 324 0.50 35.13 5.24
CA ARG D 324 0.05 36.24 6.06
C ARG D 324 1.17 37.05 6.72
N ALA D 325 2.23 36.37 7.15
CA ALA D 325 3.42 37.03 7.71
C ALA D 325 4.13 37.93 6.70
N LYS D 326 4.10 37.54 5.43
CA LYS D 326 4.72 38.34 4.36
C LYS D 326 3.76 39.35 3.76
N MET D 327 2.54 39.42 4.29
CA MET D 327 1.48 40.26 3.70
C MET D 327 0.89 41.25 4.72
N PRO D 328 1.70 42.23 5.18
CA PRO D 328 1.21 43.07 6.27
C PRO D 328 0.08 44.03 5.88
N TYR D 329 -0.03 44.38 4.60
CA TYR D 329 -1.10 45.30 4.17
C TYR D 329 -2.45 44.60 4.09
N MET D 330 -2.50 43.38 3.57
CA MET D 330 -3.74 42.61 3.55
C MET D 330 -4.22 42.32 4.97
N GLU D 331 -3.27 42.02 5.85
CA GLU D 331 -3.52 41.79 7.27
C GLU D 331 -4.11 43.04 7.94
N ALA D 332 -3.61 44.21 7.56
CA ALA D 332 -4.11 45.49 8.07
C ALA D 332 -5.54 45.77 7.59
N VAL D 333 -5.80 45.41 6.33
CA VAL D 333 -7.10 45.60 5.69
C VAL D 333 -8.20 44.72 6.30
N ILE D 334 -7.91 43.44 6.52
CA ILE D 334 -8.88 42.52 7.13
C ILE D 334 -9.16 42.93 8.58
N HIS D 335 -8.11 43.33 9.29
CA HIS D 335 -8.26 43.88 10.63
C HIS D 335 -9.19 45.09 10.65
N GLU D 336 -9.01 46.00 9.68
CA GLU D 336 -9.77 47.24 9.63
C GLU D 336 -11.20 47.01 9.17
N ILE D 337 -11.37 45.99 8.32
CA ILE D 337 -12.69 45.52 7.95
C ILE D 337 -13.48 45.06 9.17
N GLN D 338 -12.81 44.35 10.07
CA GLN D 338 -13.47 43.82 11.25
C GLN D 338 -13.73 44.93 12.24
N ARG D 339 -12.79 45.88 12.31
CA ARG D 339 -12.91 47.03 13.22
C ARG D 339 -14.07 47.96 12.82
N PHE D 340 -14.14 48.31 11.54
CA PHE D 340 -15.16 49.22 11.02
C PHE D 340 -16.55 48.55 11.01
N GLY D 341 -16.60 47.32 10.51
CA GLY D 341 -17.85 46.55 10.42
C GLY D 341 -18.55 46.27 11.74
N ASP D 342 -17.77 46.07 12.79
CA ASP D 342 -18.30 45.97 14.16
C ASP D 342 -19.46 44.97 14.21
N VAL D 343 -19.24 43.84 13.57
CA VAL D 343 -20.28 42.86 13.28
C VAL D 343 -21.15 42.50 14.49
N ILE D 344 -20.54 42.24 15.64
CA ILE D 344 -21.29 41.96 16.88
C ILE D 344 -21.09 43.12 17.87
N PRO D 345 -21.87 44.20 17.72
CA PRO D 345 -21.54 45.44 18.44
C PRO D 345 -21.52 45.33 19.97
N MET D 346 -22.37 44.49 20.54
CA MET D 346 -22.47 44.33 21.98
C MET D 346 -22.08 42.92 22.46
N SER D 347 -21.29 42.20 21.67
CA SER D 347 -20.87 40.84 22.02
C SER D 347 -22.11 39.93 22.30
N LEU D 348 -21.90 38.91 23.12
CA LEU D 348 -22.98 38.20 23.77
C LEU D 348 -22.89 38.61 25.23
N ALA D 349 -24.02 38.71 25.92
CA ALA D 349 -24.00 39.15 27.32
C ALA D 349 -23.19 38.22 28.21
N ARG D 350 -22.35 38.81 29.06
CA ARG D 350 -21.73 38.07 30.12
C ARG D 350 -22.61 38.22 31.37
N ARG D 351 -22.25 37.55 32.45
CA ARG D 351 -22.82 37.81 33.77
C ARG D 351 -21.82 37.50 34.88
N VAL D 352 -21.99 38.14 36.04
CA VAL D 352 -21.02 37.93 37.12
C VAL D 352 -21.30 36.62 37.85
N LYS D 353 -20.23 35.85 38.05
CA LYS D 353 -20.32 34.52 38.63
C LYS D 353 -20.56 34.59 40.15
N LYS D 354 -20.17 35.70 40.77
CA LYS D 354 -20.27 35.91 42.22
C LYS D 354 -20.46 37.40 42.52
N ASP D 355 -20.78 37.72 43.78
CA ASP D 355 -20.67 39.11 44.26
C ASP D 355 -19.30 39.66 43.84
N THR D 356 -19.27 40.88 43.30
CA THR D 356 -18.04 41.42 42.69
C THR D 356 -17.84 42.93 42.90
N LYS D 357 -16.65 43.30 43.39
CA LYS D 357 -16.16 44.68 43.35
C LYS D 357 -15.56 44.98 41.97
N PHE D 358 -15.86 46.16 41.43
CA PHE D 358 -15.30 46.56 40.13
C PHE D 358 -15.13 48.08 40.07
N ARG D 359 -13.89 48.56 40.07
CA ARG D 359 -13.56 50.00 40.22
C ARG D 359 -14.45 50.66 41.29
N ASP D 360 -14.46 50.09 42.49
CA ASP D 360 -15.35 50.57 43.58
C ASP D 360 -16.84 50.79 43.19
N PHE D 361 -17.35 49.89 42.34
CA PHE D 361 -18.79 49.64 42.20
C PHE D 361 -19.04 48.21 42.69
N PHE D 362 -20.29 47.90 43.06
CA PHE D 362 -20.63 46.55 43.51
C PHE D 362 -21.58 45.87 42.53
N LEU D 363 -21.30 44.62 42.19
CA LEU D 363 -22.17 43.84 41.29
C LEU D 363 -22.67 42.56 41.96
N PRO D 364 -23.96 42.52 42.37
CA PRO D 364 -24.52 41.32 42.99
C PRO D 364 -24.39 40.09 42.08
N LYS D 365 -24.32 38.90 42.67
CA LYS D 365 -24.28 37.64 41.90
C LYS D 365 -25.34 37.59 40.82
N GLY D 366 -24.92 37.36 39.58
CA GLY D 366 -25.84 37.06 38.48
C GLY D 366 -26.21 38.26 37.62
N THR D 367 -25.57 39.39 37.90
CA THR D 367 -25.77 40.65 37.16
C THR D 367 -25.27 40.52 35.72
N GLU D 368 -26.11 40.88 34.75
CA GLU D 368 -25.72 40.81 33.35
C GLU D 368 -24.77 41.95 32.98
N VAL D 369 -23.86 41.67 32.03
CA VAL D 369 -22.85 42.61 31.61
C VAL D 369 -22.87 42.75 30.08
N TYR D 370 -23.03 43.99 29.61
CA TYR D 370 -23.02 44.30 28.19
C TYR D 370 -21.69 44.95 27.78
N PRO D 371 -20.72 44.14 27.30
CA PRO D 371 -19.46 44.70 26.83
C PRO D 371 -19.64 45.29 25.46
N MET D 372 -19.49 46.60 25.35
CA MET D 372 -19.77 47.27 24.09
C MET D 372 -18.53 47.27 23.18
N LEU D 373 -18.35 46.15 22.49
CA LEU D 373 -17.19 45.90 21.62
C LEU D 373 -16.97 47.01 20.60
N GLY D 374 -18.07 47.49 20.03
CA GLY D 374 -18.05 48.63 19.11
C GLY D 374 -17.37 49.87 19.66
N SER D 375 -17.54 50.14 20.95
CA SER D 375 -16.95 51.32 21.56
C SER D 375 -15.49 51.09 21.94
N VAL D 376 -15.04 49.83 21.82
CA VAL D 376 -13.61 49.51 21.94
C VAL D 376 -12.98 49.60 20.54
N LEU D 377 -13.66 49.01 19.55
CA LEU D 377 -13.23 49.06 18.17
C LEU D 377 -13.12 50.49 17.63
N ARG D 378 -13.79 51.44 18.30
CA ARG D 378 -13.78 52.84 17.89
C ARG D 378 -13.31 53.77 19.01
N ASP D 379 -12.56 53.24 19.97
CA ASP D 379 -12.09 54.05 21.11
C ASP D 379 -11.10 55.10 20.63
N PRO D 380 -11.39 56.39 20.88
CA PRO D 380 -10.54 57.51 20.38
C PRO D 380 -9.09 57.49 20.93
N SER D 381 -8.88 56.82 22.06
CA SER D 381 -7.54 56.67 22.64
C SER D 381 -6.70 55.59 21.96
N PHE D 382 -7.25 54.91 20.96
CA PHE D 382 -6.59 53.77 20.34
C PHE D 382 -6.51 53.81 18.82
N PHE D 383 -7.45 54.52 18.21
CA PHE D 383 -7.45 54.77 16.77
C PHE D 383 -7.64 56.26 16.51
N SER D 384 -6.89 56.80 15.55
CA SER D 384 -6.82 58.24 15.31
C SER D 384 -8.16 58.79 14.82
N ASN D 385 -8.66 58.22 13.72
CA ASN D 385 -9.94 58.64 13.15
C ASN D 385 -10.93 57.48 13.13
N PRO D 386 -11.46 57.13 14.32
CA PRO D 386 -12.22 55.89 14.56
C PRO D 386 -13.36 55.65 13.59
N GLN D 387 -14.06 56.72 13.22
CA GLN D 387 -15.21 56.65 12.32
C GLN D 387 -14.83 56.35 10.86
N ASP D 388 -13.58 56.58 10.51
CA ASP D 388 -13.13 56.41 9.12
C ASP D 388 -12.65 55.00 8.85
N PHE D 389 -12.91 54.55 7.62
CA PHE D 389 -12.25 53.35 7.15
C PHE D 389 -10.84 53.75 6.73
N ASN D 390 -9.85 53.26 7.47
CA ASN D 390 -8.45 53.54 7.19
C ASN D 390 -7.52 52.42 7.67
N PRO D 391 -6.98 51.62 6.73
CA PRO D 391 -6.03 50.55 7.03
C PRO D 391 -4.78 51.02 7.80
N GLN D 392 -4.47 52.31 7.68
CA GLN D 392 -3.35 52.92 8.39
C GLN D 392 -3.54 52.89 9.91
N HIS D 393 -4.71 52.45 10.34
CA HIS D 393 -5.02 52.20 11.75
C HIS D 393 -4.25 51.00 12.31
N PHE D 394 -3.83 50.09 11.43
CA PHE D 394 -3.08 48.89 11.81
C PHE D 394 -1.73 48.77 11.06
N LEU D 395 -1.08 49.92 10.87
CA LEU D 395 0.15 50.00 10.09
C LEU D 395 1.09 51.05 10.66
N ASN D 396 2.40 50.75 10.60
CA ASN D 396 3.47 51.70 10.92
C ASN D 396 3.69 52.74 9.84
N GLU D 397 4.61 53.67 10.11
CA GLU D 397 5.14 54.55 9.07
C GLU D 397 5.75 53.68 7.97
N LYS D 398 6.60 52.73 8.38
CA LYS D 398 7.36 51.87 7.45
C LYS D 398 6.52 50.75 6.81
N GLY D 399 5.19 50.85 6.91
CA GLY D 399 4.25 49.90 6.29
C GLY D 399 4.10 48.53 6.95
N GLN D 400 4.58 48.41 8.20
CA GLN D 400 4.53 47.15 8.96
C GLN D 400 3.23 47.01 9.76
N PHE D 401 2.82 45.76 10.01
CA PHE D 401 1.69 45.49 10.87
C PHE D 401 1.84 46.00 12.31
N LYS D 402 0.85 46.76 12.77
CA LYS D 402 0.82 47.33 14.13
C LYS D 402 -0.39 46.82 14.89
N LYS D 403 -0.16 46.25 16.07
CA LYS D 403 -1.24 45.65 16.87
C LYS D 403 -1.94 46.67 17.74
N SER D 404 -3.22 46.41 17.99
CA SER D 404 -3.99 47.20 18.95
C SER D 404 -4.61 46.32 20.02
N ASP D 405 -4.52 46.79 21.26
CA ASP D 405 -5.23 46.17 22.36
C ASP D 405 -6.73 46.41 22.23
N ALA D 406 -7.10 47.35 21.35
CA ALA D 406 -8.50 47.62 21.09
C ALA D 406 -9.12 46.73 20.00
N PHE D 407 -8.31 45.91 19.34
CA PHE D 407 -8.84 44.94 18.35
C PHE D 407 -9.49 43.76 19.08
N VAL D 408 -10.80 43.87 19.30
CA VAL D 408 -11.51 42.87 20.11
C VAL D 408 -12.79 42.30 19.47
N PRO D 409 -12.81 42.07 18.14
CA PRO D 409 -14.08 41.68 17.49
C PRO D 409 -14.56 40.30 17.89
N PHE D 410 -13.64 39.47 18.37
CA PHE D 410 -13.97 38.15 18.90
C PHE D 410 -14.20 38.22 20.41
N SER D 411 -14.19 39.44 20.95
CA SER D 411 -14.21 39.68 22.40
C SER D 411 -12.96 39.09 23.08
N ILE D 412 -12.97 39.08 24.42
CA ILE D 412 -11.80 38.72 25.25
C ILE D 412 -12.25 38.08 26.59
N GLY D 413 -11.36 37.30 27.20
CA GLY D 413 -11.64 36.66 28.48
C GLY D 413 -12.05 35.21 28.35
N LYS D 414 -12.64 34.66 29.40
CA LYS D 414 -12.79 33.22 29.53
C LYS D 414 -13.88 32.61 28.66
N ARG D 415 -14.83 33.42 28.23
CA ARG D 415 -15.86 32.96 27.31
C ARG D 415 -15.78 33.64 25.93
N ASN D 416 -14.56 34.02 25.51
CA ASN D 416 -14.29 34.56 24.17
C ASN D 416 -14.66 33.58 23.05
N CYS D 417 -14.75 34.08 21.83
CA CYS D 417 -14.95 33.21 20.66
C CYS D 417 -13.87 32.13 20.49
N PHE D 418 -14.26 30.86 20.56
CA PHE D 418 -13.32 29.76 20.24
C PHE D 418 -13.35 29.35 18.76
N GLY D 419 -14.34 29.87 18.02
CA GLY D 419 -14.33 29.85 16.56
C GLY D 419 -13.33 30.82 15.93
N GLU D 420 -12.56 31.54 16.76
CA GLU D 420 -11.66 32.58 16.27
C GLU D 420 -10.53 32.10 15.35
N GLY D 421 -9.91 30.98 15.72
CA GLY D 421 -8.83 30.40 14.94
C GLY D 421 -9.32 30.13 13.53
N LEU D 422 -10.42 29.40 13.44
CA LEU D 422 -11.05 29.11 12.16
C LEU D 422 -11.44 30.35 11.38
N ALA D 423 -11.93 31.37 12.08
CA ALA D 423 -12.48 32.56 11.42
C ALA D 423 -11.39 33.46 10.81
N ARG D 424 -10.24 33.56 11.49
CA ARG D 424 -9.07 34.25 10.95
C ARG D 424 -8.60 33.57 9.67
N MET D 425 -8.52 32.24 9.71
CA MET D 425 -8.12 31.44 8.57
C MET D 425 -9.08 31.57 7.37
N GLU D 426 -10.39 31.51 7.63
CA GLU D 426 -11.37 31.66 6.54
C GLU D 426 -11.30 33.05 5.97
N LEU D 427 -11.33 34.07 6.83
CA LEU D 427 -11.26 35.45 6.35
C LEU D 427 -10.00 35.74 5.52
N PHE D 428 -8.83 35.27 5.95
CA PHE D 428 -7.61 35.54 5.19
C PHE D 428 -7.63 34.79 3.85
N LEU D 429 -7.94 33.51 3.89
CA LEU D 429 -7.99 32.72 2.67
C LEU D 429 -9.13 33.06 1.69
N PHE D 430 -10.25 33.60 2.19
CA PHE D 430 -11.35 34.02 1.30
C PHE D 430 -11.18 35.43 0.71
N PHE D 431 -10.75 36.39 1.55
CA PHE D 431 -10.44 37.74 1.06
C PHE D 431 -9.33 37.71 0.02
N THR D 432 -8.23 37.02 0.33
CA THR D 432 -7.05 36.98 -0.55
C THR D 432 -7.33 36.26 -1.86
N THR D 433 -7.94 35.07 -1.78
CA THR D 433 -8.19 34.24 -2.97
C THR D 433 -9.07 34.91 -4.03
N VAL D 434 -10.20 35.47 -3.61
CA VAL D 434 -11.09 36.26 -4.46
C VAL D 434 -10.34 37.48 -5.03
N MET D 435 -9.69 38.24 -4.17
CA MET D 435 -8.95 39.45 -4.57
C MET D 435 -7.79 39.15 -5.52
N GLN D 436 -7.27 37.94 -5.45
CA GLN D 436 -6.31 37.46 -6.41
C GLN D 436 -6.95 37.31 -7.80
N ASN D 437 -8.12 36.68 -7.83
CA ASN D 437 -8.76 36.27 -9.09
C ASN D 437 -9.66 37.31 -9.77
N PHE D 438 -9.98 38.39 -9.06
CA PHE D 438 -10.97 39.37 -9.53
C PHE D 438 -10.63 40.80 -9.11
N ARG D 439 -11.04 41.75 -9.94
CA ARG D 439 -11.23 43.13 -9.50
C ARG D 439 -12.73 43.34 -9.35
N LEU D 440 -13.14 44.40 -8.66
CA LEU D 440 -14.55 44.58 -8.30
C LEU D 440 -15.10 45.91 -8.79
N LYS D 441 -16.15 45.86 -9.61
CA LYS D 441 -16.80 47.10 -10.06
C LYS D 441 -18.12 47.36 -9.34
N SER D 442 -18.24 48.58 -8.81
CA SER D 442 -19.41 49.01 -8.06
C SER D 442 -20.56 49.47 -8.95
N SER D 443 -21.78 49.11 -8.54
CA SER D 443 -23.00 49.42 -9.29
C SER D 443 -23.18 50.93 -9.43
N GLN D 444 -22.94 51.64 -8.34
CA GLN D 444 -22.87 53.10 -8.35
C GLN D 444 -21.39 53.49 -8.50
N SER D 445 -20.89 54.40 -7.67
CA SER D 445 -19.47 54.78 -7.70
C SER D 445 -19.00 55.25 -6.31
N PRO D 446 -17.70 55.08 -6.00
CA PRO D 446 -17.09 55.51 -4.74
C PRO D 446 -17.89 56.53 -3.91
N LYS D 447 -18.16 57.71 -4.47
CA LYS D 447 -18.87 58.79 -3.77
C LYS D 447 -20.24 58.35 -3.20
N ASP D 448 -21.06 57.71 -4.04
CA ASP D 448 -22.46 57.42 -3.69
C ASP D 448 -22.64 56.25 -2.71
N ILE D 449 -21.64 55.36 -2.63
CA ILE D 449 -21.70 54.16 -1.79
C ILE D 449 -21.77 54.48 -0.30
N ASP D 450 -22.89 54.09 0.32
CA ASP D 450 -23.09 54.21 1.76
C ASP D 450 -22.54 52.95 2.45
N VAL D 451 -21.62 53.14 3.39
CA VAL D 451 -21.06 52.03 4.18
C VAL D 451 -21.48 52.11 5.64
N SER D 452 -22.42 52.99 5.95
CA SER D 452 -23.05 53.00 7.26
C SER D 452 -23.97 51.79 7.35
N PRO D 453 -24.14 51.24 8.57
CA PRO D 453 -24.98 50.05 8.75
C PRO D 453 -26.47 50.33 8.52
N LYS D 454 -27.12 49.39 7.83
CA LYS D 454 -28.57 49.36 7.67
C LYS D 454 -29.25 49.20 9.04
N HIS D 455 -29.18 47.99 9.60
CA HIS D 455 -29.74 47.71 10.94
C HIS D 455 -28.65 47.39 11.93
N VAL D 456 -28.86 47.83 13.17
CA VAL D 456 -27.97 47.51 14.28
C VAL D 456 -28.82 47.01 15.44
N GLY D 457 -28.22 46.24 16.33
CA GLY D 457 -28.93 45.64 17.46
C GLY D 457 -28.02 44.57 17.97
N PHE D 458 -28.41 43.30 17.76
CA PHE D 458 -27.51 42.20 18.10
C PHE D 458 -26.38 42.08 17.08
N ALA D 459 -26.68 42.38 15.83
CA ALA D 459 -25.69 42.29 14.77
C ALA D 459 -25.72 43.51 13.89
N THR D 460 -24.54 43.89 13.40
CA THR D 460 -24.44 44.95 12.41
C THR D 460 -24.62 44.31 11.03
N ILE D 461 -25.63 44.78 10.29
CA ILE D 461 -25.96 44.24 8.97
C ILE D 461 -25.63 45.27 7.88
N PRO D 462 -24.75 44.91 6.92
CA PRO D 462 -24.47 45.81 5.80
C PRO D 462 -25.66 45.99 4.87
N ARG D 463 -25.72 47.16 4.22
CA ARG D 463 -26.82 47.47 3.30
C ARG D 463 -26.80 46.53 2.11
N ASN D 464 -27.99 46.24 1.60
CA ASN D 464 -28.12 45.47 0.38
C ASN D 464 -27.43 46.22 -0.76
N TYR D 465 -26.76 45.47 -1.63
CA TYR D 465 -26.04 46.05 -2.75
C TYR D 465 -25.72 44.97 -3.78
N THR D 466 -25.41 45.41 -4.99
CA THR D 466 -24.95 44.51 -6.03
C THR D 466 -23.57 44.96 -6.52
N MET D 467 -22.82 43.99 -7.07
CA MET D 467 -21.46 44.22 -7.48
C MET D 467 -21.04 43.19 -8.52
N SER D 468 -19.98 43.50 -9.25
CA SER D 468 -19.51 42.64 -10.32
C SER D 468 -18.06 42.21 -10.13
N PHE D 469 -17.81 40.93 -10.40
CA PHE D 469 -16.47 40.37 -10.29
C PHE D 469 -15.85 40.15 -11.68
N LEU D 470 -15.00 41.10 -12.07
CA LEU D 470 -14.34 41.11 -13.37
C LEU D 470 -12.93 40.52 -13.27
N PRO D 471 -12.52 39.73 -14.30
CA PRO D 471 -11.14 39.23 -14.42
C PRO D 471 -10.07 40.32 -14.39
N ARG D 472 -8.88 39.95 -13.92
CA ARG D 472 -7.72 40.85 -13.96
C ARG D 472 -7.19 40.91 -15.39
N HIS D 473 -7.34 39.79 -16.10
CA HIS D 473 -6.78 39.55 -17.47
C HIS D 473 -5.25 39.62 -17.53
CHA HEM E . 9.73 7.26 -34.23
CHB HEM E . 5.42 8.30 -32.14
CHC HEM E . 7.59 8.30 -27.81
CHD HEM E . 11.89 8.47 -30.01
C1A HEM E . 8.38 7.52 -34.04
C2A HEM E . 7.35 7.53 -35.09
C3A HEM E . 6.18 7.81 -34.50
C4A HEM E . 6.39 7.99 -33.09
CMA HEM E . 4.79 7.92 -35.18
CAA HEM E . 7.62 7.23 -36.58
CBA HEM E . 7.81 5.71 -36.74
CGA HEM E . 7.71 5.27 -38.17
O1A HEM E . 7.09 4.23 -38.45
O2A HEM E . 8.25 5.97 -39.06
C1B HEM E . 5.59 8.37 -30.77
C2B HEM E . 4.58 8.58 -29.74
C3B HEM E . 5.20 8.57 -28.54
C4B HEM E . 6.61 8.37 -28.78
CMB HEM E . 3.07 8.76 -30.02
CAB HEM E . 4.63 8.73 -27.11
CBB HEM E . 3.40 9.15 -26.81
C1C HEM E . 8.96 8.36 -28.01
C2C HEM E . 9.98 8.40 -26.98
C3C HEM E . 11.18 8.44 -27.60
C4C HEM E . 10.93 8.43 -29.03
CMC HEM E . 9.69 8.38 -25.46
CAC HEM E . 12.60 8.52 -27.00
CBC HEM E . 12.91 7.97 -25.82
C1D HEM E . 11.75 8.08 -31.32
C2D HEM E . 12.84 7.84 -32.23
C3D HEM E . 12.19 7.47 -33.56
C4D HEM E . 10.76 7.53 -33.32
CMD HEM E . 14.34 7.97 -31.88
CAD HEM E . 12.92 7.11 -34.87
CBD HEM E . 12.71 5.65 -35.29
CGD HEM E . 13.59 5.37 -36.50
O1D HEM E . 14.33 4.36 -36.46
O2D HEM E . 13.55 6.14 -37.50
NA HEM E . 7.74 7.80 -32.86
NB HEM E . 6.81 8.26 -30.13
NC HEM E . 9.57 8.37 -29.23
ND HEM E . 10.56 7.88 -32.00
FE HEM E . 8.67 8.12 -31.08
N1 9PL F . 8.52 12.28 -31.27
C2 9PL F . 8.31 11.09 -30.69
N3 9PL F . 8.69 10.11 -31.52
C4 9PL F . 9.15 10.68 -32.65
C5 9PL F . 9.03 12.04 -32.49
C6 9PL F . 8.22 13.58 -30.63
C7 9PL F . 9.46 13.05 -33.55
C8 9PL F . 10.84 13.59 -33.19
C9 9PL F . 11.89 12.49 -32.93
O10 9PL F . 13.12 13.12 -33.27
C11 9PL F . 12.86 14.45 -33.77
C12 9PL F . 11.44 14.63 -34.13
C13 9PL F . 11.37 14.20 -35.59
C14 9PL F . 10.48 15.12 -36.37
O15 9PL F . 13.71 15.32 -33.87
CHA HEM G . -5.10 -10.50 21.64
CHB HEM G . -4.11 -8.37 25.89
CHC HEM G . -8.06 -10.25 27.86
CHD HEM G . -8.49 -13.15 24.01
C1A HEM G . -4.51 -9.70 22.59
C2A HEM G . -3.41 -8.77 22.38
C3A HEM G . -3.16 -8.19 23.57
C4A HEM G . -4.09 -8.73 24.55
CMA HEM G . -2.08 -7.12 23.88
CAA HEM G . -2.67 -8.49 21.04
CBA HEM G . -3.58 -7.82 20.02
CGA HEM G . -2.81 -7.17 18.88
O1A HEM G . -2.97 -5.94 18.68
O2A HEM G . -2.04 -7.84 18.14
C1B HEM G . -5.11 -8.63 26.79
C2B HEM G . -5.28 -8.06 28.13
C3B HEM G . -6.39 -8.59 28.66
C4B HEM G . -6.92 -9.52 27.69
CMB HEM G . -4.36 -6.99 28.77
CAB HEM G . -7.06 -8.34 30.05
CBB HEM G . -6.67 -7.45 30.97
C1C HEM G . -8.53 -11.19 27.00
C2C HEM G . -9.70 -11.99 27.22
C3C HEM G . -9.84 -12.81 26.16
C4C HEM G . -8.74 -12.55 25.23
CMC HEM G . -10.61 -11.88 28.47
CAC HEM G . -10.96 -13.85 25.95
CBC HEM G . -12.21 -13.48 25.65
C1D HEM G . -7.66 -12.71 22.98
C2D HEM G . -7.58 -13.25 21.63
C3D HEM G . -6.52 -12.41 20.92
C4D HEM G . -6.07 -11.45 21.88
CMD HEM G . -8.37 -14.44 21.02
CAD HEM G . -6.01 -12.54 19.46
CBD HEM G . -6.97 -11.82 18.52
CGD HEM G . -6.46 -11.83 17.10
O1D HEM G . -7.19 -11.34 16.20
O2D HEM G . -5.34 -12.30 16.82
NA HEM G . -4.90 -9.63 23.91
NB HEM G . -6.13 -9.51 26.57
NC HEM G . -7.96 -11.54 25.78
ND HEM G . -6.76 -11.64 23.07
FE HEM G . -6.48 -10.52 24.79
N1 9PL H . -3.81 -13.46 26.73
C2 9PL H . -4.78 -12.55 26.77
N3 9PL H . -5.00 -12.07 25.54
C4 9PL H . -4.14 -12.67 24.70
C5 9PL H . -3.39 -13.56 25.46
C6 9PL H . -3.31 -14.22 27.91
C7 9PL H . -2.33 -14.48 24.91
C8 9PL H . -3.00 -15.83 24.68
C9 9PL H . -4.33 -15.77 23.94
O10 9PL H . -4.47 -17.07 23.38
C11 9PL H . -3.32 -17.88 23.70
C12 9PL H . -2.19 -17.06 24.27
C13 9PL H . -1.18 -16.88 23.15
C14 9PL H . 0.09 -16.22 23.60
O15 9PL H . -3.31 -19.09 23.52
CHA HEM I . 11.41 -37.08 -10.34
CHB HEM I . 15.48 -39.37 -11.66
CHC HEM I . 15.10 -37.32 -16.05
CHD HEM I . 11.77 -34.25 -14.31
C1A HEM I . 12.50 -37.92 -10.30
C2A HEM I . 12.87 -38.81 -9.22
C3A HEM I . 14.01 -39.44 -9.59
C4A HEM I . 14.39 -38.98 -10.91
CMA HEM I . 14.79 -40.50 -8.77
CAA HEM I . 12.09 -38.98 -7.89
CBA HEM I . 11.03 -40.07 -8.05
CGA HEM I . 10.26 -40.46 -6.79
O1A HEM I . 9.83 -41.64 -6.70
O2A HEM I . 10.04 -39.63 -5.87
C1B HEM I . 15.74 -39.08 -12.99
C2B HEM I . 16.78 -39.64 -13.86
C3B HEM I . 16.65 -39.06 -15.07
C4B HEM I . 15.56 -38.12 -15.01
CMB HEM I . 17.81 -40.72 -13.47
CAB HEM I . 17.51 -39.30 -16.35
CBB HEM I . 18.49 -40.20 -16.46
C1C HEM I . 14.16 -36.31 -15.97
C2C HEM I . 13.72 -35.46 -17.06
C3C HEM I . 12.79 -34.60 -16.58
C4C HEM I . 12.62 -34.89 -15.18
CMC HEM I . 14.27 -35.57 -18.51
CAC HEM I . 12.03 -33.47 -17.33
CBC HEM I . 11.36 -33.68 -18.46
C1D HEM I . 11.29 -34.74 -13.11
C2D HEM I . 10.16 -34.20 -12.34
C3D HEM I . 10.05 -35.10 -11.09
C4D HEM I . 11.12 -36.07 -11.22
CMD HEM I . 9.26 -32.98 -12.70
CAD HEM I . 9.02 -34.94 -9.94
CBD HEM I . 7.96 -36.04 -9.88
CGD HEM I . 6.88 -35.64 -8.87
O1D HEM I . 5.66 -35.76 -9.19
O2D HEM I . 7.24 -35.18 -7.76
NA HEM I . 13.44 -38.06 -11.30
NB HEM I . 15.04 -38.17 -13.73
NC HEM I . 13.45 -35.92 -14.85
ND HEM I . 11.81 -35.83 -12.41
FE HEM I . 13.40 -37.07 -13.08
N1 9PL J . 16.48 -34.19 -12.05
C2 9PL J . 15.95 -35.16 -12.80
N3 9PL J . 14.88 -35.67 -12.16
C4 9PL J . 14.73 -35.02 -11.00
C5 9PL J . 15.73 -34.07 -10.93
C6 9PL J . 17.67 -33.40 -12.45
C7 9PL J . 15.93 -33.09 -9.79
C8 9PL J . 15.36 -31.73 -10.22
C9 9PL J . 13.94 -31.83 -10.77
O10 9PL J . 13.36 -30.55 -10.48
C11 9PL J . 14.30 -29.73 -9.77
C12 9PL J . 15.45 -30.54 -9.26
C13 9PL J . 15.13 -30.81 -7.79
C14 9PL J . 16.25 -31.53 -7.10
O15 9PL J . 14.14 -28.55 -9.62
CHA HEM K . -18.72 33.60 20.87
CHB HEM K . -17.61 36.86 17.48
CHC HEM K . -16.78 33.30 14.32
CHD HEM K . -18.73 30.19 17.43
C1A HEM K . -18.46 34.78 20.24
C2A HEM K . -18.47 36.09 20.86
C3A HEM K . -18.16 36.98 19.91
C4A HEM K . -17.94 36.27 18.67
CMA HEM K . -18.04 38.51 20.05
CAA HEM K . -18.78 36.42 22.35
CBA HEM K . -17.51 36.29 23.18
CGA HEM K . -17.75 36.51 24.65
O1A HEM K . -16.93 37.22 25.28
O2A HEM K . -18.72 35.96 25.21
C1B HEM K . -17.30 36.20 16.32
C2B HEM K . -16.94 36.81 15.07
C3B HEM K . -16.71 35.83 14.18
C4B HEM K . -16.92 34.56 14.86
CMB HEM K . -16.85 38.35 14.82
CAB HEM K . -16.28 35.97 12.69
CBB HEM K . -15.60 37.04 12.23
C1C HEM K . -17.20 32.13 14.88
C2C HEM K . -17.08 30.79 14.33
C3C HEM K . -17.63 29.94 15.22
C4C HEM K . -18.10 30.72 16.34
CMC HEM K . -16.43 30.45 12.96
CAC HEM K . -17.81 28.40 15.20
CBC HEM K . -17.21 27.62 14.31
C1D HEM K . -18.88 30.77 18.66
C2D HEM K . -19.31 30.08 19.85
C3D HEM K . -19.31 31.15 20.93
C4D HEM K . -18.88 32.37 20.28
CMD HEM K . -19.68 28.59 19.99
CAD HEM K . -19.68 30.97 22.41
CBD HEM K . -18.39 30.82 23.23
CGD HEM K . -18.70 30.45 24.67
O1D HEM K . -17.80 29.90 25.34
O2D HEM K . -19.84 30.69 25.15
NA HEM K . -18.14 34.92 18.91
NB HEM K . -17.27 34.84 16.17
NC HEM K . -17.81 32.04 16.11
ND HEM K . -18.65 32.10 18.95
FE HEM K . -17.89 33.52 17.56
N1 9PL L . -21.97 33.87 15.60
C2 9PL L . -20.64 33.87 15.46
N3 9PL L . -20.06 33.87 16.65
C4 9PL L . -21.02 33.89 17.59
C5 9PL L . -22.23 33.89 16.93
C6 9PL L . -22.93 33.86 14.48
C7 9PL L . -23.58 33.90 17.64
C8 9PL L . -24.21 32.52 17.53
C9 9PL L . -23.36 31.39 18.13
O10 9PL L . -24.31 30.39 18.48
C11 9PL L . -25.65 30.89 18.30
C12 9PL L . -25.67 32.34 18.00
C13 9PL L . -26.03 33.04 19.30
C14 9PL L . -26.62 34.41 19.04
O15 9PL L . -26.63 30.18 18.37
#